data_1HCE
# 
_entry.id   1HCE 
# 
_audit_conform.dict_name       mmcif_pdbx.dic 
_audit_conform.dict_version    5.391 
_audit_conform.dict_location   http://mmcif.pdb.org/dictionaries/ascii/mmcif_pdbx.dic 
# 
loop_
_database_2.database_id 
_database_2.database_code 
_database_2.pdbx_database_accession 
_database_2.pdbx_DOI 
PDB   1HCE         pdb_00001hce 10.2210/pdb1hce/pdb 
WWPDB D_1000173775 ?            ?                   
# 
loop_
_pdbx_audit_revision_history.ordinal 
_pdbx_audit_revision_history.data_content_type 
_pdbx_audit_revision_history.major_revision 
_pdbx_audit_revision_history.minor_revision 
_pdbx_audit_revision_history.revision_date 
1 'Structure model' 1 0 1994-09-30 
2 'Structure model' 1 1 2008-03-24 
3 'Structure model' 1 2 2011-07-13 
4 'Structure model' 1 3 2017-11-29 
5 'Structure model' 1 4 2024-05-01 
# 
_pdbx_audit_revision_details.ordinal             1 
_pdbx_audit_revision_details.revision_ordinal    1 
_pdbx_audit_revision_details.data_content_type   'Structure model' 
_pdbx_audit_revision_details.provider            repository 
_pdbx_audit_revision_details.type                'Initial release' 
_pdbx_audit_revision_details.description         ? 
_pdbx_audit_revision_details.details             ? 
# 
loop_
_pdbx_audit_revision_group.ordinal 
_pdbx_audit_revision_group.revision_ordinal 
_pdbx_audit_revision_group.data_content_type 
_pdbx_audit_revision_group.group 
1 2 'Structure model' 'Version format compliance' 
2 3 'Structure model' 'Version format compliance' 
3 4 'Structure model' 'Derived calculations'      
4 4 'Structure model' Other                       
5 5 'Structure model' 'Data collection'           
6 5 'Structure model' 'Database references'       
# 
loop_
_pdbx_audit_revision_category.ordinal 
_pdbx_audit_revision_category.revision_ordinal 
_pdbx_audit_revision_category.data_content_type 
_pdbx_audit_revision_category.category 
1 4 'Structure model' pdbx_database_status  
2 4 'Structure model' pdbx_struct_assembly  
3 4 'Structure model' pdbx_struct_oper_list 
4 4 'Structure model' struct_conf           
5 4 'Structure model' struct_conf_type      
6 5 'Structure model' chem_comp_atom        
7 5 'Structure model' chem_comp_bond        
8 5 'Structure model' database_2            
# 
loop_
_pdbx_audit_revision_item.ordinal 
_pdbx_audit_revision_item.revision_ordinal 
_pdbx_audit_revision_item.data_content_type 
_pdbx_audit_revision_item.item 
1 4 'Structure model' '_pdbx_database_status.process_site'  
2 5 'Structure model' '_database_2.pdbx_DOI'                
3 5 'Structure model' '_database_2.pdbx_database_accession' 
# 
_pdbx_database_status.status_code                     REL 
_pdbx_database_status.entry_id                        1HCE 
_pdbx_database_status.recvd_initial_deposition_date   1994-07-12 
_pdbx_database_status.deposit_site                    ? 
_pdbx_database_status.process_site                    BNL 
_pdbx_database_status.SG_entry                        . 
_pdbx_database_status.pdb_format_compatible           Y 
_pdbx_database_status.status_code_mr                  ? 
_pdbx_database_status.status_code_sf                  ? 
_pdbx_database_status.status_code_cs                  ? 
_pdbx_database_status.methods_development_category    ? 
_pdbx_database_status.status_code_nmr_data            ? 
# 
_pdbx_database_related.db_name        PDB 
_pdbx_database_related.db_id          1HCD 
_pdbx_database_related.details        . 
_pdbx_database_related.content_type   ensemble 
# 
loop_
_audit_author.name 
_audit_author.pdbx_ordinal 
'Habazettl, J.'  1 
'Gondol, D.'     2 
'Wiltscheck, R.' 3 
'Otlewski, J.'   4 
'Schleicher, M.' 5 
'Holak, T.A.'    6 
# 
loop_
_citation.id 
_citation.title 
_citation.journal_abbrev 
_citation.journal_volume 
_citation.page_first 
_citation.page_last 
_citation.year 
_citation.journal_id_ASTM 
_citation.country 
_citation.journal_id_ISSN 
_citation.journal_id_CSD 
_citation.book_publisher 
_citation.pdbx_database_id_PubMed 
_citation.pdbx_database_id_DOI 
primary 'Structure of hisactophilin is similar to interleukin-1 beta and fibroblast growth factor.' Nature      359 855 858 1992 
NATUAS UK 0028-0836 0006 ? 1436061 10.1038/359855a0 
1       
'Homonuclear Three-Dimensional Noe-Noe Nuclear Magnetic Resonance(Slash)Spectra for Structure Determination of Proteins in Solution' 
J.Mol.Biol. 228 156 ?   1992 JMOBAK UK 0022-2836 0070 ? ?       ?                
# 
loop_
_citation_author.citation_id 
_citation_author.name 
_citation_author.ordinal 
_citation_author.identifier_ORCID 
primary 'Habazettl, J.'  1  ? 
primary 'Gondol, D.'     2  ? 
primary 'Wiltscheck, R.' 3  ? 
primary 'Otlewski, J.'   4  ? 
primary 'Schleicher, M.' 5  ? 
primary 'Holak, T.A.'    6  ? 
1       'Habazettl, J.'  7  ? 
1       'Schleicher, M.' 8  ? 
1       'Otlewski, J.'   9  ? 
1       'Holak, T.A.'    10 ? 
# 
_entity.id                         1 
_entity.type                       polymer 
_entity.src_method                 man 
_entity.pdbx_description           HISACTOPHILIN 
_entity.formula_weight             13496.910 
_entity.pdbx_number_of_molecules   1 
_entity.pdbx_ec                    ? 
_entity.pdbx_mutation              ? 
_entity.pdbx_fragment              ? 
_entity.details                    ? 
# 
_entity_poly.entity_id                      1 
_entity_poly.type                           'polypeptide(L)' 
_entity_poly.nstd_linkage                   no 
_entity_poly.nstd_monomer                   no 
_entity_poly.pdbx_seq_one_letter_code       
;MGNRAFKSHHGHFLSAEGEAVKTHHGHHDHHTHFHVENHGGKVALKTHCGKYLSIGDHKQVYLSHHLHGDHSLFHLEHHG
GKVSIKGHHHHYISADHHGHVSTKEHHDHDTTFEEIII
;
_entity_poly.pdbx_seq_one_letter_code_can   
;MGNRAFKSHHGHFLSAEGEAVKTHHGHHDHHTHFHVENHGGKVALKTHCGKYLSIGDHKQVYLSHHLHGDHSLFHLEHHG
GKVSIKGHHHHYISADHHGHVSTKEHHDHDTTFEEIII
;
_entity_poly.pdbx_strand_id                 A 
_entity_poly.pdbx_target_identifier         ? 
# 
loop_
_entity_poly_seq.entity_id 
_entity_poly_seq.num 
_entity_poly_seq.mon_id 
_entity_poly_seq.hetero 
1 1   MET n 
1 2   GLY n 
1 3   ASN n 
1 4   ARG n 
1 5   ALA n 
1 6   PHE n 
1 7   LYS n 
1 8   SER n 
1 9   HIS n 
1 10  HIS n 
1 11  GLY n 
1 12  HIS n 
1 13  PHE n 
1 14  LEU n 
1 15  SER n 
1 16  ALA n 
1 17  GLU n 
1 18  GLY n 
1 19  GLU n 
1 20  ALA n 
1 21  VAL n 
1 22  LYS n 
1 23  THR n 
1 24  HIS n 
1 25  HIS n 
1 26  GLY n 
1 27  HIS n 
1 28  HIS n 
1 29  ASP n 
1 30  HIS n 
1 31  HIS n 
1 32  THR n 
1 33  HIS n 
1 34  PHE n 
1 35  HIS n 
1 36  VAL n 
1 37  GLU n 
1 38  ASN n 
1 39  HIS n 
1 40  GLY n 
1 41  GLY n 
1 42  LYS n 
1 43  VAL n 
1 44  ALA n 
1 45  LEU n 
1 46  LYS n 
1 47  THR n 
1 48  HIS n 
1 49  CYS n 
1 50  GLY n 
1 51  LYS n 
1 52  TYR n 
1 53  LEU n 
1 54  SER n 
1 55  ILE n 
1 56  GLY n 
1 57  ASP n 
1 58  HIS n 
1 59  LYS n 
1 60  GLN n 
1 61  VAL n 
1 62  TYR n 
1 63  LEU n 
1 64  SER n 
1 65  HIS n 
1 66  HIS n 
1 67  LEU n 
1 68  HIS n 
1 69  GLY n 
1 70  ASP n 
1 71  HIS n 
1 72  SER n 
1 73  LEU n 
1 74  PHE n 
1 75  HIS n 
1 76  LEU n 
1 77  GLU n 
1 78  HIS n 
1 79  HIS n 
1 80  GLY n 
1 81  GLY n 
1 82  LYS n 
1 83  VAL n 
1 84  SER n 
1 85  ILE n 
1 86  LYS n 
1 87  GLY n 
1 88  HIS n 
1 89  HIS n 
1 90  HIS n 
1 91  HIS n 
1 92  TYR n 
1 93  ILE n 
1 94  SER n 
1 95  ALA n 
1 96  ASP n 
1 97  HIS n 
1 98  HIS n 
1 99  GLY n 
1 100 HIS n 
1 101 VAL n 
1 102 SER n 
1 103 THR n 
1 104 LYS n 
1 105 GLU n 
1 106 HIS n 
1 107 HIS n 
1 108 ASP n 
1 109 HIS n 
1 110 ASP n 
1 111 THR n 
1 112 THR n 
1 113 PHE n 
1 114 GLU n 
1 115 GLU n 
1 116 ILE n 
1 117 ILE n 
1 118 ILE n 
# 
_entity_src_gen.entity_id                          1 
_entity_src_gen.pdbx_src_id                        1 
_entity_src_gen.pdbx_alt_source_flag               sample 
_entity_src_gen.pdbx_seq_type                      ? 
_entity_src_gen.pdbx_beg_seq_num                   ? 
_entity_src_gen.pdbx_end_seq_num                   ? 
_entity_src_gen.gene_src_common_name               ? 
_entity_src_gen.gene_src_genus                     Dictyostelium 
_entity_src_gen.pdbx_gene_src_gene                 ? 
_entity_src_gen.gene_src_species                   ? 
_entity_src_gen.gene_src_strain                    ? 
_entity_src_gen.gene_src_tissue                    ? 
_entity_src_gen.gene_src_tissue_fraction           ? 
_entity_src_gen.gene_src_details                   ? 
_entity_src_gen.pdbx_gene_src_fragment             ? 
_entity_src_gen.pdbx_gene_src_scientific_name      'Dictyostelium discoideum' 
_entity_src_gen.pdbx_gene_src_ncbi_taxonomy_id     44689 
_entity_src_gen.pdbx_gene_src_variant              ? 
_entity_src_gen.pdbx_gene_src_cell_line            ? 
_entity_src_gen.pdbx_gene_src_atcc                 ? 
_entity_src_gen.pdbx_gene_src_organ                ? 
_entity_src_gen.pdbx_gene_src_organelle            ? 
_entity_src_gen.pdbx_gene_src_cell                 ? 
_entity_src_gen.pdbx_gene_src_cellular_location    ? 
_entity_src_gen.host_org_common_name               ? 
_entity_src_gen.pdbx_host_org_scientific_name      ? 
_entity_src_gen.pdbx_host_org_ncbi_taxonomy_id     ? 
_entity_src_gen.host_org_genus                     ? 
_entity_src_gen.pdbx_host_org_gene                 ? 
_entity_src_gen.pdbx_host_org_organ                ? 
_entity_src_gen.host_org_species                   ? 
_entity_src_gen.pdbx_host_org_tissue               ? 
_entity_src_gen.pdbx_host_org_tissue_fraction      ? 
_entity_src_gen.pdbx_host_org_strain               ? 
_entity_src_gen.pdbx_host_org_variant              ? 
_entity_src_gen.pdbx_host_org_cell_line            ? 
_entity_src_gen.pdbx_host_org_atcc                 ? 
_entity_src_gen.pdbx_host_org_culture_collection   ? 
_entity_src_gen.pdbx_host_org_cell                 ? 
_entity_src_gen.pdbx_host_org_organelle            ? 
_entity_src_gen.pdbx_host_org_cellular_location    ? 
_entity_src_gen.pdbx_host_org_vector_type          ? 
_entity_src_gen.pdbx_host_org_vector               ? 
_entity_src_gen.host_org_details                   ? 
_entity_src_gen.expression_system_id               ? 
_entity_src_gen.plasmid_name                       ? 
_entity_src_gen.plasmid_details                    ? 
_entity_src_gen.pdbx_description                   ? 
# 
loop_
_chem_comp.id 
_chem_comp.type 
_chem_comp.mon_nstd_flag 
_chem_comp.name 
_chem_comp.pdbx_synonyms 
_chem_comp.formula 
_chem_comp.formula_weight 
ALA 'L-peptide linking' y ALANINE         ? 'C3 H7 N O2'     89.093  
ARG 'L-peptide linking' y ARGININE        ? 'C6 H15 N4 O2 1' 175.209 
ASN 'L-peptide linking' y ASPARAGINE      ? 'C4 H8 N2 O3'    132.118 
ASP 'L-peptide linking' y 'ASPARTIC ACID' ? 'C4 H7 N O4'     133.103 
CYS 'L-peptide linking' y CYSTEINE        ? 'C3 H7 N O2 S'   121.158 
GLN 'L-peptide linking' y GLUTAMINE       ? 'C5 H10 N2 O3'   146.144 
GLU 'L-peptide linking' y 'GLUTAMIC ACID' ? 'C5 H9 N O4'     147.129 
GLY 'peptide linking'   y GLYCINE         ? 'C2 H5 N O2'     75.067  
HIS 'L-peptide linking' y HISTIDINE       ? 'C6 H10 N3 O2 1' 156.162 
ILE 'L-peptide linking' y ISOLEUCINE      ? 'C6 H13 N O2'    131.173 
LEU 'L-peptide linking' y LEUCINE         ? 'C6 H13 N O2'    131.173 
LYS 'L-peptide linking' y LYSINE          ? 'C6 H15 N2 O2 1' 147.195 
MET 'L-peptide linking' y METHIONINE      ? 'C5 H11 N O2 S'  149.211 
PHE 'L-peptide linking' y PHENYLALANINE   ? 'C9 H11 N O2'    165.189 
SER 'L-peptide linking' y SERINE          ? 'C3 H7 N O3'     105.093 
THR 'L-peptide linking' y THREONINE       ? 'C4 H9 N O3'     119.119 
TYR 'L-peptide linking' y TYROSINE        ? 'C9 H11 N O3'    181.189 
VAL 'L-peptide linking' y VALINE          ? 'C5 H11 N O2'    117.146 
# 
loop_
_pdbx_poly_seq_scheme.asym_id 
_pdbx_poly_seq_scheme.entity_id 
_pdbx_poly_seq_scheme.seq_id 
_pdbx_poly_seq_scheme.mon_id 
_pdbx_poly_seq_scheme.ndb_seq_num 
_pdbx_poly_seq_scheme.pdb_seq_num 
_pdbx_poly_seq_scheme.auth_seq_num 
_pdbx_poly_seq_scheme.pdb_mon_id 
_pdbx_poly_seq_scheme.auth_mon_id 
_pdbx_poly_seq_scheme.pdb_strand_id 
_pdbx_poly_seq_scheme.pdb_ins_code 
_pdbx_poly_seq_scheme.hetero 
A 1 1   MET 1   1   1   MET MET A . n 
A 1 2   GLY 2   2   2   GLY GLY A . n 
A 1 3   ASN 3   3   3   ASN ASN A . n 
A 1 4   ARG 4   4   4   ARG ARG A . n 
A 1 5   ALA 5   5   5   ALA ALA A . n 
A 1 6   PHE 6   6   6   PHE PHE A . n 
A 1 7   LYS 7   7   7   LYS LYS A . n 
A 1 8   SER 8   8   8   SER SER A . n 
A 1 9   HIS 9   9   9   HIS HIS A . n 
A 1 10  HIS 10  10  10  HIS HIS A . n 
A 1 11  GLY 11  11  11  GLY GLY A . n 
A 1 12  HIS 12  12  12  HIS HIS A . n 
A 1 13  PHE 13  13  13  PHE PHE A . n 
A 1 14  LEU 14  14  14  LEU LEU A . n 
A 1 15  SER 15  15  15  SER SER A . n 
A 1 16  ALA 16  16  16  ALA ALA A . n 
A 1 17  GLU 17  17  17  GLU GLU A . n 
A 1 18  GLY 18  18  18  GLY GLY A . n 
A 1 19  GLU 19  19  19  GLU GLU A . n 
A 1 20  ALA 20  20  20  ALA ALA A . n 
A 1 21  VAL 21  21  21  VAL VAL A . n 
A 1 22  LYS 22  22  22  LYS LYS A . n 
A 1 23  THR 23  23  23  THR THR A . n 
A 1 24  HIS 24  24  24  HIS HIS A . n 
A 1 25  HIS 25  25  25  HIS HIS A . n 
A 1 26  GLY 26  26  26  GLY GLY A . n 
A 1 27  HIS 27  27  27  HIS HIS A . n 
A 1 28  HIS 28  28  28  HIS HIS A . n 
A 1 29  ASP 29  29  29  ASP ASP A . n 
A 1 30  HIS 30  30  30  HIS HIS A . n 
A 1 31  HIS 31  31  31  HIS HIS A . n 
A 1 32  THR 32  32  32  THR THR A . n 
A 1 33  HIS 33  33  33  HIS HIS A . n 
A 1 34  PHE 34  34  34  PHE PHE A . n 
A 1 35  HIS 35  35  35  HIS HIS A . n 
A 1 36  VAL 36  36  36  VAL VAL A . n 
A 1 37  GLU 37  37  37  GLU GLU A . n 
A 1 38  ASN 38  38  38  ASN ASN A . n 
A 1 39  HIS 39  39  39  HIS HIS A . n 
A 1 40  GLY 40  40  40  GLY GLY A . n 
A 1 41  GLY 41  41  41  GLY GLY A . n 
A 1 42  LYS 42  42  42  LYS LYS A . n 
A 1 43  VAL 43  43  43  VAL VAL A . n 
A 1 44  ALA 44  44  44  ALA ALA A . n 
A 1 45  LEU 45  45  45  LEU LEU A . n 
A 1 46  LYS 46  46  46  LYS LYS A . n 
A 1 47  THR 47  47  47  THR THR A . n 
A 1 48  HIS 48  48  48  HIS HIS A . n 
A 1 49  CYS 49  49  49  CYS CYS A . n 
A 1 50  GLY 50  50  50  GLY GLY A . n 
A 1 51  LYS 51  51  51  LYS LYS A . n 
A 1 52  TYR 52  52  52  TYR TYR A . n 
A 1 53  LEU 53  53  53  LEU LEU A . n 
A 1 54  SER 54  54  54  SER SER A . n 
A 1 55  ILE 55  55  55  ILE ILE A . n 
A 1 56  GLY 56  56  56  GLY GLY A . n 
A 1 57  ASP 57  57  57  ASP ASP A . n 
A 1 58  HIS 58  58  58  HIS HIS A . n 
A 1 59  LYS 59  59  59  LYS LYS A . n 
A 1 60  GLN 60  60  60  GLN GLN A . n 
A 1 61  VAL 61  61  61  VAL VAL A . n 
A 1 62  TYR 62  62  62  TYR TYR A . n 
A 1 63  LEU 63  63  63  LEU LEU A . n 
A 1 64  SER 64  64  64  SER SER A . n 
A 1 65  HIS 65  65  65  HIS HIS A . n 
A 1 66  HIS 66  66  66  HIS HIS A . n 
A 1 67  LEU 67  67  67  LEU LEU A . n 
A 1 68  HIS 68  68  68  HIS HIS A . n 
A 1 69  GLY 69  69  69  GLY GLY A . n 
A 1 70  ASP 70  70  70  ASP ASP A . n 
A 1 71  HIS 71  71  71  HIS HIS A . n 
A 1 72  SER 72  72  72  SER SER A . n 
A 1 73  LEU 73  73  73  LEU LEU A . n 
A 1 74  PHE 74  74  74  PHE PHE A . n 
A 1 75  HIS 75  75  75  HIS HIS A . n 
A 1 76  LEU 76  76  76  LEU LEU A . n 
A 1 77  GLU 77  77  77  GLU GLU A . n 
A 1 78  HIS 78  78  78  HIS HIS A . n 
A 1 79  HIS 79  79  79  HIS HIS A . n 
A 1 80  GLY 80  80  80  GLY GLY A . n 
A 1 81  GLY 81  81  81  GLY GLY A . n 
A 1 82  LYS 82  82  82  LYS LYS A . n 
A 1 83  VAL 83  83  83  VAL VAL A . n 
A 1 84  SER 84  84  84  SER SER A . n 
A 1 85  ILE 85  85  85  ILE ILE A . n 
A 1 86  LYS 86  86  86  LYS LYS A . n 
A 1 87  GLY 87  87  87  GLY GLY A . n 
A 1 88  HIS 88  88  88  HIS HIS A . n 
A 1 89  HIS 89  89  89  HIS HIS A . n 
A 1 90  HIS 90  90  90  HIS HIS A . n 
A 1 91  HIS 91  91  91  HIS HIS A . n 
A 1 92  TYR 92  92  92  TYR TYR A . n 
A 1 93  ILE 93  93  93  ILE ILE A . n 
A 1 94  SER 94  94  94  SER SER A . n 
A 1 95  ALA 95  95  95  ALA ALA A . n 
A 1 96  ASP 96  96  96  ASP ASP A . n 
A 1 97  HIS 97  97  97  HIS HIS A . n 
A 1 98  HIS 98  98  98  HIS HIS A . n 
A 1 99  GLY 99  99  99  GLY GLY A . n 
A 1 100 HIS 100 100 100 HIS HIS A . n 
A 1 101 VAL 101 101 101 VAL VAL A . n 
A 1 102 SER 102 102 102 SER SER A . n 
A 1 103 THR 103 103 103 THR THR A . n 
A 1 104 LYS 104 104 104 LYS LYS A . n 
A 1 105 GLU 105 105 105 GLU GLU A . n 
A 1 106 HIS 106 106 106 HIS HIS A . n 
A 1 107 HIS 107 107 107 HIS HIS A . n 
A 1 108 ASP 108 108 108 ASP ASP A . n 
A 1 109 HIS 109 109 109 HIS HIS A . n 
A 1 110 ASP 110 110 110 ASP ASP A . n 
A 1 111 THR 111 111 111 THR THR A . n 
A 1 112 THR 112 112 112 THR THR A . n 
A 1 113 PHE 113 113 113 PHE PHE A . n 
A 1 114 GLU 114 114 114 GLU GLU A . n 
A 1 115 GLU 115 115 115 GLU GLU A . n 
A 1 116 ILE 116 116 116 ILE ILE A . n 
A 1 117 ILE 117 117 117 ILE ILE A . n 
A 1 118 ILE 118 118 118 ILE ILE A . n 
# 
_cell.entry_id           1HCE 
_cell.length_a           1.000 
_cell.length_b           1.000 
_cell.length_c           1.000 
_cell.angle_alpha        90.00 
_cell.angle_beta         90.00 
_cell.angle_gamma        90.00 
_cell.Z_PDB              1 
_cell.pdbx_unique_axis   ? 
# 
_symmetry.entry_id                         1HCE 
_symmetry.space_group_name_H-M             'P 1' 
_symmetry.pdbx_full_space_group_name_H-M   ? 
_symmetry.cell_setting                     ? 
_symmetry.Int_Tables_number                1 
# 
_exptl.entry_id          1HCE 
_exptl.method            'SOLUTION NMR' 
_exptl.crystals_number   ? 
# 
_struct.entry_id                  1HCE 
_struct.title                     'STRUCTURE OF HISACTOPHILIN IS SIMILAR TO INTERLEUKIN-1 BETA AND FIBROBLAST GROWTH FACTOR' 
_struct.pdbx_model_details        ? 
_struct.pdbx_CASP_flag            ? 
_struct.pdbx_model_type_details   ? 
# 
_struct_keywords.entry_id        1HCE 
_struct_keywords.pdbx_keywords   'ACTIN BINDING' 
_struct_keywords.text            'ACTIN BINDING' 
# 
_struct_asym.id                            A 
_struct_asym.pdbx_blank_PDB_chainid_flag   Y 
_struct_asym.pdbx_modified                 N 
_struct_asym.entity_id                     1 
_struct_asym.details                       ? 
# 
_struct_ref.id                         1 
_struct_ref.db_name                    UNP 
_struct_ref.db_code                    HATA_DICDI 
_struct_ref.entity_id                  1 
_struct_ref.pdbx_db_accession          P13231 
_struct_ref.pdbx_align_begin           1 
_struct_ref.pdbx_seq_one_letter_code   
;GNRAFKSHHGHFLSAEGEAVKTHHGHHDHHTHFHVENHGGKVALKTHCGKYLSIGDHKQVYLSHHLHGDHSLFHLEHHGG
KVSIKGHHHHYISADHHGHVSTKEHHDHDTTFEEIII
;
_struct_ref.pdbx_db_isoform            ? 
# 
_struct_ref_seq.align_id                      1 
_struct_ref_seq.ref_id                        1 
_struct_ref_seq.pdbx_PDB_id_code              1HCE 
_struct_ref_seq.pdbx_strand_id                A 
_struct_ref_seq.seq_align_beg                 2 
_struct_ref_seq.pdbx_seq_align_beg_ins_code   ? 
_struct_ref_seq.seq_align_end                 118 
_struct_ref_seq.pdbx_seq_align_end_ins_code   ? 
_struct_ref_seq.pdbx_db_accession             P13231 
_struct_ref_seq.db_align_beg                  1 
_struct_ref_seq.pdbx_db_align_beg_ins_code    ? 
_struct_ref_seq.db_align_end                  117 
_struct_ref_seq.pdbx_db_align_end_ins_code    ? 
_struct_ref_seq.pdbx_auth_seq_align_beg       2 
_struct_ref_seq.pdbx_auth_seq_align_end       118 
# 
_pdbx_struct_assembly.id                   1 
_pdbx_struct_assembly.details              author_defined_assembly 
_pdbx_struct_assembly.method_details       ? 
_pdbx_struct_assembly.oligomeric_details   monomeric 
_pdbx_struct_assembly.oligomeric_count     1 
# 
_pdbx_struct_assembly_gen.assembly_id       1 
_pdbx_struct_assembly_gen.oper_expression   1 
_pdbx_struct_assembly_gen.asym_id_list      A 
# 
_pdbx_struct_oper_list.id                   1 
_pdbx_struct_oper_list.type                 'identity operation' 
_pdbx_struct_oper_list.name                 1_555 
_pdbx_struct_oper_list.symmetry_operation   ? 
_pdbx_struct_oper_list.matrix[1][1]         1.0000000000 
_pdbx_struct_oper_list.matrix[1][2]         0.0000000000 
_pdbx_struct_oper_list.matrix[1][3]         0.0000000000 
_pdbx_struct_oper_list.vector[1]            0.0000000000 
_pdbx_struct_oper_list.matrix[2][1]         0.0000000000 
_pdbx_struct_oper_list.matrix[2][2]         1.0000000000 
_pdbx_struct_oper_list.matrix[2][3]         0.0000000000 
_pdbx_struct_oper_list.vector[2]            0.0000000000 
_pdbx_struct_oper_list.matrix[3][1]         0.0000000000 
_pdbx_struct_oper_list.matrix[3][2]         0.0000000000 
_pdbx_struct_oper_list.matrix[3][3]         1.0000000000 
_pdbx_struct_oper_list.vector[3]            0.0000000000 
# 
_struct_biol.id   1 
# 
_struct_conf.conf_type_id            HELX_P 
_struct_conf.id                      HELX_P1 
_struct_conf.pdbx_PDB_helix_id       1 
_struct_conf.beg_label_comp_id       GLY 
_struct_conf.beg_label_asym_id       A 
_struct_conf.beg_label_seq_id        87 
_struct_conf.pdbx_beg_PDB_ins_code   ? 
_struct_conf.end_label_comp_id       HIS 
_struct_conf.end_label_asym_id       A 
_struct_conf.end_label_seq_id        91 
_struct_conf.pdbx_end_PDB_ins_code   ? 
_struct_conf.beg_auth_comp_id        GLY 
_struct_conf.beg_auth_asym_id        A 
_struct_conf.beg_auth_seq_id         87 
_struct_conf.end_auth_comp_id        HIS 
_struct_conf.end_auth_asym_id        A 
_struct_conf.end_auth_seq_id         91 
_struct_conf.pdbx_PDB_helix_class    5 
_struct_conf.details                 ? 
_struct_conf.pdbx_PDB_helix_length   5 
# 
_struct_conf_type.id          HELX_P 
_struct_conf_type.criteria    ? 
_struct_conf_type.reference   ? 
# 
loop_
_struct_sheet.id 
_struct_sheet.type 
_struct_sheet.number_strands 
_struct_sheet.details 
B1 ? 7 ? 
B2 ? 2 ? 
B3 ? 2 ? 
B4 ? 2 ? 
# 
loop_
_struct_sheet_order.sheet_id 
_struct_sheet_order.range_id_1 
_struct_sheet_order.range_id_2 
_struct_sheet_order.offset 
_struct_sheet_order.sense 
B1 1 2 ? anti-parallel 
B1 2 3 ? anti-parallel 
B1 3 4 ? anti-parallel 
B1 4 5 ? anti-parallel 
B1 5 6 ? anti-parallel 
B1 6 7 ? anti-parallel 
B2 1 2 ? anti-parallel 
B3 1 2 ? anti-parallel 
B4 1 2 ? anti-parallel 
# 
loop_
_struct_sheet_range.sheet_id 
_struct_sheet_range.id 
_struct_sheet_range.beg_label_comp_id 
_struct_sheet_range.beg_label_asym_id 
_struct_sheet_range.beg_label_seq_id 
_struct_sheet_range.pdbx_beg_PDB_ins_code 
_struct_sheet_range.end_label_comp_id 
_struct_sheet_range.end_label_asym_id 
_struct_sheet_range.end_label_seq_id 
_struct_sheet_range.pdbx_end_PDB_ins_code 
_struct_sheet_range.beg_auth_comp_id 
_struct_sheet_range.beg_auth_asym_id 
_struct_sheet_range.beg_auth_seq_id 
_struct_sheet_range.end_auth_comp_id 
_struct_sheet_range.end_auth_asym_id 
_struct_sheet_range.end_auth_seq_id 
B1 1 GLY A 2   ? SER A 8   ? GLY A 2   SER A 8   
B1 2 PHE A 34  ? HIS A 39  ? PHE A 34  HIS A 39  
B1 3 LYS A 42  ? LYS A 46  ? LYS A 42  LYS A 46  
B1 4 PHE A 74  ? HIS A 79  ? PHE A 74  HIS A 79  
B1 5 LYS A 82  ? GLY A 87  ? LYS A 82  GLY A 87  
B1 6 THR A 112 ? ILE A 116 ? THR A 112 ILE A 116 
B1 7 GLY A 2   ? SER A 8   ? GLY A 2   SER A 8   
B2 1 HIS A 12  ? GLU A 17  ? HIS A 12  GLU A 17  
B2 2 ALA A 20  ? HIS A 24  ? ALA A 20  HIS A 24  
B3 1 TYR A 52  ? GLY A 56  ? TYR A 52  GLY A 56  
B3 2 GLN A 60  ? SER A 64  ? GLN A 60  SER A 64  
B4 1 TYR A 92  ? ASP A 96  ? TYR A 92  ASP A 96  
B4 2 HIS A 100 ? LYS A 104 ? HIS A 100 LYS A 104 
# 
loop_
_pdbx_struct_sheet_hbond.sheet_id 
_pdbx_struct_sheet_hbond.range_id_1 
_pdbx_struct_sheet_hbond.range_id_2 
_pdbx_struct_sheet_hbond.range_1_label_atom_id 
_pdbx_struct_sheet_hbond.range_1_label_comp_id 
_pdbx_struct_sheet_hbond.range_1_label_asym_id 
_pdbx_struct_sheet_hbond.range_1_label_seq_id 
_pdbx_struct_sheet_hbond.range_1_PDB_ins_code 
_pdbx_struct_sheet_hbond.range_1_auth_atom_id 
_pdbx_struct_sheet_hbond.range_1_auth_comp_id 
_pdbx_struct_sheet_hbond.range_1_auth_asym_id 
_pdbx_struct_sheet_hbond.range_1_auth_seq_id 
_pdbx_struct_sheet_hbond.range_2_label_atom_id 
_pdbx_struct_sheet_hbond.range_2_label_comp_id 
_pdbx_struct_sheet_hbond.range_2_label_asym_id 
_pdbx_struct_sheet_hbond.range_2_label_seq_id 
_pdbx_struct_sheet_hbond.range_2_PDB_ins_code 
_pdbx_struct_sheet_hbond.range_2_auth_atom_id 
_pdbx_struct_sheet_hbond.range_2_auth_comp_id 
_pdbx_struct_sheet_hbond.range_2_auth_asym_id 
_pdbx_struct_sheet_hbond.range_2_auth_seq_id 
B1 1 2 O ARG A 4   ? O ARG A 4   N PHE A 34  ? N PHE A 34  
B1 2 3 N HIS A 39  ? N HIS A 39  O LYS A 42  ? O LYS A 42  
B1 3 4 N VAL A 43  ? N VAL A 43  O PHE A 74  ? O PHE A 74  
B1 4 5 N HIS A 79  ? N HIS A 79  O LYS A 82  ? O LYS A 82  
B1 5 6 N VAL A 83  ? N VAL A 83  O PHE A 113 ? O PHE A 113 
B1 6 7 N GLU A 114 ? N GLU A 114 O LYS A 7   ? O LYS A 7   
B2 1 2 N GLU A 17  ? N GLU A 17  O ALA A 20  ? O ALA A 20  
B3 1 2 N SER A 54  ? N SER A 54  O TYR A 62  ? O TYR A 62  
B4 1 2 N SER A 94  ? N SER A 94  O SER A 102 ? O SER A 102 
# 
_pdbx_validate_close_contact.id               1 
_pdbx_validate_close_contact.PDB_model_num    1 
_pdbx_validate_close_contact.auth_atom_id_1   O 
_pdbx_validate_close_contact.auth_asym_id_1   A 
_pdbx_validate_close_contact.auth_comp_id_1   HIS 
_pdbx_validate_close_contact.auth_seq_id_1    9 
_pdbx_validate_close_contact.PDB_ins_code_1   ? 
_pdbx_validate_close_contact.label_alt_id_1   ? 
_pdbx_validate_close_contact.auth_atom_id_2   H 
_pdbx_validate_close_contact.auth_asym_id_2   A 
_pdbx_validate_close_contact.auth_comp_id_2   GLY 
_pdbx_validate_close_contact.auth_seq_id_2    11 
_pdbx_validate_close_contact.PDB_ins_code_2   ? 
_pdbx_validate_close_contact.label_alt_id_2   ? 
_pdbx_validate_close_contact.dist             1.56 
# 
loop_
_pdbx_validate_rmsd_bond.id 
_pdbx_validate_rmsd_bond.PDB_model_num 
_pdbx_validate_rmsd_bond.auth_atom_id_1 
_pdbx_validate_rmsd_bond.auth_asym_id_1 
_pdbx_validate_rmsd_bond.auth_comp_id_1 
_pdbx_validate_rmsd_bond.auth_seq_id_1 
_pdbx_validate_rmsd_bond.PDB_ins_code_1 
_pdbx_validate_rmsd_bond.label_alt_id_1 
_pdbx_validate_rmsd_bond.auth_atom_id_2 
_pdbx_validate_rmsd_bond.auth_asym_id_2 
_pdbx_validate_rmsd_bond.auth_comp_id_2 
_pdbx_validate_rmsd_bond.auth_seq_id_2 
_pdbx_validate_rmsd_bond.PDB_ins_code_2 
_pdbx_validate_rmsd_bond.label_alt_id_2 
_pdbx_validate_rmsd_bond.bond_value 
_pdbx_validate_rmsd_bond.bond_target_value 
_pdbx_validate_rmsd_bond.bond_deviation 
_pdbx_validate_rmsd_bond.bond_standard_deviation 
_pdbx_validate_rmsd_bond.linker_flag 
1 1 CB A HIS 27 ? ? CG  A HIS 27 ? ? 1.683 1.496 0.187 0.018 N 
2 1 CG A HIS 27 ? ? CD2 A HIS 27 ? ? 1.523 1.354 0.169 0.009 N 
# 
loop_
_pdbx_validate_rmsd_angle.id 
_pdbx_validate_rmsd_angle.PDB_model_num 
_pdbx_validate_rmsd_angle.auth_atom_id_1 
_pdbx_validate_rmsd_angle.auth_asym_id_1 
_pdbx_validate_rmsd_angle.auth_comp_id_1 
_pdbx_validate_rmsd_angle.auth_seq_id_1 
_pdbx_validate_rmsd_angle.PDB_ins_code_1 
_pdbx_validate_rmsd_angle.label_alt_id_1 
_pdbx_validate_rmsd_angle.auth_atom_id_2 
_pdbx_validate_rmsd_angle.auth_asym_id_2 
_pdbx_validate_rmsd_angle.auth_comp_id_2 
_pdbx_validate_rmsd_angle.auth_seq_id_2 
_pdbx_validate_rmsd_angle.PDB_ins_code_2 
_pdbx_validate_rmsd_angle.label_alt_id_2 
_pdbx_validate_rmsd_angle.auth_atom_id_3 
_pdbx_validate_rmsd_angle.auth_asym_id_3 
_pdbx_validate_rmsd_angle.auth_comp_id_3 
_pdbx_validate_rmsd_angle.auth_seq_id_3 
_pdbx_validate_rmsd_angle.PDB_ins_code_3 
_pdbx_validate_rmsd_angle.label_alt_id_3 
_pdbx_validate_rmsd_angle.angle_value 
_pdbx_validate_rmsd_angle.angle_target_value 
_pdbx_validate_rmsd_angle.angle_deviation 
_pdbx_validate_rmsd_angle.angle_standard_deviation 
_pdbx_validate_rmsd_angle.linker_flag 
1  1 CD1 A LEU 14  ? ? CG  A LEU 14  ? ? CD2 A LEU 14  ? ? 135.53 110.50 25.03  3.00 N 
2  1 CB  A HIS 27  ? ? CG  A HIS 27  ? ? CD2 A HIS 27  ? ? 154.10 131.40 22.70  1.20 N 
3  1 ND1 A HIS 27  ? ? CG  A HIS 27  ? ? CD2 A HIS 27  ? ? 35.53  106.00 -70.47 1.40 N 
4  1 CG  A HIS 27  ? ? ND1 A HIS 27  ? ? CE1 A HIS 27  ? ? 32.66  105.70 -73.04 1.30 N 
5  1 ND1 A HIS 27  ? ? CE1 A HIS 27  ? ? NE2 A HIS 27  ? ? 26.96  108.50 -81.54 1.10 N 
6  1 CE1 A HIS 27  ? ? NE2 A HIS 27  ? ? CD2 A HIS 27  ? ? 41.22  106.60 -65.38 2.50 N 
7  1 CG  A HIS 27  ? ? CD2 A HIS 27  ? ? NE2 A HIS 27  ? ? 43.89  106.70 -62.81 1.20 N 
8  1 CB  A HIS 30  ? ? CA  A HIS 30  ? ? C   A HIS 30  ? ? 92.08  110.40 -18.32 2.00 N 
9  1 N   A HIS 30  ? ? CA  A HIS 30  ? ? CB  A HIS 30  ? ? 95.52  110.60 -15.08 1.80 N 
10 1 CB  A VAL 36  ? ? CA  A VAL 36  ? ? C   A VAL 36  ? ? 98.27  111.40 -13.13 1.90 N 
11 1 CG1 A VAL 36  ? ? CB  A VAL 36  ? ? CG2 A VAL 36  ? ? 91.85  110.90 -19.05 1.60 N 
12 1 CA  A VAL 36  ? ? CB  A VAL 36  ? ? CG2 A VAL 36  ? ? 120.35 110.90 9.45   1.50 N 
13 1 CB  A LEU 45  ? ? CG  A LEU 45  ? ? CD2 A LEU 45  ? ? 97.13  111.00 -13.87 1.70 N 
14 1 N   A LYS 51  ? ? CA  A LYS 51  ? ? CB  A LYS 51  ? ? 99.19  110.60 -11.41 1.80 N 
15 1 CB  A LEU 53  ? ? CG  A LEU 53  ? ? CD1 A LEU 53  ? ? 123.21 111.00 12.21  1.70 N 
16 1 CB  A LEU 76  ? ? CA  A LEU 76  ? ? C   A LEU 76  ? ? 123.57 110.20 13.37  1.90 N 
17 1 N   A LEU 76  ? ? CA  A LEU 76  ? ? CB  A LEU 76  ? ? 96.40  110.40 -14.00 2.00 N 
18 1 CB  A GLU 114 ? ? CA  A GLU 114 ? ? C   A GLU 114 ? ? 97.50  110.40 -12.90 2.00 N 
# 
loop_
_pdbx_validate_torsion.id 
_pdbx_validate_torsion.PDB_model_num 
_pdbx_validate_torsion.auth_comp_id 
_pdbx_validate_torsion.auth_asym_id 
_pdbx_validate_torsion.auth_seq_id 
_pdbx_validate_torsion.PDB_ins_code 
_pdbx_validate_torsion.label_alt_id 
_pdbx_validate_torsion.phi 
_pdbx_validate_torsion.psi 
1  1 ASN A 3   ? ? -140.38 54.93   
2  1 ARG A 4   ? ? -159.92 -95.10  
3  1 SER A 8   ? ? -111.78 67.34   
4  1 HIS A 9   ? ? 61.82   177.87  
5  1 HIS A 10  ? ? 59.14   -36.09  
6  1 GLU A 17  ? ? -172.48 123.95  
7  1 HIS A 25  ? ? -78.56  -100.25 
8  1 HIS A 27  ? ? 75.31   -136.12 
9  1 ASP A 29  ? ? 56.26   -118.36 
10 1 HIS A 30  ? ? 163.44  -145.29 
11 1 HIS A 31  ? ? 45.73   26.51   
12 1 THR A 32  ? ? -163.52 38.01   
13 1 HIS A 48  ? ? -32.82  39.31   
14 1 CYS A 49  ? ? 156.64  8.89    
15 1 LEU A 53  ? ? -39.17  136.43  
16 1 ASP A 57  ? ? -124.40 -158.90 
17 1 TYR A 62  ? ? -148.25 -151.01 
18 1 SER A 64  ? ? -107.82 -167.14 
19 1 LEU A 67  ? ? 174.49  170.28  
20 1 HIS A 71  ? ? 84.50   -51.69  
21 1 SER A 72  ? ? -100.13 -61.06  
22 1 HIS A 79  ? ? -158.19 78.52   
23 1 LYS A 82  ? ? -108.94 -156.70 
24 1 HIS A 88  ? ? -56.32  171.35  
25 1 HIS A 89  ? ? 52.46   19.87   
26 1 HIS A 97  ? ? -24.33  -55.50  
27 1 HIS A 100 ? ? 51.35   -140.13 
28 1 SER A 102 ? ? -160.30 -153.79 
29 1 ASP A 108 ? ? -151.81 -83.04  
30 1 HIS A 109 ? ? -125.78 -51.27  
31 1 ILE A 117 ? ? -115.12 -152.70 
# 
_pdbx_validate_planes.id              1 
_pdbx_validate_planes.PDB_model_num   1 
_pdbx_validate_planes.auth_comp_id    ARG 
_pdbx_validate_planes.auth_asym_id    A 
_pdbx_validate_planes.auth_seq_id     4 
_pdbx_validate_planes.PDB_ins_code    ? 
_pdbx_validate_planes.label_alt_id    ? 
_pdbx_validate_planes.rmsd            0.140 
_pdbx_validate_planes.type            'SIDE CHAIN' 
# 
_pdbx_validate_main_chain_plane.id                       1 
_pdbx_validate_main_chain_plane.PDB_model_num            1 
_pdbx_validate_main_chain_plane.auth_comp_id             HIS 
_pdbx_validate_main_chain_plane.auth_asym_id             A 
_pdbx_validate_main_chain_plane.auth_seq_id              30 
_pdbx_validate_main_chain_plane.PDB_ins_code             ? 
_pdbx_validate_main_chain_plane.label_alt_id             ? 
_pdbx_validate_main_chain_plane.improper_torsion_angle   -11.11 
# 
_pdbx_nmr_ensemble.entry_id                             1HCE 
_pdbx_nmr_ensemble.conformers_calculated_total_number   ? 
_pdbx_nmr_ensemble.conformers_submitted_total_number    1 
_pdbx_nmr_ensemble.conformer_selection_criteria         ? 
# 
loop_
_chem_comp_atom.comp_id 
_chem_comp_atom.atom_id 
_chem_comp_atom.type_symbol 
_chem_comp_atom.pdbx_aromatic_flag 
_chem_comp_atom.pdbx_stereo_config 
_chem_comp_atom.pdbx_ordinal 
ALA N    N N N 1   
ALA CA   C N S 2   
ALA C    C N N 3   
ALA O    O N N 4   
ALA CB   C N N 5   
ALA OXT  O N N 6   
ALA H    H N N 7   
ALA H2   H N N 8   
ALA HA   H N N 9   
ALA HB1  H N N 10  
ALA HB2  H N N 11  
ALA HB3  H N N 12  
ALA HXT  H N N 13  
ARG N    N N N 14  
ARG CA   C N S 15  
ARG C    C N N 16  
ARG O    O N N 17  
ARG CB   C N N 18  
ARG CG   C N N 19  
ARG CD   C N N 20  
ARG NE   N N N 21  
ARG CZ   C N N 22  
ARG NH1  N N N 23  
ARG NH2  N N N 24  
ARG OXT  O N N 25  
ARG H    H N N 26  
ARG H2   H N N 27  
ARG HA   H N N 28  
ARG HB2  H N N 29  
ARG HB3  H N N 30  
ARG HG2  H N N 31  
ARG HG3  H N N 32  
ARG HD2  H N N 33  
ARG HD3  H N N 34  
ARG HE   H N N 35  
ARG HH11 H N N 36  
ARG HH12 H N N 37  
ARG HH21 H N N 38  
ARG HH22 H N N 39  
ARG HXT  H N N 40  
ASN N    N N N 41  
ASN CA   C N S 42  
ASN C    C N N 43  
ASN O    O N N 44  
ASN CB   C N N 45  
ASN CG   C N N 46  
ASN OD1  O N N 47  
ASN ND2  N N N 48  
ASN OXT  O N N 49  
ASN H    H N N 50  
ASN H2   H N N 51  
ASN HA   H N N 52  
ASN HB2  H N N 53  
ASN HB3  H N N 54  
ASN HD21 H N N 55  
ASN HD22 H N N 56  
ASN HXT  H N N 57  
ASP N    N N N 58  
ASP CA   C N S 59  
ASP C    C N N 60  
ASP O    O N N 61  
ASP CB   C N N 62  
ASP CG   C N N 63  
ASP OD1  O N N 64  
ASP OD2  O N N 65  
ASP OXT  O N N 66  
ASP H    H N N 67  
ASP H2   H N N 68  
ASP HA   H N N 69  
ASP HB2  H N N 70  
ASP HB3  H N N 71  
ASP HD2  H N N 72  
ASP HXT  H N N 73  
CYS N    N N N 74  
CYS CA   C N R 75  
CYS C    C N N 76  
CYS O    O N N 77  
CYS CB   C N N 78  
CYS SG   S N N 79  
CYS OXT  O N N 80  
CYS H    H N N 81  
CYS H2   H N N 82  
CYS HA   H N N 83  
CYS HB2  H N N 84  
CYS HB3  H N N 85  
CYS HG   H N N 86  
CYS HXT  H N N 87  
GLN N    N N N 88  
GLN CA   C N S 89  
GLN C    C N N 90  
GLN O    O N N 91  
GLN CB   C N N 92  
GLN CG   C N N 93  
GLN CD   C N N 94  
GLN OE1  O N N 95  
GLN NE2  N N N 96  
GLN OXT  O N N 97  
GLN H    H N N 98  
GLN H2   H N N 99  
GLN HA   H N N 100 
GLN HB2  H N N 101 
GLN HB3  H N N 102 
GLN HG2  H N N 103 
GLN HG3  H N N 104 
GLN HE21 H N N 105 
GLN HE22 H N N 106 
GLN HXT  H N N 107 
GLU N    N N N 108 
GLU CA   C N S 109 
GLU C    C N N 110 
GLU O    O N N 111 
GLU CB   C N N 112 
GLU CG   C N N 113 
GLU CD   C N N 114 
GLU OE1  O N N 115 
GLU OE2  O N N 116 
GLU OXT  O N N 117 
GLU H    H N N 118 
GLU H2   H N N 119 
GLU HA   H N N 120 
GLU HB2  H N N 121 
GLU HB3  H N N 122 
GLU HG2  H N N 123 
GLU HG3  H N N 124 
GLU HE2  H N N 125 
GLU HXT  H N N 126 
GLY N    N N N 127 
GLY CA   C N N 128 
GLY C    C N N 129 
GLY O    O N N 130 
GLY OXT  O N N 131 
GLY H    H N N 132 
GLY H2   H N N 133 
GLY HA2  H N N 134 
GLY HA3  H N N 135 
GLY HXT  H N N 136 
HIS N    N N N 137 
HIS CA   C N S 138 
HIS C    C N N 139 
HIS O    O N N 140 
HIS CB   C N N 141 
HIS CG   C Y N 142 
HIS ND1  N Y N 143 
HIS CD2  C Y N 144 
HIS CE1  C Y N 145 
HIS NE2  N Y N 146 
HIS OXT  O N N 147 
HIS H    H N N 148 
HIS H2   H N N 149 
HIS HA   H N N 150 
HIS HB2  H N N 151 
HIS HB3  H N N 152 
HIS HD1  H N N 153 
HIS HD2  H N N 154 
HIS HE1  H N N 155 
HIS HE2  H N N 156 
HIS HXT  H N N 157 
ILE N    N N N 158 
ILE CA   C N S 159 
ILE C    C N N 160 
ILE O    O N N 161 
ILE CB   C N S 162 
ILE CG1  C N N 163 
ILE CG2  C N N 164 
ILE CD1  C N N 165 
ILE OXT  O N N 166 
ILE H    H N N 167 
ILE H2   H N N 168 
ILE HA   H N N 169 
ILE HB   H N N 170 
ILE HG12 H N N 171 
ILE HG13 H N N 172 
ILE HG21 H N N 173 
ILE HG22 H N N 174 
ILE HG23 H N N 175 
ILE HD11 H N N 176 
ILE HD12 H N N 177 
ILE HD13 H N N 178 
ILE HXT  H N N 179 
LEU N    N N N 180 
LEU CA   C N S 181 
LEU C    C N N 182 
LEU O    O N N 183 
LEU CB   C N N 184 
LEU CG   C N N 185 
LEU CD1  C N N 186 
LEU CD2  C N N 187 
LEU OXT  O N N 188 
LEU H    H N N 189 
LEU H2   H N N 190 
LEU HA   H N N 191 
LEU HB2  H N N 192 
LEU HB3  H N N 193 
LEU HG   H N N 194 
LEU HD11 H N N 195 
LEU HD12 H N N 196 
LEU HD13 H N N 197 
LEU HD21 H N N 198 
LEU HD22 H N N 199 
LEU HD23 H N N 200 
LEU HXT  H N N 201 
LYS N    N N N 202 
LYS CA   C N S 203 
LYS C    C N N 204 
LYS O    O N N 205 
LYS CB   C N N 206 
LYS CG   C N N 207 
LYS CD   C N N 208 
LYS CE   C N N 209 
LYS NZ   N N N 210 
LYS OXT  O N N 211 
LYS H    H N N 212 
LYS H2   H N N 213 
LYS HA   H N N 214 
LYS HB2  H N N 215 
LYS HB3  H N N 216 
LYS HG2  H N N 217 
LYS HG3  H N N 218 
LYS HD2  H N N 219 
LYS HD3  H N N 220 
LYS HE2  H N N 221 
LYS HE3  H N N 222 
LYS HZ1  H N N 223 
LYS HZ2  H N N 224 
LYS HZ3  H N N 225 
LYS HXT  H N N 226 
MET N    N N N 227 
MET CA   C N S 228 
MET C    C N N 229 
MET O    O N N 230 
MET CB   C N N 231 
MET CG   C N N 232 
MET SD   S N N 233 
MET CE   C N N 234 
MET OXT  O N N 235 
MET H    H N N 236 
MET H2   H N N 237 
MET HA   H N N 238 
MET HB2  H N N 239 
MET HB3  H N N 240 
MET HG2  H N N 241 
MET HG3  H N N 242 
MET HE1  H N N 243 
MET HE2  H N N 244 
MET HE3  H N N 245 
MET HXT  H N N 246 
PHE N    N N N 247 
PHE CA   C N S 248 
PHE C    C N N 249 
PHE O    O N N 250 
PHE CB   C N N 251 
PHE CG   C Y N 252 
PHE CD1  C Y N 253 
PHE CD2  C Y N 254 
PHE CE1  C Y N 255 
PHE CE2  C Y N 256 
PHE CZ   C Y N 257 
PHE OXT  O N N 258 
PHE H    H N N 259 
PHE H2   H N N 260 
PHE HA   H N N 261 
PHE HB2  H N N 262 
PHE HB3  H N N 263 
PHE HD1  H N N 264 
PHE HD2  H N N 265 
PHE HE1  H N N 266 
PHE HE2  H N N 267 
PHE HZ   H N N 268 
PHE HXT  H N N 269 
SER N    N N N 270 
SER CA   C N S 271 
SER C    C N N 272 
SER O    O N N 273 
SER CB   C N N 274 
SER OG   O N N 275 
SER OXT  O N N 276 
SER H    H N N 277 
SER H2   H N N 278 
SER HA   H N N 279 
SER HB2  H N N 280 
SER HB3  H N N 281 
SER HG   H N N 282 
SER HXT  H N N 283 
THR N    N N N 284 
THR CA   C N S 285 
THR C    C N N 286 
THR O    O N N 287 
THR CB   C N R 288 
THR OG1  O N N 289 
THR CG2  C N N 290 
THR OXT  O N N 291 
THR H    H N N 292 
THR H2   H N N 293 
THR HA   H N N 294 
THR HB   H N N 295 
THR HG1  H N N 296 
THR HG21 H N N 297 
THR HG22 H N N 298 
THR HG23 H N N 299 
THR HXT  H N N 300 
TYR N    N N N 301 
TYR CA   C N S 302 
TYR C    C N N 303 
TYR O    O N N 304 
TYR CB   C N N 305 
TYR CG   C Y N 306 
TYR CD1  C Y N 307 
TYR CD2  C Y N 308 
TYR CE1  C Y N 309 
TYR CE2  C Y N 310 
TYR CZ   C Y N 311 
TYR OH   O N N 312 
TYR OXT  O N N 313 
TYR H    H N N 314 
TYR H2   H N N 315 
TYR HA   H N N 316 
TYR HB2  H N N 317 
TYR HB3  H N N 318 
TYR HD1  H N N 319 
TYR HD2  H N N 320 
TYR HE1  H N N 321 
TYR HE2  H N N 322 
TYR HH   H N N 323 
TYR HXT  H N N 324 
VAL N    N N N 325 
VAL CA   C N S 326 
VAL C    C N N 327 
VAL O    O N N 328 
VAL CB   C N N 329 
VAL CG1  C N N 330 
VAL CG2  C N N 331 
VAL OXT  O N N 332 
VAL H    H N N 333 
VAL H2   H N N 334 
VAL HA   H N N 335 
VAL HB   H N N 336 
VAL HG11 H N N 337 
VAL HG12 H N N 338 
VAL HG13 H N N 339 
VAL HG21 H N N 340 
VAL HG22 H N N 341 
VAL HG23 H N N 342 
VAL HXT  H N N 343 
# 
loop_
_chem_comp_bond.comp_id 
_chem_comp_bond.atom_id_1 
_chem_comp_bond.atom_id_2 
_chem_comp_bond.value_order 
_chem_comp_bond.pdbx_aromatic_flag 
_chem_comp_bond.pdbx_stereo_config 
_chem_comp_bond.pdbx_ordinal 
ALA N   CA   sing N N 1   
ALA N   H    sing N N 2   
ALA N   H2   sing N N 3   
ALA CA  C    sing N N 4   
ALA CA  CB   sing N N 5   
ALA CA  HA   sing N N 6   
ALA C   O    doub N N 7   
ALA C   OXT  sing N N 8   
ALA CB  HB1  sing N N 9   
ALA CB  HB2  sing N N 10  
ALA CB  HB3  sing N N 11  
ALA OXT HXT  sing N N 12  
ARG N   CA   sing N N 13  
ARG N   H    sing N N 14  
ARG N   H2   sing N N 15  
ARG CA  C    sing N N 16  
ARG CA  CB   sing N N 17  
ARG CA  HA   sing N N 18  
ARG C   O    doub N N 19  
ARG C   OXT  sing N N 20  
ARG CB  CG   sing N N 21  
ARG CB  HB2  sing N N 22  
ARG CB  HB3  sing N N 23  
ARG CG  CD   sing N N 24  
ARG CG  HG2  sing N N 25  
ARG CG  HG3  sing N N 26  
ARG CD  NE   sing N N 27  
ARG CD  HD2  sing N N 28  
ARG CD  HD3  sing N N 29  
ARG NE  CZ   sing N N 30  
ARG NE  HE   sing N N 31  
ARG CZ  NH1  sing N N 32  
ARG CZ  NH2  doub N N 33  
ARG NH1 HH11 sing N N 34  
ARG NH1 HH12 sing N N 35  
ARG NH2 HH21 sing N N 36  
ARG NH2 HH22 sing N N 37  
ARG OXT HXT  sing N N 38  
ASN N   CA   sing N N 39  
ASN N   H    sing N N 40  
ASN N   H2   sing N N 41  
ASN CA  C    sing N N 42  
ASN CA  CB   sing N N 43  
ASN CA  HA   sing N N 44  
ASN C   O    doub N N 45  
ASN C   OXT  sing N N 46  
ASN CB  CG   sing N N 47  
ASN CB  HB2  sing N N 48  
ASN CB  HB3  sing N N 49  
ASN CG  OD1  doub N N 50  
ASN CG  ND2  sing N N 51  
ASN ND2 HD21 sing N N 52  
ASN ND2 HD22 sing N N 53  
ASN OXT HXT  sing N N 54  
ASP N   CA   sing N N 55  
ASP N   H    sing N N 56  
ASP N   H2   sing N N 57  
ASP CA  C    sing N N 58  
ASP CA  CB   sing N N 59  
ASP CA  HA   sing N N 60  
ASP C   O    doub N N 61  
ASP C   OXT  sing N N 62  
ASP CB  CG   sing N N 63  
ASP CB  HB2  sing N N 64  
ASP CB  HB3  sing N N 65  
ASP CG  OD1  doub N N 66  
ASP CG  OD2  sing N N 67  
ASP OD2 HD2  sing N N 68  
ASP OXT HXT  sing N N 69  
CYS N   CA   sing N N 70  
CYS N   H    sing N N 71  
CYS N   H2   sing N N 72  
CYS CA  C    sing N N 73  
CYS CA  CB   sing N N 74  
CYS CA  HA   sing N N 75  
CYS C   O    doub N N 76  
CYS C   OXT  sing N N 77  
CYS CB  SG   sing N N 78  
CYS CB  HB2  sing N N 79  
CYS CB  HB3  sing N N 80  
CYS SG  HG   sing N N 81  
CYS OXT HXT  sing N N 82  
GLN N   CA   sing N N 83  
GLN N   H    sing N N 84  
GLN N   H2   sing N N 85  
GLN CA  C    sing N N 86  
GLN CA  CB   sing N N 87  
GLN CA  HA   sing N N 88  
GLN C   O    doub N N 89  
GLN C   OXT  sing N N 90  
GLN CB  CG   sing N N 91  
GLN CB  HB2  sing N N 92  
GLN CB  HB3  sing N N 93  
GLN CG  CD   sing N N 94  
GLN CG  HG2  sing N N 95  
GLN CG  HG3  sing N N 96  
GLN CD  OE1  doub N N 97  
GLN CD  NE2  sing N N 98  
GLN NE2 HE21 sing N N 99  
GLN NE2 HE22 sing N N 100 
GLN OXT HXT  sing N N 101 
GLU N   CA   sing N N 102 
GLU N   H    sing N N 103 
GLU N   H2   sing N N 104 
GLU CA  C    sing N N 105 
GLU CA  CB   sing N N 106 
GLU CA  HA   sing N N 107 
GLU C   O    doub N N 108 
GLU C   OXT  sing N N 109 
GLU CB  CG   sing N N 110 
GLU CB  HB2  sing N N 111 
GLU CB  HB3  sing N N 112 
GLU CG  CD   sing N N 113 
GLU CG  HG2  sing N N 114 
GLU CG  HG3  sing N N 115 
GLU CD  OE1  doub N N 116 
GLU CD  OE2  sing N N 117 
GLU OE2 HE2  sing N N 118 
GLU OXT HXT  sing N N 119 
GLY N   CA   sing N N 120 
GLY N   H    sing N N 121 
GLY N   H2   sing N N 122 
GLY CA  C    sing N N 123 
GLY CA  HA2  sing N N 124 
GLY CA  HA3  sing N N 125 
GLY C   O    doub N N 126 
GLY C   OXT  sing N N 127 
GLY OXT HXT  sing N N 128 
HIS N   CA   sing N N 129 
HIS N   H    sing N N 130 
HIS N   H2   sing N N 131 
HIS CA  C    sing N N 132 
HIS CA  CB   sing N N 133 
HIS CA  HA   sing N N 134 
HIS C   O    doub N N 135 
HIS C   OXT  sing N N 136 
HIS CB  CG   sing N N 137 
HIS CB  HB2  sing N N 138 
HIS CB  HB3  sing N N 139 
HIS CG  ND1  sing Y N 140 
HIS CG  CD2  doub Y N 141 
HIS ND1 CE1  doub Y N 142 
HIS ND1 HD1  sing N N 143 
HIS CD2 NE2  sing Y N 144 
HIS CD2 HD2  sing N N 145 
HIS CE1 NE2  sing Y N 146 
HIS CE1 HE1  sing N N 147 
HIS NE2 HE2  sing N N 148 
HIS OXT HXT  sing N N 149 
ILE N   CA   sing N N 150 
ILE N   H    sing N N 151 
ILE N   H2   sing N N 152 
ILE CA  C    sing N N 153 
ILE CA  CB   sing N N 154 
ILE CA  HA   sing N N 155 
ILE C   O    doub N N 156 
ILE C   OXT  sing N N 157 
ILE CB  CG1  sing N N 158 
ILE CB  CG2  sing N N 159 
ILE CB  HB   sing N N 160 
ILE CG1 CD1  sing N N 161 
ILE CG1 HG12 sing N N 162 
ILE CG1 HG13 sing N N 163 
ILE CG2 HG21 sing N N 164 
ILE CG2 HG22 sing N N 165 
ILE CG2 HG23 sing N N 166 
ILE CD1 HD11 sing N N 167 
ILE CD1 HD12 sing N N 168 
ILE CD1 HD13 sing N N 169 
ILE OXT HXT  sing N N 170 
LEU N   CA   sing N N 171 
LEU N   H    sing N N 172 
LEU N   H2   sing N N 173 
LEU CA  C    sing N N 174 
LEU CA  CB   sing N N 175 
LEU CA  HA   sing N N 176 
LEU C   O    doub N N 177 
LEU C   OXT  sing N N 178 
LEU CB  CG   sing N N 179 
LEU CB  HB2  sing N N 180 
LEU CB  HB3  sing N N 181 
LEU CG  CD1  sing N N 182 
LEU CG  CD2  sing N N 183 
LEU CG  HG   sing N N 184 
LEU CD1 HD11 sing N N 185 
LEU CD1 HD12 sing N N 186 
LEU CD1 HD13 sing N N 187 
LEU CD2 HD21 sing N N 188 
LEU CD2 HD22 sing N N 189 
LEU CD2 HD23 sing N N 190 
LEU OXT HXT  sing N N 191 
LYS N   CA   sing N N 192 
LYS N   H    sing N N 193 
LYS N   H2   sing N N 194 
LYS CA  C    sing N N 195 
LYS CA  CB   sing N N 196 
LYS CA  HA   sing N N 197 
LYS C   O    doub N N 198 
LYS C   OXT  sing N N 199 
LYS CB  CG   sing N N 200 
LYS CB  HB2  sing N N 201 
LYS CB  HB3  sing N N 202 
LYS CG  CD   sing N N 203 
LYS CG  HG2  sing N N 204 
LYS CG  HG3  sing N N 205 
LYS CD  CE   sing N N 206 
LYS CD  HD2  sing N N 207 
LYS CD  HD3  sing N N 208 
LYS CE  NZ   sing N N 209 
LYS CE  HE2  sing N N 210 
LYS CE  HE3  sing N N 211 
LYS NZ  HZ1  sing N N 212 
LYS NZ  HZ2  sing N N 213 
LYS NZ  HZ3  sing N N 214 
LYS OXT HXT  sing N N 215 
MET N   CA   sing N N 216 
MET N   H    sing N N 217 
MET N   H2   sing N N 218 
MET CA  C    sing N N 219 
MET CA  CB   sing N N 220 
MET CA  HA   sing N N 221 
MET C   O    doub N N 222 
MET C   OXT  sing N N 223 
MET CB  CG   sing N N 224 
MET CB  HB2  sing N N 225 
MET CB  HB3  sing N N 226 
MET CG  SD   sing N N 227 
MET CG  HG2  sing N N 228 
MET CG  HG3  sing N N 229 
MET SD  CE   sing N N 230 
MET CE  HE1  sing N N 231 
MET CE  HE2  sing N N 232 
MET CE  HE3  sing N N 233 
MET OXT HXT  sing N N 234 
PHE N   CA   sing N N 235 
PHE N   H    sing N N 236 
PHE N   H2   sing N N 237 
PHE CA  C    sing N N 238 
PHE CA  CB   sing N N 239 
PHE CA  HA   sing N N 240 
PHE C   O    doub N N 241 
PHE C   OXT  sing N N 242 
PHE CB  CG   sing N N 243 
PHE CB  HB2  sing N N 244 
PHE CB  HB3  sing N N 245 
PHE CG  CD1  doub Y N 246 
PHE CG  CD2  sing Y N 247 
PHE CD1 CE1  sing Y N 248 
PHE CD1 HD1  sing N N 249 
PHE CD2 CE2  doub Y N 250 
PHE CD2 HD2  sing N N 251 
PHE CE1 CZ   doub Y N 252 
PHE CE1 HE1  sing N N 253 
PHE CE2 CZ   sing Y N 254 
PHE CE2 HE2  sing N N 255 
PHE CZ  HZ   sing N N 256 
PHE OXT HXT  sing N N 257 
SER N   CA   sing N N 258 
SER N   H    sing N N 259 
SER N   H2   sing N N 260 
SER CA  C    sing N N 261 
SER CA  CB   sing N N 262 
SER CA  HA   sing N N 263 
SER C   O    doub N N 264 
SER C   OXT  sing N N 265 
SER CB  OG   sing N N 266 
SER CB  HB2  sing N N 267 
SER CB  HB3  sing N N 268 
SER OG  HG   sing N N 269 
SER OXT HXT  sing N N 270 
THR N   CA   sing N N 271 
THR N   H    sing N N 272 
THR N   H2   sing N N 273 
THR CA  C    sing N N 274 
THR CA  CB   sing N N 275 
THR CA  HA   sing N N 276 
THR C   O    doub N N 277 
THR C   OXT  sing N N 278 
THR CB  OG1  sing N N 279 
THR CB  CG2  sing N N 280 
THR CB  HB   sing N N 281 
THR OG1 HG1  sing N N 282 
THR CG2 HG21 sing N N 283 
THR CG2 HG22 sing N N 284 
THR CG2 HG23 sing N N 285 
THR OXT HXT  sing N N 286 
TYR N   CA   sing N N 287 
TYR N   H    sing N N 288 
TYR N   H2   sing N N 289 
TYR CA  C    sing N N 290 
TYR CA  CB   sing N N 291 
TYR CA  HA   sing N N 292 
TYR C   O    doub N N 293 
TYR C   OXT  sing N N 294 
TYR CB  CG   sing N N 295 
TYR CB  HB2  sing N N 296 
TYR CB  HB3  sing N N 297 
TYR CG  CD1  doub Y N 298 
TYR CG  CD2  sing Y N 299 
TYR CD1 CE1  sing Y N 300 
TYR CD1 HD1  sing N N 301 
TYR CD2 CE2  doub Y N 302 
TYR CD2 HD2  sing N N 303 
TYR CE1 CZ   doub Y N 304 
TYR CE1 HE1  sing N N 305 
TYR CE2 CZ   sing Y N 306 
TYR CE2 HE2  sing N N 307 
TYR CZ  OH   sing N N 308 
TYR OH  HH   sing N N 309 
TYR OXT HXT  sing N N 310 
VAL N   CA   sing N N 311 
VAL N   H    sing N N 312 
VAL N   H2   sing N N 313 
VAL CA  C    sing N N 314 
VAL CA  CB   sing N N 315 
VAL CA  HA   sing N N 316 
VAL C   O    doub N N 317 
VAL C   OXT  sing N N 318 
VAL CB  CG1  sing N N 319 
VAL CB  CG2  sing N N 320 
VAL CB  HB   sing N N 321 
VAL CG1 HG11 sing N N 322 
VAL CG1 HG12 sing N N 323 
VAL CG1 HG13 sing N N 324 
VAL CG2 HG21 sing N N 325 
VAL CG2 HG22 sing N N 326 
VAL CG2 HG23 sing N N 327 
VAL OXT HXT  sing N N 328 
# 
_atom_sites.entry_id                    1HCE 
_atom_sites.fract_transf_matrix[1][1]   1.000000 
_atom_sites.fract_transf_matrix[1][2]   0.000000 
_atom_sites.fract_transf_matrix[1][3]   0.000000 
_atom_sites.fract_transf_matrix[2][1]   0.000000 
_atom_sites.fract_transf_matrix[2][2]   1.000000 
_atom_sites.fract_transf_matrix[2][3]   0.000000 
_atom_sites.fract_transf_matrix[3][1]   0.000000 
_atom_sites.fract_transf_matrix[3][2]   0.000000 
_atom_sites.fract_transf_matrix[3][3]   1.000000 
_atom_sites.fract_transf_vector[1]      0.00000 
_atom_sites.fract_transf_vector[2]      0.00000 
_atom_sites.fract_transf_vector[3]      0.00000 
# 
loop_
_atom_type.symbol 
C 
H 
N 
O 
S 
# 
loop_
_atom_site.group_PDB 
_atom_site.id 
_atom_site.type_symbol 
_atom_site.label_atom_id 
_atom_site.label_alt_id 
_atom_site.label_comp_id 
_atom_site.label_asym_id 
_atom_site.label_entity_id 
_atom_site.label_seq_id 
_atom_site.pdbx_PDB_ins_code 
_atom_site.Cartn_x 
_atom_site.Cartn_y 
_atom_site.Cartn_z 
_atom_site.occupancy 
_atom_site.B_iso_or_equiv 
_atom_site.pdbx_formal_charge 
_atom_site.auth_seq_id 
_atom_site.auth_comp_id 
_atom_site.auth_asym_id 
_atom_site.auth_atom_id 
_atom_site.pdbx_PDB_model_num 
ATOM 1    N N    . MET A 1 1   ? -3.584  10.008  -6.846  1.00 1.54 ? 1   MET A N    1 
ATOM 2    C CA   . MET A 1 1   ? -5.006  9.995   -7.268  1.00 1.39 ? 1   MET A CA   1 
ATOM 3    C C    . MET A 1 1   ? -5.451  8.557   -7.477  1.00 1.20 ? 1   MET A C    1 
ATOM 4    O O    . MET A 1 1   ? -5.392  8.046   -8.585  1.00 1.46 ? 1   MET A O    1 
ATOM 5    C CB   . MET A 1 1   ? -5.147  10.767  -8.591  1.00 2.07 ? 1   MET A CB   1 
ATOM 6    C CG   . MET A 1 1   ? -6.061  11.975  -8.389  1.00 2.21 ? 1   MET A CG   1 
ATOM 7    S SD   . MET A 1 1   ? -5.074  13.490  -8.450  1.00 2.96 ? 1   MET A SD   1 
ATOM 8    C CE   . MET A 1 1   ? -4.989  13.620  -10.254 1.00 2.81 ? 1   MET A CE   1 
ATOM 9    H H1   . MET A 1 1   ? -3.478  9.467   -5.970  1.00 1.77 ? 1   MET A H1   1 
ATOM 10   H H2   . MET A 1 1   ? -2.998  9.579   -7.592  1.00 1.97 ? 1   MET A H2   1 
ATOM 11   H H3   . MET A 1 1   ? -3.281  10.988  -6.686  1.00 1.93 ? 1   MET A H3   1 
ATOM 12   H HA   . MET A 1 1   ? -5.622  10.454  -6.513  1.00 1.42 ? 1   MET A HA   1 
ATOM 13   H HB2  . MET A 1 1   ? -4.172  11.100  -8.916  1.00 2.47 ? 1   MET A HB2  1 
ATOM 14   H HB3  . MET A 1 1   ? -5.572  10.121  -9.348  1.00 2.81 ? 1   MET A HB3  1 
ATOM 15   H HG2  . MET A 1 1   ? -6.803  12.000  -9.173  1.00 2.36 ? 1   MET A HG2  1 
ATOM 16   H HG3  . MET A 1 1   ? -6.551  11.901  -7.430  1.00 2.63 ? 1   MET A HG3  1 
ATOM 17   H HE1  . MET A 1 1   ? -4.611  12.693  -10.662 1.00 3.30 ? 1   MET A HE1  1 
ATOM 18   H HE2  . MET A 1 1   ? -5.974  13.809  -10.649 1.00 2.71 ? 1   MET A HE2  1 
ATOM 19   H HE3  . MET A 1 1   ? -4.331  14.435  -10.525 1.00 3.02 ? 1   MET A HE3  1 
ATOM 20   N N    . GLY A 1 2   ? -5.899  7.875   -6.447  1.00 0.85 ? 2   GLY A N    1 
ATOM 21   C CA   . GLY A 1 2   ? -6.342  6.470   -6.737  1.00 0.72 ? 2   GLY A CA   1 
ATOM 22   C C    . GLY A 1 2   ? -7.476  6.062   -5.841  1.00 0.55 ? 2   GLY A C    1 
ATOM 23   O O    . GLY A 1 2   ? -7.561  6.464   -4.715  1.00 0.53 ? 2   GLY A O    1 
ATOM 24   H H    . GLY A 1 2   ? -5.958  8.275   -5.525  1.00 0.80 ? 2   GLY A H    1 
ATOM 25   H HA2  . GLY A 1 2   ? -6.683  6.425   -7.763  1.00 0.98 ? 2   GLY A HA2  1 
ATOM 26   H HA3  . GLY A 1 2   ? -5.534  5.780   -6.617  1.00 1.30 ? 2   GLY A HA3  1 
ATOM 27   N N    . ASN A 1 3   ? -8.356  5.273   -6.367  1.00 0.52 ? 3   ASN A N    1 
ATOM 28   C CA   . ASN A 1 3   ? -9.543  4.811   -5.567  1.00 0.47 ? 3   ASN A CA   1 
ATOM 29   C C    . ASN A 1 3   ? -9.848  3.368   -5.849  1.00 0.43 ? 3   ASN A C    1 
ATOM 30   O O    . ASN A 1 3   ? -10.939 2.967   -6.226  1.00 0.49 ? 3   ASN A O    1 
ATOM 31   C CB   . ASN A 1 3   ? -10.675 5.610   -5.999  1.00 0.67 ? 3   ASN A CB   1 
ATOM 32   C CG   . ASN A 1 3   ? -11.930 5.356   -5.149  1.00 0.75 ? 3   ASN A CG   1 
ATOM 33   O OD1  . ASN A 1 3   ? -12.809 4.616   -5.552  1.00 1.15 ? 3   ASN A OD1  1 
ATOM 34   N ND2  . ASN A 1 3   ? -12.062 5.942   -3.996  1.00 1.42 ? 3   ASN A ND2  1 
ATOM 35   H H    . ASN A 1 3   ? -8.242  5.005   -7.309  1.00 0.58 ? 3   ASN A H    1 
ATOM 36   H HA   . ASN A 1 3   ? -9.354  4.970   -4.515  1.00 0.48 ? 3   ASN A HA   1 
ATOM 37   H HB2  . ASN A 1 3   ? -10.356 6.590   -5.922  1.00 0.85 ? 3   ASN A HB2  1 
ATOM 38   H HB3  . ASN A 1 3   ? -10.865 5.359   -7.009  1.00 0.75 ? 3   ASN A HB3  1 
ATOM 39   H HD21 . ASN A 1 3   ? -11.365 6.545   -3.669  1.00 1.99 ? 3   ASN A HD21 1 
ATOM 40   H HD22 . ASN A 1 3   ? -12.866 5.783   -3.457  1.00 1.93 ? 3   ASN A HD22 1 
ATOM 41   N N    . ARG A 1 4   ? -8.878  2.612   -5.666  1.00 0.41 ? 4   ARG A N    1 
ATOM 42   C CA   . ARG A 1 4   ? -9.027  1.149   -5.907  1.00 0.47 ? 4   ARG A CA   1 
ATOM 43   C C    . ARG A 1 4   ? -7.982  0.263   -5.220  1.00 0.46 ? 4   ARG A C    1 
ATOM 44   O O    . ARG A 1 4   ? -8.186  -0.139  -4.089  1.00 0.53 ? 4   ARG A O    1 
ATOM 45   C CB   . ARG A 1 4   ? -9.062  0.846   -7.410  1.00 0.52 ? 4   ARG A CB   1 
ATOM 46   C CG   . ARG A 1 4   ? -9.798  -0.479  -7.573  1.00 1.00 ? 4   ARG A CG   1 
ATOM 47   C CD   . ARG A 1 4   ? -10.992 -0.320  -8.517  1.00 1.10 ? 4   ARG A CD   1 
ATOM 48   N NE   . ARG A 1 4   ? -12.232 -0.723  -7.802  1.00 1.52 ? 4   ARG A NE   1 
ATOM 49   C CZ   . ARG A 1 4   ? -12.669 -1.961  -7.878  1.00 1.92 ? 4   ARG A CZ   1 
ATOM 50   N NH1  . ARG A 1 4   ? -11.827 -2.943  -8.114  1.00 2.66 ? 4   ARG A NH1  1 
ATOM 51   N NH2  . ARG A 1 4   ? -13.947 -2.193  -7.740  1.00 2.30 ? 4   ARG A NH2  1 
ATOM 52   H H    . ARG A 1 4   ? -8.067  3.032   -5.352  1.00 0.41 ? 4   ARG A H    1 
ATOM 53   H HA   . ARG A 1 4   ? -9.987  0.854   -5.507  1.00 0.62 ? 4   ARG A HA   1 
ATOM 54   H HB2  . ARG A 1 4   ? -9.589  1.630   -7.937  1.00 0.91 ? 4   ARG A HB2  1 
ATOM 55   H HB3  . ARG A 1 4   ? -8.063  0.749   -7.804  1.00 1.12 ? 4   ARG A HB3  1 
ATOM 56   H HG2  . ARG A 1 4   ? -9.124  -1.227  -7.961  1.00 1.63 ? 4   ARG A HG2  1 
ATOM 57   H HG3  . ARG A 1 4   ? -10.159 -0.792  -6.605  1.00 1.62 ? 4   ARG A HG3  1 
ATOM 58   H HD2  . ARG A 1 4   ? -11.075 0.708   -8.829  1.00 1.57 ? 4   ARG A HD2  1 
ATOM 59   H HD3  . ARG A 1 4   ? -10.854 -0.951  -9.386  1.00 1.84 ? 4   ARG A HD3  1 
ATOM 60   H HE   . ARG A 1 4   ? -12.733 -0.067  -7.274  1.00 2.12 ? 4   ARG A HE   1 
ATOM 61   H HH11 . ARG A 1 4   ? -10.851 -2.753  -8.231  1.00 3.26 ? 4   ARG A HH11 1 
ATOM 62   H HH12 . ARG A 1 4   ? -12.161 -3.884  -8.176  1.00 2.96 ? 4   ARG A HH12 1 
ATOM 63   H HH21 . ARG A 1 4   ? -14.578 -1.435  -7.576  1.00 2.39 ? 4   ARG A HH21 1 
ATOM 64   H HH22 . ARG A 1 4   ? -14.294 -3.129  -7.796  1.00 2.96 ? 4   ARG A HH22 1 
ATOM 65   N N    . ALA A 1 5   ? -6.905  -0.115  -5.885  1.00 0.40 ? 5   ALA A N    1 
ATOM 66   C CA   . ALA A 1 5   ? -5.961  -1.066  -5.186  1.00 0.40 ? 5   ALA A CA   1 
ATOM 67   C C    . ALA A 1 5   ? -4.583  -1.031  -5.837  1.00 0.39 ? 5   ALA A C    1 
ATOM 68   O O    . ALA A 1 5   ? -4.381  -0.412  -6.873  1.00 0.42 ? 5   ALA A O    1 
ATOM 69   C CB   . ALA A 1 5   ? -6.539  -2.489  -5.279  1.00 0.41 ? 5   ALA A CB   1 
ATOM 70   H H    . ALA A 1 5   ? -6.740  0.169   -6.828  1.00 0.38 ? 5   ALA A H    1 
ATOM 71   H HA   . ALA A 1 5   ? -5.881  -0.805  -4.125  1.00 0.42 ? 5   ALA A HA   1 
ATOM 72   H HB1  . ALA A 1 5   ? -7.169  -2.570  -6.151  1.00 1.05 ? 5   ALA A HB1  1 
ATOM 73   H HB2  . ALA A 1 5   ? -5.736  -3.200  -5.344  1.00 0.99 ? 5   ALA A HB2  1 
ATOM 74   H HB3  . ALA A 1 5   ? -7.126  -2.695  -4.394  1.00 1.13 ? 5   ALA A HB3  1 
ATOM 75   N N    . PHE A 1 6   ? -3.640  -1.709  -5.231  1.00 0.37 ? 6   PHE A N    1 
ATOM 76   C CA   . PHE A 1 6   ? -2.261  -1.751  -5.772  1.00 0.35 ? 6   PHE A CA   1 
ATOM 77   C C    . PHE A 1 6   ? -1.915  -3.154  -6.212  1.00 0.33 ? 6   PHE A C    1 
ATOM 78   O O    . PHE A 1 6   ? -1.990  -4.087  -5.430  1.00 0.33 ? 6   PHE A O    1 
ATOM 79   C CB   . PHE A 1 6   ? -1.270  -1.291  -4.707  1.00 0.37 ? 6   PHE A CB   1 
ATOM 80   C CG   . PHE A 1 6   ? -1.035  0.191   -4.855  1.00 0.26 ? 6   PHE A CG   1 
ATOM 81   C CD1  . PHE A 1 6   ? -1.913  0.946   -5.631  1.00 1.25 ? 6   PHE A CD1  1 
ATOM 82   C CD2  . PHE A 1 6   ? 0.026   0.815   -4.195  1.00 1.23 ? 6   PHE A CD2  1 
ATOM 83   C CE1  . PHE A 1 6   ? -1.750  2.321   -5.748  1.00 1.24 ? 6   PHE A CE1  1 
ATOM 84   C CE2  . PHE A 1 6   ? 0.185   2.206   -4.301  1.00 1.31 ? 6   PHE A CE2  1 
ATOM 85   C CZ   . PHE A 1 6   ? -0.703  2.955   -5.084  1.00 0.49 ? 6   PHE A CZ   1 
ATOM 86   H H    . PHE A 1 6   ? -3.846  -2.183  -4.411  1.00 0.36 ? 6   PHE A H    1 
ATOM 87   H HA   . PHE A 1 6   ? -2.199  -1.123  -6.605  1.00 0.38 ? 6   PHE A HA   1 
ATOM 88   H HB2  . PHE A 1 6   ? -1.665  -1.496  -3.726  1.00 0.73 ? 6   PHE A HB2  1 
ATOM 89   H HB3  . PHE A 1 6   ? -0.364  -1.824  -4.829  1.00 0.67 ? 6   PHE A HB3  1 
ATOM 90   H HD1  . PHE A 1 6   ? -2.707  0.456   -6.158  1.00 2.18 ? 6   PHE A HD1  1 
ATOM 91   H HD2  . PHE A 1 6   ? 0.721   0.230   -3.604  1.00 2.13 ? 6   PHE A HD2  1 
ATOM 92   H HE1  . PHE A 1 6   ? -2.437  2.895   -6.351  1.00 2.13 ? 6   PHE A HE1  1 
ATOM 93   H HE2  . PHE A 1 6   ? 0.997   2.696   -3.794  1.00 2.24 ? 6   PHE A HE2  1 
ATOM 94   H HZ   . PHE A 1 6   ? -0.586  4.023   -5.163  1.00 0.64 ? 6   PHE A HZ   1 
ATOM 95   N N    . LYS A 1 7   ? -1.535  -3.316  -7.476  1.00 0.35 ? 7   LYS A N    1 
ATOM 96   C CA   . LYS A 1 7   ? -1.203  -4.698  -7.953  1.00 0.34 ? 7   LYS A CA   1 
ATOM 97   C C    . LYS A 1 7   ? 0.175   -5.064  -7.512  1.00 0.29 ? 7   LYS A C    1 
ATOM 98   O O    . LYS A 1 7   ? 1.136   -4.359  -7.764  1.00 0.27 ? 7   LYS A O    1 
ATOM 99   C CB   . LYS A 1 7   ? -1.167  -4.842  -9.471  1.00 0.45 ? 7   LYS A CB   1 
ATOM 100  C CG   . LYS A 1 7   ? -1.366  -6.289  -9.897  1.00 0.58 ? 7   LYS A CG   1 
ATOM 101  C CD   . LYS A 1 7   ? -0.920  -6.412  -11.364 1.00 1.00 ? 7   LYS A CD   1 
ATOM 102  C CE   . LYS A 1 7   ? -1.867  -5.672  -12.324 1.00 1.18 ? 7   LYS A CE   1 
ATOM 103  N NZ   . LYS A 1 7   ? -1.285  -5.717  -13.706 1.00 1.72 ? 7   LYS A NZ   1 
ATOM 104  H H    . LYS A 1 7   ? -1.463  -2.538  -8.083  1.00 0.38 ? 7   LYS A H    1 
ATOM 105  H HA   . LYS A 1 7   ? -1.920  -5.385  -7.539  1.00 0.39 ? 7   LYS A HA   1 
ATOM 106  H HB2  . LYS A 1 7   ? -1.908  -4.210  -9.942  1.00 0.59 ? 7   LYS A HB2  1 
ATOM 107  H HB3  . LYS A 1 7   ? -0.179  -4.578  -9.778  1.00 0.52 ? 7   LYS A HB3  1 
ATOM 108  H HG2  . LYS A 1 7   ? -0.745  -6.924  -9.293  1.00 1.13 ? 7   LYS A HG2  1 
ATOM 109  H HG3  . LYS A 1 7   ? -2.383  -6.569  -9.771  1.00 0.90 ? 7   LYS A HG3  1 
ATOM 110  H HD2  . LYS A 1 7   ? 0.064   -5.967  -11.454 1.00 1.74 ? 7   LYS A HD2  1 
ATOM 111  H HD3  . LYS A 1 7   ? -0.866  -7.450  -11.638 1.00 1.23 ? 7   LYS A HD3  1 
ATOM 112  H HE2  . LYS A 1 7   ? -2.839  -6.140  -12.322 1.00 1.63 ? 7   LYS A HE2  1 
ATOM 113  H HE3  . LYS A 1 7   ? -1.961  -4.641  -12.012 1.00 1.45 ? 7   LYS A HE3  1 
ATOM 114  H HZ1  . LYS A 1 7   ? -0.748  -6.597  -13.833 1.00 1.96 ? 7   LYS A HZ1  1 
ATOM 115  H HZ2  . LYS A 1 7   ? -2.049  -5.671  -14.411 1.00 2.27 ? 7   LYS A HZ2  1 
ATOM 116  H HZ3  . LYS A 1 7   ? -0.645  -4.905  -13.841 1.00 2.16 ? 7   LYS A HZ3  1 
ATOM 117  N N    . SER A 1 8   ? 0.284   -6.191  -6.934  1.00 0.34 ? 8   SER A N    1 
ATOM 118  C CA   . SER A 1 8   ? 1.573   -6.676  -6.533  1.00 0.44 ? 8   SER A CA   1 
ATOM 119  C C    . SER A 1 8   ? 1.868   -7.866  -7.420  1.00 0.49 ? 8   SER A C    1 
ATOM 120  O O    . SER A 1 8   ? 1.930   -8.996  -6.958  1.00 0.65 ? 8   SER A O    1 
ATOM 121  C CB   . SER A 1 8   ? 1.487   -7.152  -5.096  1.00 0.56 ? 8   SER A CB   1 
ATOM 122  O OG   . SER A 1 8   ? 2.026   -6.185  -4.241  1.00 1.52 ? 8   SER A OG   1 
ATOM 123  H H    . SER A 1 8   ? -0.491  -6.738  -6.784  1.00 0.35 ? 8   SER A H    1 
ATOM 124  H HA   . SER A 1 8   ? 2.313   -5.896  -6.653  1.00 0.45 ? 8   SER A HA   1 
ATOM 125  H HB2  . SER A 1 8   ? 0.457   -7.322  -4.835  1.00 0.79 ? 8   SER A HB2  1 
ATOM 126  H HB3  . SER A 1 8   ? 2.034   -8.077  -5.004  1.00 0.93 ? 8   SER A HB3  1 
ATOM 127  H HG   . SER A 1 8   ? 2.388   -5.489  -4.781  1.00 2.09 ? 8   SER A HG   1 
ATOM 128  N N    . HIS A 1 9   ? 2.057   -7.623  -8.698  1.00 0.51 ? 9   HIS A N    1 
ATOM 129  C CA   . HIS A 1 9   ? 2.367   -8.738  -9.615  1.00 0.62 ? 9   HIS A CA   1 
ATOM 130  C C    . HIS A 1 9   ? 1.250   -9.777  -9.687  1.00 0.76 ? 9   HIS A C    1 
ATOM 131  O O    . HIS A 1 9   ? 0.266   -9.788  -8.913  1.00 0.62 ? 9   HIS A O    1 
ATOM 132  C CB   . HIS A 1 9   ? 3.565   -9.484  -9.029  1.00 0.98 ? 9   HIS A CB   1 
ATOM 133  C CG   . HIS A 1 9   ? 4.757   -9.333  -9.899  1.00 1.71 ? 9   HIS A CG   1 
ATOM 134  N ND1  . HIS A 1 9   ? 5.438   -10.430 -10.385 1.00 2.52 ? 9   HIS A ND1  1 
ATOM 135  C CD2  . HIS A 1 9   ? 5.414   -8.231  -10.371 1.00 2.29 ? 9   HIS A CD2  1 
ATOM 136  C CE1  . HIS A 1 9   ? 6.463   -9.974  -11.119 1.00 3.18 ? 9   HIS A CE1  1 
ATOM 137  N NE2  . HIS A 1 9   ? 6.498   -8.637  -11.145 1.00 3.01 ? 9   HIS A NE2  1 
ATOM 138  H H    . HIS A 1 9   ? 2.015   -6.703  -9.042  1.00 0.59 ? 9   HIS A H    1 
ATOM 139  H HA   . HIS A 1 9   ? 2.613   -8.370  -10.595 1.00 0.76 ? 9   HIS A HA   1 
ATOM 140  H HB2  . HIS A 1 9   ? 3.787   -9.095  -8.049  1.00 1.26 ? 9   HIS A HB2  1 
ATOM 141  H HB3  . HIS A 1 9   ? 3.316   -10.535 -8.944  1.00 1.21 ? 9   HIS A HB3  1 
ATOM 142  H HD1  . HIS A 1 9   ? 5.216   -11.371 -10.215 1.00 2.89 ? 9   HIS A HD1  1 
ATOM 143  H HD2  . HIS A 1 9   ? 5.133   -7.206  -10.175 1.00 2.60 ? 9   HIS A HD2  1 
ATOM 144  H HE1  . HIS A 1 9   ? 7.166   -10.609 -11.632 1.00 4.03 ? 9   HIS A HE1  1 
ATOM 145  N N    . HIS A 1 10  ? 1.516   -10.743 -10.541 1.00 1.26 ? 10  HIS A N    1 
ATOM 146  C CA   . HIS A 1 10  ? 0.677   -11.963 -10.657 1.00 1.80 ? 10  HIS A CA   1 
ATOM 147  C C    . HIS A 1 10  ? -0.787  -11.697 -11.017 1.00 1.03 ? 10  HIS A C    1 
ATOM 148  O O    . HIS A 1 10  ? -1.401  -12.478 -11.722 1.00 1.37 ? 10  HIS A O    1 
ATOM 149  C CB   . HIS A 1 10  ? 0.801   -12.525 -9.262  1.00 2.77 ? 10  HIS A CB   1 
ATOM 150  C CG   . HIS A 1 10  ? 0.232   -13.889 -9.121  1.00 3.61 ? 10  HIS A CG   1 
ATOM 151  N ND1  . HIS A 1 10  ? -1.008  -14.260 -9.615  1.00 4.21 ? 10  HIS A ND1  1 
ATOM 152  C CD2  . HIS A 1 10  ? 0.717   -14.973 -8.458  1.00 4.32 ? 10  HIS A CD2  1 
ATOM 153  C CE1  . HIS A 1 10  ? -1.225  -15.531 -9.230  1.00 5.01 ? 10  HIS A CE1  1 
ATOM 154  N NE2  . HIS A 1 10  ? -0.202  -16.014 -8.524  1.00 5.11 ? 10  HIS A NE2  1 
ATOM 155  H H    . HIS A 1 10  ? 2.344   -10.702 -11.018 1.00 1.34 ? 10  HIS A H    1 
ATOM 156  H HA   . HIS A 1 10  ? 1.097   -12.664 -11.355 1.00 2.44 ? 10  HIS A HA   1 
ATOM 157  H HB2  . HIS A 1 10  ? 1.849   -12.554 -8.980  1.00 3.21 ? 10  HIS A HB2  1 
ATOM 158  H HB3  . HIS A 1 10  ? 0.301   -11.856 -8.611  1.00 2.91 ? 10  HIS A HB3  1 
ATOM 159  H HD1  . HIS A 1 10  ? -1.614  -13.704 -10.143 1.00 4.29 ? 10  HIS A HD1  1 
ATOM 160  H HD2  . HIS A 1 10  ? 1.660   -15.001 -7.933  1.00 4.49 ? 10  HIS A HD2  1 
ATOM 161  H HE1  . HIS A 1 10  ? -2.130  -16.079 -9.434  1.00 5.74 ? 10  HIS A HE1  1 
ATOM 162  N N    . GLY A 1 11  ? -1.347  -10.646 -10.527 1.00 0.64 ? 11  GLY A N    1 
ATOM 163  C CA   . GLY A 1 11  ? -2.758  -10.358 -10.793 1.00 1.34 ? 11  GLY A CA   1 
ATOM 164  C C    . GLY A 1 11  ? -3.501  -10.050 -9.479  1.00 1.13 ? 11  GLY A C    1 
ATOM 165  O O    . GLY A 1 11  ? -4.699  -9.830  -9.521  1.00 1.53 ? 11  GLY A O    1 
ATOM 166  H H    . GLY A 1 11  ? -0.842  -10.060 -9.971  1.00 0.78 ? 11  GLY A H    1 
ATOM 167  H HA2  . GLY A 1 11  ? -2.841  -9.514  -11.472 1.00 1.93 ? 11  GLY A HA2  1 
ATOM 168  H HA3  . GLY A 1 11  ? -3.194  -11.219 -11.246 1.00 1.93 ? 11  GLY A HA3  1 
ATOM 169  N N    . HIS A 1 12  ? -2.840  -9.981  -8.307  1.00 0.57 ? 12  HIS A N    1 
ATOM 170  C CA   . HIS A 1 12  ? -3.631  -9.621  -7.086  1.00 0.43 ? 12  HIS A CA   1 
ATOM 171  C C    . HIS A 1 12  ? -3.175  -8.243  -6.645  1.00 0.31 ? 12  HIS A C    1 
ATOM 172  O O    . HIS A 1 12  ? -2.032  -7.866  -6.841  1.00 0.32 ? 12  HIS A O    1 
ATOM 173  C CB   . HIS A 1 12  ? -3.458  -10.530 -5.835  1.00 0.54 ? 12  HIS A CB   1 
ATOM 174  C CG   . HIS A 1 12  ? -2.987  -11.953 -6.058  1.00 1.16 ? 12  HIS A CG   1 
ATOM 175  N ND1  . HIS A 1 12  ? -2.067  -12.347 -7.018  1.00 1.90 ? 12  HIS A ND1  1 
ATOM 176  C CD2  . HIS A 1 12  ? -3.260  -13.088 -5.325  1.00 1.86 ? 12  HIS A CD2  1 
ATOM 177  C CE1  . HIS A 1 12  ? -1.824  -13.655 -6.823  1.00 2.51 ? 12  HIS A CE1  1 
ATOM 178  N NE2  . HIS A 1 12  ? -2.526  -14.153 -5.812  1.00 2.52 ? 12  HIS A NE2  1 
ATOM 179  H H    . HIS A 1 12  ? -1.865  -10.111 -8.242  1.00 0.41 ? 12  HIS A H    1 
ATOM 180  H HA   . HIS A 1 12  ? -4.671  -9.561  -7.368  1.00 0.46 ? 12  HIS A HA   1 
ATOM 181  H HB2  . HIS A 1 12  ? -2.757  -10.051 -5.194  1.00 1.28 ? 12  HIS A HB2  1 
ATOM 182  H HB3  . HIS A 1 12  ? -4.395  -10.573 -5.308  1.00 0.77 ? 12  HIS A HB3  1 
ATOM 183  H HD1  . HIS A 1 12  ? -1.670  -11.791 -7.709  1.00 2.29 ? 12  HIS A HD1  1 
ATOM 184  H HD2  . HIS A 1 12  ? -3.931  -13.134 -4.478  1.00 2.26 ? 12  HIS A HD2  1 
ATOM 185  H HE1  . HIS A 1 12  ? -1.123  -14.227 -7.397  1.00 3.23 ? 12  HIS A HE1  1 
ATOM 186  N N    . PHE A 1 13  ? -4.060  -7.485  -6.053  1.00 0.29 ? 13  PHE A N    1 
ATOM 187  C CA   . PHE A 1 13  ? -3.692  -6.135  -5.600  1.00 0.29 ? 13  PHE A CA   1 
ATOM 188  C C    . PHE A 1 13  ? -4.018  -5.971  -4.078  1.00 0.32 ? 13  PHE A C    1 
ATOM 189  O O    . PHE A 1 13  ? -5.090  -6.399  -3.641  1.00 0.35 ? 13  PHE A O    1 
ATOM 190  C CB   . PHE A 1 13  ? -4.446  -5.048  -6.434  1.00 0.31 ? 13  PHE A CB   1 
ATOM 191  C CG   . PHE A 1 13  ? -5.278  -5.517  -7.666  1.00 0.59 ? 13  PHE A CG   1 
ATOM 192  C CD1  . PHE A 1 13  ? -4.998  -6.686  -8.409  1.00 1.21 ? 13  PHE A CD1  1 
ATOM 193  C CD2  . PHE A 1 13  ? -6.357  -4.705  -8.077  1.00 1.66 ? 13  PHE A CD2  1 
ATOM 194  C CE1  . PHE A 1 13  ? -5.790  -7.028  -9.524  1.00 1.42 ? 13  PHE A CE1  1 
ATOM 195  C CE2  . PHE A 1 13  ? -7.138  -5.052  -9.192  1.00 2.07 ? 13  PHE A CE2  1 
ATOM 196  C CZ   . PHE A 1 13  ? -6.856  -6.214  -9.911  1.00 1.56 ? 13  PHE A CZ   1 
ATOM 197  H H    . PHE A 1 13  ? -4.968  -7.807  -5.913  1.00 0.32 ? 13  PHE A H    1 
ATOM 198  H HA   . PHE A 1 13  ? -2.648  -6.000  -5.727  1.00 0.33 ? 13  PHE A HA   1 
ATOM 199  H HB2  . PHE A 1 13  ? -5.111  -4.553  -5.776  1.00 0.88 ? 13  PHE A HB2  1 
ATOM 200  H HB3  . PHE A 1 13  ? -3.719  -4.338  -6.775  1.00 0.59 ? 13  PHE A HB3  1 
ATOM 201  H HD1  . PHE A 1 13  ? -4.182  -7.319  -8.135  1.00 2.02 ? 13  PHE A HD1  1 
ATOM 202  H HD2  . PHE A 1 13  ? -6.586  -3.805  -7.529  1.00 2.38 ? 13  PHE A HD2  1 
ATOM 203  H HE1  . PHE A 1 13  ? -5.577  -7.927  -10.082 1.00 2.09 ? 13  PHE A HE1  1 
ATOM 204  H HE2  . PHE A 1 13  ? -7.959  -4.417  -9.497  1.00 3.00 ? 13  PHE A HE2  1 
ATOM 205  H HZ   . PHE A 1 13  ? -7.460  -6.478  -10.770 1.00 1.94 ? 13  PHE A HZ   1 
ATOM 206  N N    . LEU A 1 14  ? -3.126  -5.337  -3.261  1.00 0.34 ? 14  LEU A N    1 
ATOM 207  C CA   . LEU A 1 14  ? -3.416  -5.125  -1.840  1.00 0.37 ? 14  LEU A CA   1 
ATOM 208  C C    . LEU A 1 14  ? -4.799  -4.482  -1.755  1.00 0.35 ? 14  LEU A C    1 
ATOM 209  O O    . LEU A 1 14  ? -5.043  -3.482  -2.425  1.00 0.38 ? 14  LEU A O    1 
ATOM 210  C CB   . LEU A 1 14  ? -2.468  -4.083  -1.282  1.00 0.38 ? 14  LEU A CB   1 
ATOM 211  C CG   . LEU A 1 14  ? -0.947  -4.382  -1.257  1.00 0.44 ? 14  LEU A CG   1 
ATOM 212  C CD1  . LEU A 1 14  ? -0.123  -3.146  -1.090  1.00 0.48 ? 14  LEU A CD1  1 
ATOM 213  C CD2  . LEU A 1 14  ? -0.641  -5.955  -1.401  1.00 0.46 ? 14  LEU A CD2  1 
ATOM 214  H H    . LEU A 1 14  ? -2.287  -4.981  -3.579  1.00 0.34 ? 14  LEU A H    1 
ATOM 215  H HA   . LEU A 1 14  ? -3.329  -6.028  -1.284  1.00 0.43 ? 14  LEU A HA   1 
ATOM 216  H HB2  . LEU A 1 14  ? -2.619  -3.197  -1.804  1.00 0.45 ? 14  LEU A HB2  1 
ATOM 217  H HB3  . LEU A 1 14  ? -2.701  -3.913  -0.304  1.00 0.41 ? 14  LEU A HB3  1 
ATOM 218  H HG   . LEU A 1 14  ? -0.448  -4.169  -1.925  1.00 0.53 ? 14  LEU A HG   1 
ATOM 219  H HD11 . LEU A 1 14  ? -0.393  -2.400  -1.799  1.00 1.06 ? 14  LEU A HD11 1 
ATOM 220  H HD12 . LEU A 1 14  ? -0.348  -2.800  -0.083  1.00 0.96 ? 14  LEU A HD12 1 
ATOM 221  H HD13 . LEU A 1 14  ? 0.919   -3.389  -1.137  1.00 1.28 ? 14  LEU A HD13 1 
ATOM 222  H HD21 . LEU A 1 14  ? -1.316  -6.449  -2.072  1.00 1.00 ? 14  LEU A HD21 1 
ATOM 223  H HD22 . LEU A 1 14  ? 0.389   -6.104  -1.727  1.00 0.77 ? 14  LEU A HD22 1 
ATOM 224  H HD23 . LEU A 1 14  ? -0.738  -6.380  -0.407  1.00 1.23 ? 14  LEU A HD23 1 
ATOM 225  N N    . SER A 1 15  ? -5.682  -4.972  -0.952  1.00 0.47 ? 15  SER A N    1 
ATOM 226  C CA   . SER A 1 15  ? -6.983  -4.321  -0.827  1.00 0.53 ? 15  SER A CA   1 
ATOM 227  C C    . SER A 1 15  ? -7.256  -4.366  0.670   1.00 0.71 ? 15  SER A C    1 
ATOM 228  O O    . SER A 1 15  ? -6.463  -4.911  1.433   1.00 0.81 ? 15  SER A O    1 
ATOM 229  C CB   . SER A 1 15  ? -8.033  -5.154  -1.590  1.00 0.58 ? 15  SER A CB   1 
ATOM 230  O OG   . SER A 1 15  ? -9.291  -4.480  -1.607  1.00 0.65 ? 15  SER A OG   1 
ATOM 231  H H    . SER A 1 15  ? -5.496  -5.756  -0.387  1.00 0.57 ? 15  SER A H    1 
ATOM 232  H HA   . SER A 1 15  ? -6.940  -3.286  -1.210  1.00 0.51 ? 15  SER A HA   1 
ATOM 233  H HB2  . SER A 1 15  ? -7.702  -5.311  -2.602  1.00 0.56 ? 15  SER A HB2  1 
ATOM 234  H HB3  . SER A 1 15  ? -8.141  -6.114  -1.101  1.00 0.69 ? 15  SER A HB3  1 
ATOM 235  H HG   . SER A 1 15  ? -9.130  -3.538  -1.652  1.00 1.01 ? 15  SER A HG   1 
ATOM 236  N N    . ALA A 1 16  ? -8.359  -3.902  1.111   1.00 0.82 ? 16  ALA A N    1 
ATOM 237  C CA   . ALA A 1 16  ? -8.634  -4.028  2.558   1.00 1.04 ? 16  ALA A CA   1 
ATOM 238  C C    . ALA A 1 16  ? -9.756  -5.075  2.644   1.00 1.13 ? 16  ALA A C    1 
ATOM 239  O O    . ALA A 1 16  ? -10.269 -5.491  1.614   1.00 1.21 ? 16  ALA A O    1 
ATOM 240  C CB   . ALA A 1 16  ? -9.043  -2.655  3.128   1.00 1.30 ? 16  ALA A CB   1 
ATOM 241  H H    . ALA A 1 16  ? -9.026  -3.517  0.504   1.00 0.81 ? 16  ALA A H    1 
ATOM 242  H HA   . ALA A 1 16  ? -7.749  -4.385  3.064   1.00 1.08 ? 16  ALA A HA   1 
ATOM 243  H HB1  . ALA A 1 16  ? -8.539  -1.877  2.576   1.00 1.88 ? 16  ALA A HB1  1 
ATOM 244  H HB2  . ALA A 1 16  ? -10.098 -2.516  3.041   1.00 1.66 ? 16  ALA A HB2  1 
ATOM 245  H HB3  . ALA A 1 16  ? -8.756  -2.596  4.168   1.00 1.56 ? 16  ALA A HB3  1 
ATOM 246  N N    . GLU A 1 17  ? -10.130 -5.555  3.798   1.00 1.25 ? 17  GLU A N    1 
ATOM 247  C CA   . GLU A 1 17  ? -11.233 -6.573  3.828   1.00 1.42 ? 17  GLU A CA   1 
ATOM 248  C C    . GLU A 1 17  ? -11.616 -6.836  5.307   1.00 1.64 ? 17  GLU A C    1 
ATOM 249  O O    . GLU A 1 17  ? -10.756 -7.182  6.104   1.00 1.63 ? 17  GLU A O    1 
ATOM 250  C CB   . GLU A 1 17  ? -10.728 -7.817  3.042   1.00 1.49 ? 17  GLU A CB   1 
ATOM 251  C CG   . GLU A 1 17  ? -11.690 -9.034  2.999   1.00 1.74 ? 17  GLU A CG   1 
ATOM 252  C CD   . GLU A 1 17  ? -12.918 -8.893  3.902   1.00 2.47 ? 17  GLU A CD   1 
ATOM 253  O OE1  . GLU A 1 17  ? -12.830 -9.300  5.050   1.00 3.11 ? 17  GLU A OE1  1 
ATOM 254  O OE2  . GLU A 1 17  ? -13.943 -8.436  3.418   1.00 2.96 ? 17  GLU A OE2  1 
ATOM 255  H H    . GLU A 1 17  ? -9.702  -5.248  4.636   1.00 1.30 ? 17  GLU A H    1 
ATOM 256  H HA   . GLU A 1 17  ? -12.086 -6.152  3.309   1.00 1.49 ? 17  GLU A HA   1 
ATOM 257  H HB2  . GLU A 1 17  ? -10.566 -7.507  2.018   1.00 1.94 ? 17  GLU A HB2  1 
ATOM 258  H HB3  . GLU A 1 17  ? -9.781  -8.128  3.451   1.00 1.82 ? 17  GLU A HB3  1 
ATOM 259  H HG2  . GLU A 1 17  ? -12.025 -9.176  1.981   1.00 2.07 ? 17  GLU A HG2  1 
ATOM 260  H HG3  . GLU A 1 17  ? -11.134 -9.908  3.300   1.00 2.20 ? 17  GLU A HG3  1 
ATOM 261  N N    . GLY A 1 18  ? -12.877 -6.670  5.706   1.00 1.93 ? 18  GLY A N    1 
ATOM 262  C CA   . GLY A 1 18  ? -13.239 -6.924  7.163   1.00 2.21 ? 18  GLY A CA   1 
ATOM 263  C C    . GLY A 1 18  ? -12.365 -6.045  8.062   1.00 2.17 ? 18  GLY A C    1 
ATOM 264  O O    . GLY A 1 18  ? -12.308 -4.840  7.893   1.00 2.26 ? 18  GLY A O    1 
ATOM 265  H H    . GLY A 1 18  ? -13.568 -6.383  5.059   1.00 2.00 ? 18  GLY A H    1 
ATOM 266  H HA2  . GLY A 1 18  ? -14.280 -6.701  7.356   1.00 2.46 ? 18  GLY A HA2  1 
ATOM 267  H HA3  . GLY A 1 18  ? -13.054 -7.963  7.399   1.00 2.46 ? 18  GLY A HA3  1 
ATOM 268  N N    . GLU A 1 19  ? -11.681 -6.643  9.006   1.00 2.31 ? 19  GLU A N    1 
ATOM 269  C CA   . GLU A 1 19  ? -10.793 -5.854  9.919   1.00 2.47 ? 19  GLU A CA   1 
ATOM 270  C C    . GLU A 1 19  ? -9.320  -6.144  9.597   1.00 2.10 ? 19  GLU A C    1 
ATOM 271  O O    . GLU A 1 19  ? -8.484  -6.222  10.488  1.00 2.32 ? 19  GLU A O    1 
ATOM 272  C CB   . GLU A 1 19  ? -11.055 -6.183  11.407  1.00 3.08 ? 19  GLU A CB   1 
ATOM 273  C CG   . GLU A 1 19  ? -11.663 -7.586  11.644  1.00 3.10 ? 19  GLU A CG   1 
ATOM 274  C CD   . GLU A 1 19  ? -10.796 -8.690  11.014  1.00 3.53 ? 19  GLU A CD   1 
ATOM 275  O OE1  . GLU A 1 19  ? -9.582  -8.622  11.139  1.00 4.11 ? 19  GLU A OE1  1 
ATOM 276  O OE2  . GLU A 1 19  ? -11.362 -9.598  10.430  1.00 3.77 ? 19  GLU A OE2  1 
ATOM 277  H H    . GLU A 1 19  ? -11.750 -7.610  9.103   1.00 2.50 ? 19  GLU A H    1 
ATOM 278  H HA   . GLU A 1 19  ? -10.978 -4.799  9.761   1.00 2.62 ? 19  GLU A HA   1 
ATOM 279  H HB2  . GLU A 1 19  ? -10.117 -6.132  11.934  1.00 3.51 ? 19  GLU A HB2  1 
ATOM 280  H HB3  . GLU A 1 19  ? -11.719 -5.440  11.812  1.00 3.36 ? 19  GLU A HB3  1 
ATOM 281  H HG2  . GLU A 1 19  ? -11.706 -7.752  12.712  1.00 3.01 ? 19  GLU A HG2  1 
ATOM 282  H HG3  . GLU A 1 19  ? -12.667 -7.630  11.240  1.00 3.46 ? 19  GLU A HG3  1 
ATOM 283  N N    . ALA A 1 20  ? -8.981  -6.308  8.339   1.00 1.69 ? 20  ALA A N    1 
ATOM 284  C CA   . ALA A 1 20  ? -7.556  -6.601  8.005   1.00 1.52 ? 20  ALA A CA   1 
ATOM 285  C C    . ALA A 1 20  ? -7.250  -6.341  6.527   1.00 1.36 ? 20  ALA A C    1 
ATOM 286  O O    . ALA A 1 20  ? -8.136  -6.230  5.682   1.00 1.34 ? 20  ALA A O    1 
ATOM 287  C CB   . ALA A 1 20  ? -7.257  -8.072  8.322   1.00 1.67 ? 20  ALA A CB   1 
ATOM 288  H H    . ALA A 1 20  ? -9.660  -6.246  7.626   1.00 1.68 ? 20  ALA A H    1 
ATOM 289  H HA   . ALA A 1 20  ? -6.916  -5.980  8.609   1.00 1.63 ? 20  ALA A HA   1 
ATOM 290  H HB1  . ALA A 1 20  ? -8.149  -8.665  8.172   1.00 1.86 ? 20  ALA A HB1  1 
ATOM 291  H HB2  . ALA A 1 20  ? -6.475  -8.430  7.667   1.00 2.30 ? 20  ALA A HB2  1 
ATOM 292  H HB3  . ALA A 1 20  ? -6.933  -8.161  9.349   1.00 1.76 ? 20  ALA A HB3  1 
ATOM 293  N N    . VAL A 1 21  ? -5.971  -6.257  6.231   1.00 1.28 ? 21  VAL A N    1 
ATOM 294  C CA   . VAL A 1 21  ? -5.503  -6.028  4.837   1.00 1.12 ? 21  VAL A CA   1 
ATOM 295  C C    . VAL A 1 21  ? -5.340  -7.381  4.130   1.00 0.94 ? 21  VAL A C    1 
ATOM 296  O O    . VAL A 1 21  ? -4.837  -8.329  4.706   1.00 0.95 ? 21  VAL A O    1 
ATOM 297  C CB   . VAL A 1 21  ? -4.171  -5.299  4.872   1.00 1.20 ? 21  VAL A CB   1 
ATOM 298  C CG1  . VAL A 1 21  ? -3.585  -5.152  3.468   1.00 1.09 ? 21  VAL A CG1  1 
ATOM 299  C CG2  . VAL A 1 21  ? -4.379  -3.923  5.481   1.00 1.59 ? 21  VAL A CG2  1 
ATOM 300  H H    . VAL A 1 21  ? -5.310  -6.357  6.945   1.00 1.37 ? 21  VAL A H    1 
ATOM 301  H HA   . VAL A 1 21  ? -6.202  -5.430  4.323   1.00 1.13 ? 21  VAL A HA   1 
ATOM 302  H HB   . VAL A 1 21  ? -3.507  -5.856  5.471   1.00 1.52 ? 21  VAL A HB   1 
ATOM 303  H HG11 . VAL A 1 21  ? -4.348  -5.360  2.734   1.00 1.26 ? 21  VAL A HG11 1 
ATOM 304  H HG12 . VAL A 1 21  ? -3.219  -4.144  3.333   1.00 1.62 ? 21  VAL A HG12 1 
ATOM 305  H HG13 . VAL A 1 21  ? -2.771  -5.849  3.350   1.00 1.43 ? 21  VAL A HG13 1 
ATOM 306  H HG21 . VAL A 1 21  ? -5.157  -3.411  4.938   1.00 2.08 ? 21  VAL A HG21 1 
ATOM 307  H HG22 . VAL A 1 21  ? -4.671  -4.030  6.515   1.00 2.04 ? 21  VAL A HG22 1 
ATOM 308  H HG23 . VAL A 1 21  ? -3.461  -3.359  5.419   1.00 1.97 ? 21  VAL A HG23 1 
ATOM 309  N N    . LYS A 1 22  ? -5.744  -7.465  2.886   1.00 0.85 ? 22  LYS A N    1 
ATOM 310  C CA   . LYS A 1 22  ? -5.605  -8.737  2.112   1.00 0.74 ? 22  LYS A CA   1 
ATOM 311  C C    . LYS A 1 22  ? -5.173  -8.383  0.680   1.00 0.63 ? 22  LYS A C    1 
ATOM 312  O O    . LYS A 1 22  ? -4.847  -7.249  0.376   1.00 0.67 ? 22  LYS A O    1 
ATOM 313  C CB   . LYS A 1 22  ? -6.949  -9.493  2.033   1.00 0.87 ? 22  LYS A CB   1 
ATOM 314  C CG   . LYS A 1 22  ? -7.459  -9.927  3.420   1.00 1.32 ? 22  LYS A CG   1 
ATOM 315  C CD   . LYS A 1 22  ? -6.449  -10.914 4.045   1.00 1.62 ? 22  LYS A CD   1 
ATOM 316  C CE   . LYS A 1 22  ? -7.164  -11.978 4.910   1.00 2.05 ? 22  LYS A CE   1 
ATOM 317  N NZ   . LYS A 1 22  ? -8.384  -12.499 4.214   1.00 2.25 ? 22  LYS A NZ   1 
ATOM 318  H H    . LYS A 1 22  ? -6.116  -6.681  2.448   1.00 0.90 ? 22  LYS A H    1 
ATOM 319  H HA   . LYS A 1 22  ? -4.868  -9.359  2.572   1.00 0.78 ? 22  LYS A HA   1 
ATOM 320  H HB2  . LYS A 1 22  ? -7.661  -8.865  1.555   1.00 0.94 ? 22  LYS A HB2  1 
ATOM 321  H HB3  . LYS A 1 22  ? -6.828  -10.378 1.438   1.00 1.20 ? 22  LYS A HB3  1 
ATOM 322  H HG2  . LYS A 1 22  ? -7.581  -9.063  4.057   1.00 1.61 ? 22  LYS A HG2  1 
ATOM 323  H HG3  . LYS A 1 22  ? -8.410  -10.423 3.299   1.00 2.09 ? 22  LYS A HG3  1 
ATOM 324  H HD2  . LYS A 1 22  ? -5.907  -11.409 3.254   1.00 2.29 ? 22  LYS A HD2  1 
ATOM 325  H HD3  . LYS A 1 22  ? -5.752  -10.368 4.662   1.00 1.78 ? 22  LYS A HD3  1 
ATOM 326  H HE2  . LYS A 1 22  ? -6.485  -12.799 5.091   1.00 2.43 ? 22  LYS A HE2  1 
ATOM 327  H HE3  . LYS A 1 22  ? -7.451  -11.541 5.855   1.00 2.67 ? 22  LYS A HE3  1 
ATOM 328  H HZ1  . LYS A 1 22  ? -8.292  -12.358 3.187   1.00 2.53 ? 22  LYS A HZ1  1 
ATOM 329  H HZ2  . LYS A 1 22  ? -8.493  -13.514 4.414   1.00 2.69 ? 22  LYS A HZ2  1 
ATOM 330  H HZ3  . LYS A 1 22  ? -9.220  -11.990 4.561   1.00 2.53 ? 22  LYS A HZ3  1 
ATOM 331  N N    . THR A 1 23  ? -5.218  -9.344  -0.202  1.00 0.55 ? 23  THR A N    1 
ATOM 332  C CA   . THR A 1 23  ? -4.871  -9.114  -1.636  1.00 0.49 ? 23  THR A CA   1 
ATOM 333  C C    . THR A 1 23  ? -5.921  -9.819  -2.475  1.00 0.54 ? 23  THR A C    1 
ATOM 334  O O    . THR A 1 23  ? -6.173  -11.001 -2.304  1.00 0.73 ? 23  THR A O    1 
ATOM 335  C CB   . THR A 1 23  ? -3.483  -9.667  -1.989  1.00 0.52 ? 23  THR A CB   1 
ATOM 336  O OG1  . THR A 1 23  ? -3.519  -11.089 -2.026  1.00 0.63 ? 23  THR A OG1  1 
ATOM 337  C CG2  . THR A 1 23  ? -2.449  -9.204  -0.962  1.00 0.60 ? 23  THR A CG2  1 
ATOM 338  H H    . THR A 1 23  ? -5.520  -10.223 0.073   1.00 0.61 ? 23  THR A H    1 
ATOM 339  H HA   . THR A 1 23  ? -4.901  -8.067  -1.855  1.00 0.47 ? 23  THR A HA   1 
ATOM 340  H HB   . THR A 1 23  ? -3.203  -9.292  -2.965  1.00 0.62 ? 23  THR A HB   1 
ATOM 341  H HG1  . THR A 1 23  ? -3.554  -11.412 -1.123  1.00 1.04 ? 23  THR A HG1  1 
ATOM 342  H HG21 . THR A 1 23  ? -2.440  -8.126  -0.917  1.00 1.33 ? 23  THR A HG21 1 
ATOM 343  H HG22 . THR A 1 23  ? -2.702  -9.605  0.008   1.00 1.07 ? 23  THR A HG22 1 
ATOM 344  H HG23 . THR A 1 23  ? -1.473  -9.561  -1.254  1.00 1.09 ? 23  THR A HG23 1 
ATOM 345  N N    . HIS A 1 24  ? -6.537  -9.117  -3.378  1.00 0.44 ? 24  HIS A N    1 
ATOM 346  C CA   . HIS A 1 24  ? -7.580  -9.786  -4.226  1.00 0.52 ? 24  HIS A CA   1 
ATOM 347  C C    . HIS A 1 24  ? -7.297  -9.475  -5.691  1.00 0.50 ? 24  HIS A C    1 
ATOM 348  O O    . HIS A 1 24  ? -6.385  -8.738  -6.008  1.00 0.58 ? 24  HIS A O    1 
ATOM 349  C CB   . HIS A 1 24  ? -8.990  -9.259  -3.882  1.00 0.65 ? 24  HIS A CB   1 
ATOM 350  C CG   . HIS A 1 24  ? -9.376  -9.611  -2.463  1.00 1.07 ? 24  HIS A CG   1 
ATOM 351  N ND1  . HIS A 1 24  ? -8.685  -9.135  -1.357  1.00 1.99 ? 24  HIS A ND1  1 
ATOM 352  C CD2  . HIS A 1 24  ? -10.403 -10.374 -1.958  1.00 1.62 ? 24  HIS A CD2  1 
ATOM 353  C CE1  . HIS A 1 24  ? -9.299  -9.612  -0.259  1.00 2.53 ? 24  HIS A CE1  1 
ATOM 354  N NE2  . HIS A 1 24  ? -10.351 -10.374 -0.568  1.00 2.34 ? 24  HIS A NE2  1 
ATOM 355  H H    . HIS A 1 24  ? -6.315  -8.156  -3.502  1.00 0.39 ? 24  HIS A H    1 
ATOM 356  H HA   . HIS A 1 24  ? -7.545  -10.854 -4.066  1.00 0.65 ? 24  HIS A HA   1 
ATOM 357  H HB2  . HIS A 1 24  ? -9.017  -8.186  -4.004  1.00 1.12 ? 24  HIS A HB2  1 
ATOM 358  H HB3  . HIS A 1 24  ? -9.703  -9.705  -4.561  1.00 0.96 ? 24  HIS A HB3  1 
ATOM 359  H HD1  . HIS A 1 24  ? -7.898  -8.552  -1.372  1.00 2.51 ? 24  HIS A HD1  1 
ATOM 360  H HD2  . HIS A 1 24  ? -11.148 -10.887 -2.550  1.00 2.03 ? 24  HIS A HD2  1 
ATOM 361  H HE1  . HIS A 1 24  ? -8.985  -9.403  0.751   1.00 3.36 ? 24  HIS A HE1  1 
ATOM 362  N N    . HIS A 1 25  ? -8.111  -9.975  -6.584  1.00 0.65 ? 25  HIS A N    1 
ATOM 363  C CA   . HIS A 1 25  ? -7.934  -9.617  -8.020  1.00 0.69 ? 25  HIS A CA   1 
ATOM 364  C C    . HIS A 1 25  ? -8.566  -8.200  -8.103  1.00 1.06 ? 25  HIS A C    1 
ATOM 365  O O    . HIS A 1 25  ? -8.026  -7.225  -7.620  1.00 2.05 ? 25  HIS A O    1 
ATOM 366  C CB   . HIS A 1 25  ? -8.750  -10.574 -8.925  1.00 0.94 ? 25  HIS A CB   1 
ATOM 367  C CG   . HIS A 1 25  ? -8.102  -11.903 -9.246  1.00 1.25 ? 25  HIS A CG   1 
ATOM 368  N ND1  . HIS A 1 25  ? -8.906  -12.984 -9.576  1.00 1.96 ? 25  HIS A ND1  1 
ATOM 369  C CD2  . HIS A 1 25  ? -6.806  -12.332 -9.441  1.00 2.23 ? 25  HIS A CD2  1 
ATOM 370  C CE1  . HIS A 1 25  ? -8.112  -13.991 -9.963  1.00 2.78 ? 25  HIS A CE1  1 
ATOM 371  N NE2  . HIS A 1 25  ? -6.820  -13.653 -9.899  1.00 2.97 ? 25  HIS A NE2  1 
ATOM 372  H H    . HIS A 1 25  ? -8.879  -10.519 -6.301  1.00 0.85 ? 25  HIS A H    1 
ATOM 373  H HA   . HIS A 1 25  ? -6.887  -9.599  -8.291  1.00 0.69 ? 25  HIS A HA   1 
ATOM 374  H HB2  . HIS A 1 25  ? -9.689  -10.778 -8.437  1.00 1.75 ? 25  HIS A HB2  1 
ATOM 375  H HB3  . HIS A 1 25  ? -8.957  -10.061 -9.853  1.00 1.49 ? 25  HIS A HB3  1 
ATOM 376  H HD1  . HIS A 1 25  ? -9.885  -13.009 -9.521  1.00 2.35 ? 25  HIS A HD1  1 
ATOM 377  H HD2  . HIS A 1 25  ? -5.917  -11.746 -9.267  1.00 2.79 ? 25  HIS A HD2  1 
ATOM 378  H HE1  . HIS A 1 25  ? -8.477  -14.946 -10.318 1.00 3.61 ? 25  HIS A HE1  1 
ATOM 379  N N    . GLY A 1 26  ? -9.784  -8.154  -8.585  1.00 1.04 ? 26  GLY A N    1 
ATOM 380  C CA   . GLY A 1 26  ? -10.637 -6.923  -8.628  1.00 1.43 ? 26  GLY A CA   1 
ATOM 381  C C    . GLY A 1 26  ? -11.968 -7.542  -8.237  1.00 1.60 ? 26  GLY A C    1 
ATOM 382  O O    . GLY A 1 26  ? -12.199 -7.841  -7.086  1.00 2.38 ? 26  GLY A O    1 
ATOM 383  H H    . GLY A 1 26  ? -10.202 -8.992  -8.862  1.00 1.50 ? 26  GLY A H    1 
ATOM 384  H HA2  . GLY A 1 26  ? -10.307 -6.196  -7.897  1.00 2.06 ? 26  GLY A HA2  1 
ATOM 385  H HA3  . GLY A 1 26  ? -10.686 -6.505  -9.618  1.00 1.82 ? 26  GLY A HA3  1 
ATOM 386  N N    . HIS A 1 27  ? -12.734 -7.925  -9.215  1.00 1.82 ? 27  HIS A N    1 
ATOM 387  C CA   . HIS A 1 27  ? -13.933 -8.762  -8.956  1.00 2.52 ? 27  HIS A CA   1 
ATOM 388  C C    . HIS A 1 27  ? -15.207 -8.139  -8.349  1.00 2.31 ? 27  HIS A C    1 
ATOM 389  O O    . HIS A 1 27  ? -15.723 -7.136  -8.802  1.00 2.64 ? 27  HIS A O    1 
ATOM 390  C CB   . HIS A 1 27  ? -13.514 -9.968  -8.116  1.00 3.44 ? 27  HIS A CB   1 
ATOM 391  C CG   . HIS A 1 27  ? -14.710 -11.125 -8.374  1.00 4.24 ? 27  HIS A CG   1 
ATOM 392  N ND1  . HIS A 1 27  ? -14.714 -11.894 -9.638  1.00 4.88 ? 27  HIS A ND1  1 
ATOM 393  C CD2  . HIS A 1 27  ? -15.503 -12.111 -9.223  1.00 4.87 ? 27  HIS A CD2  1 
ATOM 394  C CE1  . HIS A 1 27  ? -15.426 -11.500 -8.486  1.00 5.75 ? 27  HIS A CE1  1 
ATOM 395  N NE2  . HIS A 1 27  ? -14.308 -11.510 -9.304  1.00 5.78 ? 27  HIS A NE2  1 
ATOM 396  H H    . HIS A 1 27  ? -12.435 -7.801  -10.145 1.00 2.09 ? 27  HIS A H    1 
ATOM 397  H HA   . HIS A 1 27  ? -14.235 -9.161  -9.905  1.00 3.05 ? 27  HIS A HA   1 
ATOM 398  H HB2  . HIS A 1 27  ? -12.546 -10.331 -8.433  1.00 3.66 ? 27  HIS A HB2  1 
ATOM 399  H HB3  . HIS A 1 27  ? -13.491 -9.704  -7.064  1.00 3.77 ? 27  HIS A HB3  1 
ATOM 400  H HD2  . HIS A 1 27  ? -15.808 -13.174 -9.029  1.00 4.88 ? 27  HIS A HD2  1 
ATOM 401  H HE1  . HIS A 1 27  ? -16.439 -10.855 -8.442  1.00 6.53 ? 27  HIS A HE1  1 
ATOM 402  H HE2  . HIS A 1 27  ? -14.131 -11.495 -10.438 1.00 4.91 ? 27  HIS A HE2  1 
ATOM 403  N N    . HIS A 1 28  ? -15.766 -8.869  -7.387  1.00 2.43 ? 28  HIS A N    1 
ATOM 404  C CA   . HIS A 1 28  ? -17.039 -8.568  -6.794  1.00 2.61 ? 28  HIS A CA   1 
ATOM 405  C C    . HIS A 1 28  ? -16.914 -7.604  -5.727  1.00 2.28 ? 28  HIS A C    1 
ATOM 406  O O    . HIS A 1 28  ? -15.871 -7.329  -5.156  1.00 2.51 ? 28  HIS A O    1 
ATOM 407  C CB   . HIS A 1 28  ? -17.600 -9.833  -6.112  1.00 3.15 ? 28  HIS A CB   1 
ATOM 408  C CG   . HIS A 1 28  ? -18.356 -10.671 -7.085  1.00 3.36 ? 28  HIS A CG   1 
ATOM 409  N ND1  . HIS A 1 28  ? -19.479 -10.209 -7.745  1.00 3.46 ? 28  HIS A ND1  1 
ATOM 410  C CD2  . HIS A 1 28  ? -18.151 -11.948 -7.530  1.00 4.11 ? 28  HIS A CD2  1 
ATOM 411  C CE1  . HIS A 1 28  ? -19.901 -11.194 -8.555  1.00 4.17 ? 28  HIS A CE1  1 
ATOM 412  N NE2  . HIS A 1 28  ? -19.126 -12.279 -8.462  1.00 4.62 ? 28  HIS A NE2  1 
ATOM 413  H H    . HIS A 1 28  ? -15.360 -9.675  -7.098  1.00 2.81 ? 28  HIS A H    1 
ATOM 414  H HA   . HIS A 1 28  ? -17.741 -8.226  -7.533  1.00 3.02 ? 28  HIS A HA   1 
ATOM 415  H HB2  . HIS A 1 28  ? -16.786 -10.409 -5.701  1.00 3.44 ? 28  HIS A HB2  1 
ATOM 416  H HB3  . HIS A 1 28  ? -18.261 -9.540  -5.307  1.00 3.72 ? 28  HIS A HB3  1 
ATOM 417  H HD1  . HIS A 1 28  ? -19.899 -9.328  -7.632  1.00 3.37 ? 28  HIS A HD1  1 
ATOM 418  H HD2  . HIS A 1 28  ? -17.350 -12.597 -7.205  1.00 4.54 ? 28  HIS A HD2  1 
ATOM 419  H HE1  . HIS A 1 28  ? -20.755 -11.115 -9.207  1.00 4.63 ? 28  HIS A HE1  1 
ATOM 420  N N    . ASP A 1 29  ? -18.038 -7.197  -5.398  1.00 2.34 ? 29  ASP A N    1 
ATOM 421  C CA   . ASP A 1 29  ? -18.222 -6.342  -4.311  1.00 2.41 ? 29  ASP A CA   1 
ATOM 422  C C    . ASP A 1 29  ? -17.438 -5.056  -4.360  1.00 2.13 ? 29  ASP A C    1 
ATOM 423  O O    . ASP A 1 29  ? -17.830 -4.135  -5.069  1.00 2.75 ? 29  ASP A O    1 
ATOM 424  C CB   . ASP A 1 29  ? -18.061 -7.087  -2.956  1.00 3.07 ? 29  ASP A CB   1 
ATOM 425  C CG   . ASP A 1 29  ? -18.011 -8.599  -3.144  1.00 3.72 ? 29  ASP A CG   1 
ATOM 426  O OD1  . ASP A 1 29  ? -19.069 -9.197  -3.248  1.00 4.21 ? 29  ASP A OD1  1 
ATOM 427  O OD2  . ASP A 1 29  ? -16.916 -9.134  -3.162  1.00 4.18 ? 29  ASP A OD2  1 
ATOM 428  H H    . ASP A 1 29  ? -18.832 -7.539  -5.867  1.00 2.71 ? 29  ASP A H    1 
ATOM 429  H HA   . ASP A 1 29  ? -19.253 -6.043  -4.360  1.00 2.86 ? 29  ASP A HA   1 
ATOM 430  H HB2  . ASP A 1 29  ? -17.172 -6.778  -2.454  1.00 3.37 ? 29  ASP A HB2  1 
ATOM 431  H HB3  . ASP A 1 29  ? -18.908 -6.848  -2.338  1.00 3.46 ? 29  ASP A HB3  1 
ATOM 432  N N    . HIS A 1 30  ? -16.568 -4.866  -3.392  1.00 1.96 ? 30  HIS A N    1 
ATOM 433  C CA   . HIS A 1 30  ? -16.187 -3.494  -3.185  1.00 2.34 ? 30  HIS A CA   1 
ATOM 434  C C    . HIS A 1 30  ? -15.502 -3.189  -1.843  1.00 1.98 ? 30  HIS A C    1 
ATOM 435  O O    . HIS A 1 30  ? -15.100 -4.038  -1.088  1.00 2.39 ? 30  HIS A O    1 
ATOM 436  C CB   . HIS A 1 30  ? -17.618 -3.019  -2.630  1.00 3.28 ? 30  HIS A CB   1 
ATOM 437  C CG   . HIS A 1 30  ? -18.851 -3.929  -2.716  1.00 3.97 ? 30  HIS A CG   1 
ATOM 438  N ND1  . HIS A 1 30  ? -19.208 -4.846  -1.703  1.00 4.48 ? 30  HIS A ND1  1 
ATOM 439  C CD2  . HIS A 1 30  ? -19.892 -3.934  -3.591  1.00 4.69 ? 30  HIS A CD2  1 
ATOM 440  C CE1  . HIS A 1 30  ? -20.433 -5.327  -2.013  1.00 5.28 ? 30  HIS A CE1  1 
ATOM 441  N NE2  . HIS A 1 30  ? -20.887 -4.806  -3.154  1.00 5.46 ? 30  HIS A NE2  1 
ATOM 442  H H    . HIS A 1 30  ? -16.409 -5.510  -2.698  1.00 2.20 ? 30  HIS A H    1 
ATOM 443  H HA   . HIS A 1 30  ? -15.919 -2.899  -4.046  1.00 2.87 ? 30  HIS A HA   1 
ATOM 444  H HB2  . HIS A 1 30  ? -17.473 -2.961  -1.561  1.00 3.58 ? 30  HIS A HB2  1 
ATOM 445  H HB3  . HIS A 1 30  ? -17.849 -2.039  -2.982  1.00 3.74 ? 30  HIS A HB3  1 
ATOM 446  H HD1  . HIS A 1 30  ? -18.663 -5.111  -0.925  1.00 4.54 ? 30  HIS A HD1  1 
ATOM 447  H HD2  . HIS A 1 30  ? -19.913 -3.372  -4.507  1.00 4.91 ? 30  HIS A HD2  1 
ATOM 448  H HE1  . HIS A 1 30  ? -20.995 -6.019  -1.397  1.00 5.97 ? 30  HIS A HE1  1 
ATOM 449  N N    . HIS A 1 31  ? -15.904 -1.961  -1.488  1.00 1.97 ? 31  HIS A N    1 
ATOM 450  C CA   . HIS A 1 31  ? -15.936 -1.430  -0.121  1.00 2.17 ? 31  HIS A CA   1 
ATOM 451  C C    . HIS A 1 31  ? -14.810 -1.615  0.777   1.00 1.87 ? 31  HIS A C    1 
ATOM 452  O O    . HIS A 1 31  ? -14.956 -1.590  1.997   1.00 2.62 ? 31  HIS A O    1 
ATOM 453  C CB   . HIS A 1 31  ? -17.116 -2.176  0.445   1.00 3.06 ? 31  HIS A CB   1 
ATOM 454  C CG   . HIS A 1 31  ? -18.351 -1.546  -0.097  1.00 3.88 ? 31  HIS A CG   1 
ATOM 455  N ND1  . HIS A 1 31  ? -18.498 -0.183  -0.113  1.00 4.42 ? 31  HIS A ND1  1 
ATOM 456  C CD2  . HIS A 1 31  ? -19.473 -2.055  -0.696  1.00 4.64 ? 31  HIS A CD2  1 
ATOM 457  C CE1  . HIS A 1 31  ? -19.665 0.092   -0.708  1.00 5.23 ? 31  HIS A CE1  1 
ATOM 458  N NE2  . HIS A 1 31  ? -20.303 -1.017  -1.085  1.00 5.42 ? 31  HIS A NE2  1 
ATOM 459  H H    . HIS A 1 31  ? -16.457 -1.468  -2.121  1.00 2.34 ? 31  HIS A H    1 
ATOM 460  H HA   . HIS A 1 31  ? -16.198 -0.402  -0.156  1.00 2.46 ? 31  HIS A HA   1 
ATOM 461  H HB2  . HIS A 1 31  ? -17.067 -3.215  0.122   1.00 3.18 ? 31  HIS A HB2  1 
ATOM 462  H HB3  . HIS A 1 31  ? -17.109 -2.128  1.514   1.00 3.52 ? 31  HIS A HB3  1 
ATOM 463  H HD1  . HIS A 1 31  ? -17.860 0.465   0.247   1.00 4.47 ? 31  HIS A HD1  1 
ATOM 464  H HD2  . HIS A 1 31  ? -19.668 -3.098  -0.856  1.00 4.83 ? 31  HIS A HD2  1 
ATOM 465  H HE1  . HIS A 1 31  ? -20.039 1.087   -0.863  1.00 5.89 ? 31  HIS A HE1  1 
ATOM 466  N N    . THR A 1 32  ? -13.730 -1.749  0.236   1.00 1.42 ? 32  THR A N    1 
ATOM 467  C CA   . THR A 1 32  ? -12.554 -1.883  1.041   1.00 1.43 ? 32  THR A CA   1 
ATOM 468  C C    . THR A 1 32  ? -11.439 -1.614  0.100   1.00 1.18 ? 32  THR A C    1 
ATOM 469  O O    . THR A 1 32  ? -10.372 -2.218  0.124   1.00 1.52 ? 32  THR A O    1 
ATOM 470  C CB   . THR A 1 32  ? -12.619 -3.250  1.631   1.00 1.84 ? 32  THR A CB   1 
ATOM 471  O OG1  . THR A 1 32  ? -11.465 -3.538  2.327   1.00 2.31 ? 32  THR A OG1  1 
ATOM 472  C CG2  . THR A 1 32  ? -12.950 -4.305  0.555   1.00 2.94 ? 32  THR A CG2  1 
ATOM 473  H H    . THR A 1 32  ? -13.655 -1.744  -0.742  1.00 1.75 ? 32  THR A H    1 
ATOM 474  H HA   . THR A 1 32  ? -12.550 -1.141  1.821   1.00 1.78 ? 32  THR A HA   1 
ATOM 475  H HB   . THR A 1 32  ? -13.439 -3.247  2.337   1.00 1.94 ? 32  THR A HB   1 
ATOM 476  H HG1  . THR A 1 32  ? -11.642 -3.392  3.277   1.00 2.51 ? 32  THR A HG1  1 
ATOM 477  H HG21 . THR A 1 32  ? -12.580 -4.020  -0.431  1.00 3.37 ? 32  THR A HG21 1 
ATOM 478  H HG22 . THR A 1 32  ? -12.511 -5.233  0.848   1.00 3.34 ? 32  THR A HG22 1 
ATOM 479  H HG23 . THR A 1 32  ? -14.020 -4.422  0.520   1.00 3.45 ? 32  THR A HG23 1 
ATOM 480  N N    . HIS A 1 33  ? -11.735 -0.653  -0.758  1.00 0.96 ? 33  HIS A N    1 
ATOM 481  C CA   . HIS A 1 33  ? -10.851 -0.189  -1.773  1.00 0.88 ? 33  HIS A CA   1 
ATOM 482  C C    . HIS A 1 33  ? -9.850  0.730   -1.124  1.00 0.71 ? 33  HIS A C    1 
ATOM 483  O O    . HIS A 1 33  ? -9.778  0.813   0.088   1.00 0.82 ? 33  HIS A O    1 
ATOM 484  C CB   . HIS A 1 33  ? -11.683 0.484   -2.863  1.00 1.12 ? 33  HIS A CB   1 
ATOM 485  C CG   . HIS A 1 33  ? -12.594 1.544   -2.290  1.00 0.96 ? 33  HIS A CG   1 
ATOM 486  N ND1  . HIS A 1 33  ? -13.972 1.489   -2.444  1.00 1.61 ? 33  HIS A ND1  1 
ATOM 487  C CD2  . HIS A 1 33  ? -12.342 2.699   -1.586  1.00 1.26 ? 33  HIS A CD2  1 
ATOM 488  C CE1  . HIS A 1 33  ? -14.490 2.580   -1.850  1.00 1.59 ? 33  HIS A CE1  1 
ATOM 489  N NE2  . HIS A 1 33  ? -13.540 3.350   -1.311  1.00 1.26 ? 33  HIS A NE2  1 
ATOM 490  H H    . HIS A 1 33  ? -12.604 -0.220  -0.700  1.00 1.17 ? 33  HIS A H    1 
ATOM 491  H HA   . HIS A 1 33  ? -10.326 -1.034  -2.195  1.00 1.05 ? 33  HIS A HA   1 
ATOM 492  H HB2  . HIS A 1 33  ? -11.035 0.927   -3.567  1.00 1.43 ? 33  HIS A HB2  1 
ATOM 493  H HB3  . HIS A 1 33  ? -12.293 -0.274  -3.359  1.00 1.64 ? 33  HIS A HB3  1 
ATOM 494  H HD1  . HIS A 1 33  ? -14.476 0.788   -2.905  1.00 2.35 ? 33  HIS A HD1  1 
ATOM 495  H HD2  . HIS A 1 33  ? -11.360 3.052   -1.297  1.00 2.05 ? 33  HIS A HD2  1 
ATOM 496  H HE1  . HIS A 1 33  ? -15.546 2.807   -1.821  1.00 2.28 ? 33  HIS A HE1  1 
ATOM 497  N N    . PHE A 1 34  ? -9.009  1.324   -1.879  1.00 0.54 ? 34  PHE A N    1 
ATOM 498  C CA   . PHE A 1 34  ? -7.954  2.071   -1.259  1.00 0.47 ? 34  PHE A CA   1 
ATOM 499  C C    . PHE A 1 34  ? -7.716  3.346   -2.071  1.00 0.37 ? 34  PHE A C    1 
ATOM 500  O O    . PHE A 1 34  ? -7.720  3.379   -3.298  1.00 0.38 ? 34  PHE A O    1 
ATOM 501  C CB   . PHE A 1 34  ? -6.841  1.049   -1.311  1.00 0.57 ? 34  PHE A CB   1 
ATOM 502  C CG   . PHE A 1 34  ? -6.182  0.671   -0.031  1.00 1.20 ? 34  PHE A CG   1 
ATOM 503  C CD1  . PHE A 1 34  ? -6.945  0.355   1.093   1.00 2.14 ? 34  PHE A CD1  1 
ATOM 504  C CD2  . PHE A 1 34  ? -4.848  0.350   -0.082  1.00 1.99 ? 34  PHE A CD2  1 
ATOM 505  C CE1  . PHE A 1 34  ? -6.333  -0.217  2.201   1.00 3.02 ? 34  PHE A CE1  1 
ATOM 506  C CE2  . PHE A 1 34  ? -4.236  -0.266  0.992   1.00 2.85 ? 34  PHE A CE2  1 
ATOM 507  C CZ   . PHE A 1 34  ? -4.975  -0.572  2.142   1.00 3.19 ? 34  PHE A CZ   1 
ATOM 508  H H    . PHE A 1 34  ? -9.007  1.205   -2.835  1.00 0.55 ? 34  PHE A H    1 
ATOM 509  H HA   . PHE A 1 34  ? -8.210  2.290   -0.235  1.00 0.56 ? 34  PHE A HA   1 
ATOM 510  H HB2  . PHE A 1 34  ? -7.312  0.160   -1.584  1.00 0.96 ? 34  PHE A HB2  1 
ATOM 511  H HB3  . PHE A 1 34  ? -6.128  1.278   -2.058  1.00 0.98 ? 34  PHE A HB3  1 
ATOM 512  H HD1  . PHE A 1 34  ? -7.984  0.644   1.151   1.00 2.59 ? 34  PHE A HD1  1 
ATOM 513  H HD2  . PHE A 1 34  ? -4.274  0.622   -0.946  1.00 2.42 ? 34  PHE A HD2  1 
ATOM 514  H HE1  . PHE A 1 34  ? -6.927  -0.436  3.068   1.00 3.86 ? 34  PHE A HE1  1 
ATOM 515  H HE2  . PHE A 1 34  ? -3.204  -0.510  0.919   1.00 3.59 ? 34  PHE A HE2  1 
ATOM 516  H HZ   . PHE A 1 34  ? -4.505  -1.086  2.971   1.00 3.97 ? 34  PHE A HZ   1 
ATOM 517  N N    . HIS A 1 35  ? -7.583  4.385   -1.345  1.00 0.46 ? 35  HIS A N    1 
ATOM 518  C CA   . HIS A 1 35  ? -7.440  5.772   -1.954  1.00 0.51 ? 35  HIS A CA   1 
ATOM 519  C C    . HIS A 1 35  ? -6.058  6.355   -1.706  1.00 0.50 ? 35  HIS A C    1 
ATOM 520  O O    . HIS A 1 35  ? -5.601  6.455   -0.570  1.00 0.60 ? 35  HIS A O    1 
ATOM 521  C CB   . HIS A 1 35  ? -8.548  6.708   -1.384  1.00 0.60 ? 35  HIS A CB   1 
ATOM 522  C CG   . HIS A 1 35  ? -8.775  8.007   -2.151  1.00 0.80 ? 35  HIS A CG   1 
ATOM 523  N ND1  . HIS A 1 35  ? -8.014  8.405   -3.228  1.00 1.54 ? 35  HIS A ND1  1 
ATOM 524  C CD2  . HIS A 1 35  ? -9.693  9.029   -1.955  1.00 1.34 ? 35  HIS A CD2  1 
ATOM 525  C CE1  . HIS A 1 35  ? -8.460  9.609   -3.631  1.00 1.68 ? 35  HIS A CE1  1 
ATOM 526  N NE2  . HIS A 1 35  ? -9.484  10.035  -2.892  1.00 1.47 ? 35  HIS A NE2  1 
ATOM 527  H H    . HIS A 1 35  ? -7.634  4.238   -0.391  1.00 0.58 ? 35  HIS A H    1 
ATOM 528  H HA   . HIS A 1 35  ? -7.570  5.682   -3.014  1.00 0.55 ? 35  HIS A HA   1 
ATOM 529  H HB2  . HIS A 1 35  ? -9.425  6.163   -1.438  1.00 0.72 ? 35  HIS A HB2  1 
ATOM 530  H HB3  . HIS A 1 35  ? -8.345  6.958   -0.346  1.00 0.84 ? 35  HIS A HB3  1 
ATOM 531  H HD1  . HIS A 1 35  ? -7.311  7.889   -3.651  1.00 2.23 ? 35  HIS A HD1  1 
ATOM 532  H HD2  . HIS A 1 35  ? -10.471 9.040   -1.200  1.00 2.10 ? 35  HIS A HD2  1 
ATOM 533  H HE1  . HIS A 1 35  ? -8.028  10.170  -4.447  1.00 2.38 ? 35  HIS A HE1  1 
ATOM 534  N N    . VAL A 1 36  ? -5.458  6.841   -2.806  1.00 0.44 ? 36  VAL A N    1 
ATOM 535  C CA   . VAL A 1 36  ? -4.138  7.542   -2.725  1.00 0.46 ? 36  VAL A CA   1 
ATOM 536  C C    . VAL A 1 36  ? -4.500  8.943   -2.780  1.00 0.54 ? 36  VAL A C    1 
ATOM 537  O O    . VAL A 1 36  ? -5.365  9.330   -3.589  1.00 0.65 ? 36  VAL A O    1 
ATOM 538  C CB   . VAL A 1 36  ? -3.183  7.513   -3.923  1.00 0.53 ? 36  VAL A CB   1 
ATOM 539  C CG1  . VAL A 1 36  ? -1.922  6.960   -3.449  1.00 1.11 ? 36  VAL A CG1  1 
ATOM 540  C CG2  . VAL A 1 36  ? -3.311  6.462   -4.956  1.00 1.57 ? 36  VAL A CG2  1 
ATOM 541  H H    . VAL A 1 36  ? -5.922  6.784   -3.623  1.00 0.45 ? 36  VAL A H    1 
ATOM 542  H HA   . VAL A 1 36  ? -3.601  7.262   -1.875  1.00 0.50 ? 36  VAL A HA   1 
ATOM 543  H HB   . VAL A 1 36  ? -3.138  8.448   -4.376  1.00 0.87 ? 36  VAL A HB   1 
ATOM 544  H HG11 . VAL A 1 36  ? -1.825  7.149   -2.438  1.00 1.66 ? 36  VAL A HG11 1 
ATOM 545  H HG12 . VAL A 1 36  ? -1.984  5.868   -3.643  1.00 1.61 ? 36  VAL A HG12 1 
ATOM 546  H HG13 . VAL A 1 36  ? -1.118  7.317   -4.066  1.00 1.69 ? 36  VAL A HG13 1 
ATOM 547  H HG21 . VAL A 1 36  ? -4.226  6.398   -5.548  1.00 2.23 ? 36  VAL A HG21 1 
ATOM 548  H HG22 . VAL A 1 36  ? -2.498  6.646   -5.680  1.00 2.08 ? 36  VAL A HG22 1 
ATOM 549  H HG23 . VAL A 1 36  ? -3.125  5.484   -4.488  1.00 2.02 ? 36  VAL A HG23 1 
ATOM 550  N N    . GLU A 1 37  ? -3.828  9.758   -2.000  1.00 0.57 ? 37  GLU A N    1 
ATOM 551  C CA   . GLU A 1 37  ? -4.097  11.215  -2.065  1.00 0.77 ? 37  GLU A CA   1 
ATOM 552  C C    . GLU A 1 37  ? -2.845  11.957  -1.502  1.00 0.66 ? 37  GLU A C    1 
ATOM 553  O O    . GLU A 1 37  ? -2.161  11.417  -0.653  1.00 0.55 ? 37  GLU A O    1 
ATOM 554  C CB   . GLU A 1 37  ? -5.401  11.497  -1.314  1.00 1.01 ? 37  GLU A CB   1 
ATOM 555  C CG   . GLU A 1 37  ? -5.595  12.997  -1.087  1.00 1.54 ? 37  GLU A CG   1 
ATOM 556  C CD   . GLU A 1 37  ? -6.494  13.592  -2.189  1.00 2.11 ? 37  GLU A CD   1 
ATOM 557  O OE1  . GLU A 1 37  ? -7.331  12.872  -2.722  1.00 2.60 ? 37  GLU A OE1  1 
ATOM 558  O OE2  . GLU A 1 37  ? -6.338  14.767  -2.476  1.00 2.73 ? 37  GLU A OE2  1 
ATOM 559  H H    . GLU A 1 37  ? -3.110  9.416   -1.388  1.00 0.51 ? 37  GLU A H    1 
ATOM 560  H HA   . GLU A 1 37  ? -4.215  11.468  -3.112  1.00 0.93 ? 37  GLU A HA   1 
ATOM 561  H HB2  . GLU A 1 37  ? -6.221  11.127  -1.916  1.00 1.36 ? 37  GLU A HB2  1 
ATOM 562  H HB3  . GLU A 1 37  ? -5.396  10.978  -0.369  1.00 1.63 ? 37  GLU A HB3  1 
ATOM 563  H HG2  . GLU A 1 37  ? -6.063  13.148  -0.125  1.00 2.14 ? 37  GLU A HG2  1 
ATOM 564  H HG3  . GLU A 1 37  ? -4.638  13.490  -1.101  1.00 2.05 ? 37  GLU A HG3  1 
ATOM 565  N N    . ASN A 1 38  ? -2.473  13.144  -2.009  1.00 0.75 ? 38  ASN A N    1 
ATOM 566  C CA   . ASN A 1 38  ? -1.231  13.814  -1.528  1.00 0.68 ? 38  ASN A CA   1 
ATOM 567  C C    . ASN A 1 38  ? -1.369  14.419  -0.130  1.00 0.67 ? 38  ASN A C    1 
ATOM 568  O O    . ASN A 1 38  ? -2.447  14.722  0.338   1.00 0.78 ? 38  ASN A O    1 
ATOM 569  C CB   . ASN A 1 38  ? -0.846  14.966  -2.434  1.00 0.81 ? 38  ASN A CB   1 
ATOM 570  C CG   . ASN A 1 38  ? -1.123  14.730  -3.919  1.00 1.78 ? 38  ASN A CG   1 
ATOM 571  O OD1  . ASN A 1 38  ? -2.221  14.389  -4.312  1.00 2.40 ? 38  ASN A OD1  1 
ATOM 572  N ND2  . ASN A 1 38  ? -0.157  14.948  -4.774  1.00 2.67 ? 38  ASN A ND2  1 
ATOM 573  H H    . ASN A 1 38  ? -2.967  13.569  -2.727  1.00 0.90 ? 38  ASN A H    1 
ATOM 574  H HA   . ASN A 1 38  ? -0.433  13.106  -1.518  1.00 0.61 ? 38  ASN A HA   1 
ATOM 575  H HB2  . ASN A 1 38  ? -1.377  15.821  -2.112  1.00 1.03 ? 38  ASN A HB2  1 
ATOM 576  H HB3  . ASN A 1 38  ? 0.186   15.136  -2.309  1.00 0.95 ? 38  ASN A HB3  1 
ATOM 577  H HD21 . ASN A 1 38  ? 0.722   15.251  -4.454  1.00 3.40 ? 38  ASN A HD21 1 
ATOM 578  H HD22 . ASN A 1 38  ? -0.311  14.825  -5.732  1.00 2.92 ? 38  ASN A HD22 1 
ATOM 579  N N    . HIS A 1 39  ? -0.233  14.621  0.502   1.00 0.58 ? 39  HIS A N    1 
ATOM 580  C CA   . HIS A 1 39  ? -0.167  15.218  1.864   1.00 0.63 ? 39  HIS A CA   1 
ATOM 581  C C    . HIS A 1 39  ? 1.164   15.982  2.009   1.00 0.62 ? 39  HIS A C    1 
ATOM 582  O O    . HIS A 1 39  ? 2.208   15.404  2.261   1.00 0.61 ? 39  HIS A O    1 
ATOM 583  C CB   . HIS A 1 39  ? -0.285  14.069  2.870   1.00 0.65 ? 39  HIS A CB   1 
ATOM 584  C CG   . HIS A 1 39  ? -1.746  13.875  3.183   1.00 0.80 ? 39  HIS A CG   1 
ATOM 585  N ND1  . HIS A 1 39  ? -2.368  14.443  4.287   1.00 0.98 ? 39  HIS A ND1  1 
ATOM 586  C CD2  . HIS A 1 39  ? -2.730  13.199  2.507   1.00 0.83 ? 39  HIS A CD2  1 
ATOM 587  C CE1  . HIS A 1 39  ? -3.672  14.098  4.234   1.00 1.09 ? 39  HIS A CE1  1 
ATOM 588  N NE2  . HIS A 1 39  ? -3.942  13.341  3.169   1.00 1.01 ? 39  HIS A NE2  1 
ATOM 589  H H    . HIS A 1 39  ? 0.597   14.380  0.056   1.00 0.53 ? 39  HIS A H    1 
ATOM 590  H HA   . HIS A 1 39  ? -0.989  15.906  1.999   1.00 0.74 ? 39  HIS A HA   1 
ATOM 591  H HB2  . HIS A 1 39  ? 0.102   13.174  2.413   1.00 0.57 ? 39  HIS A HB2  1 
ATOM 592  H HB3  . HIS A 1 39  ? 0.273   14.270  3.768   1.00 0.71 ? 39  HIS A HB3  1 
ATOM 593  H HD1  . HIS A 1 39  ? -1.943  14.993  4.976   1.00 1.04 ? 39  HIS A HD1  1 
ATOM 594  H HD2  . HIS A 1 39  ? -2.585  12.655  1.585   1.00 0.75 ? 39  HIS A HD2  1 
ATOM 595  H HE1  . HIS A 1 39  ? -4.409  14.401  4.962   1.00 1.27 ? 39  HIS A HE1  1 
ATOM 596  N N    . GLY A 1 40  ? 1.116   17.283  1.817   1.00 0.84 ? 40  GLY A N    1 
ATOM 597  C CA   . GLY A 1 40  ? 2.346   18.137  1.903   1.00 0.94 ? 40  GLY A CA   1 
ATOM 598  C C    . GLY A 1 40  ? 3.458   17.569  1.000   1.00 1.07 ? 40  GLY A C    1 
ATOM 599  O O    . GLY A 1 40  ? 3.276   17.367  -0.193  1.00 1.98 ? 40  GLY A O    1 
ATOM 600  H H    . GLY A 1 40  ? 0.258   17.703  1.606   1.00 1.05 ? 40  GLY A H    1 
ATOM 601  H HA2  . GLY A 1 40  ? 2.101   19.143  1.591   1.00 1.31 ? 40  GLY A HA2  1 
ATOM 602  H HA3  . GLY A 1 40  ? 2.698   18.159  2.922   1.00 1.43 ? 40  GLY A HA3  1 
ATOM 603  N N    . GLY A 1 41  ? 4.618   17.330  1.582   1.00 0.89 ? 41  GLY A N    1 
ATOM 604  C CA   . GLY A 1 41  ? 5.795   16.782  0.820   1.00 1.18 ? 41  GLY A CA   1 
ATOM 605  C C    . GLY A 1 41  ? 5.664   15.273  0.463   1.00 0.92 ? 41  GLY A C    1 
ATOM 606  O O    . GLY A 1 41  ? 6.570   14.726  -0.129  1.00 0.98 ? 41  GLY A O    1 
ATOM 607  H H    . GLY A 1 41  ? 4.715   17.523  2.543   1.00 1.31 ? 41  GLY A H    1 
ATOM 608  H HA2  . GLY A 1 41  ? 5.919   17.334  -0.091  1.00 1.72 ? 41  GLY A HA2  1 
ATOM 609  H HA3  . GLY A 1 41  ? 6.686   16.922  1.429   1.00 1.52 ? 41  GLY A HA3  1 
ATOM 610  N N    . LYS A 1 42  ? 4.579   14.576  0.814   1.00 0.71 ? 42  LYS A N    1 
ATOM 611  C CA   . LYS A 1 42  ? 4.471   13.169  0.511   1.00 0.50 ? 42  LYS A CA   1 
ATOM 612  C C    . LYS A 1 42  ? 3.015   12.804  0.176   1.00 0.47 ? 42  LYS A C    1 
ATOM 613  O O    . LYS A 1 42  ? 2.165   13.661  -0.051  1.00 0.60 ? 42  LYS A O    1 
ATOM 614  C CB   . LYS A 1 42  ? 4.928   12.426  1.747   1.00 0.42 ? 42  LYS A CB   1 
ATOM 615  C CG   . LYS A 1 42  ? 6.426   12.571  1.890   1.00 0.49 ? 42  LYS A CG   1 
ATOM 616  C CD   . LYS A 1 42  ? 6.737   13.497  3.066   1.00 0.67 ? 42  LYS A CD   1 
ATOM 617  C CE   . LYS A 1 42  ? 7.910   12.958  3.873   1.00 1.28 ? 42  LYS A CE   1 
ATOM 618  N NZ   . LYS A 1 42  ? 8.185   13.931  4.958   1.00 1.98 ? 42  LYS A NZ   1 
ATOM 619  H H    . LYS A 1 42  ? 3.855   14.950  1.284   1.00 0.76 ? 42  LYS A H    1 
ATOM 620  H HA   . LYS A 1 42  ? 5.107   12.914  -0.329  1.00 0.57 ? 42  LYS A HA   1 
ATOM 621  H HB2  . LYS A 1 42  ? 4.431   12.763  2.644   1.00 0.47 ? 42  LYS A HB2  1 
ATOM 622  H HB3  . LYS A 1 42  ? 4.695   11.465  1.615   1.00 0.56 ? 42  LYS A HB3  1 
ATOM 623  H HG2  . LYS A 1 42  ? 6.852   11.600  2.045   1.00 1.11 ? 42  LYS A HG2  1 
ATOM 624  H HG3  . LYS A 1 42  ? 6.826   12.997  0.987   1.00 0.86 ? 42  LYS A HG3  1 
ATOM 625  H HD2  . LYS A 1 42  ? 6.992   14.478  2.692   1.00 1.38 ? 42  LYS A HD2  1 
ATOM 626  H HD3  . LYS A 1 42  ? 5.873   13.579  3.713   1.00 1.08 ? 42  LYS A HD3  1 
ATOM 627  H HE2  . LYS A 1 42  ? 7.660   11.997  4.299   1.00 1.92 ? 42  LYS A HE2  1 
ATOM 628  H HE3  . LYS A 1 42  ? 8.782   12.865  3.241   1.00 1.76 ? 42  LYS A HE3  1 
ATOM 629  H HZ1  . LYS A 1 42  ? 7.393   14.602  5.016   1.00 2.49 ? 42  LYS A HZ1  1 
ATOM 630  H HZ2  . LYS A 1 42  ? 8.284   13.432  5.860   1.00 2.37 ? 42  LYS A HZ2  1 
ATOM 631  H HZ3  . LYS A 1 42  ? 9.060   14.448  4.739   1.00 2.39 ? 42  LYS A HZ3  1 
ATOM 632  N N    . VAL A 1 43  ? 2.764   11.535  0.124   1.00 0.36 ? 43  VAL A N    1 
ATOM 633  C CA   . VAL A 1 43  ? 1.414   11.015  -0.212  1.00 0.38 ? 43  VAL A CA   1 
ATOM 634  C C    . VAL A 1 43  ? 0.921   10.095  0.869   1.00 0.38 ? 43  VAL A C    1 
ATOM 635  O O    . VAL A 1 43  ? 1.643   9.386   1.548   1.00 0.48 ? 43  VAL A O    1 
ATOM 636  C CB   . VAL A 1 43  ? 1.430   10.147  -1.426  1.00 0.46 ? 43  VAL A CB   1 
ATOM 637  C CG1  . VAL A 1 43  ? 1.173   10.929  -2.658  1.00 1.03 ? 43  VAL A CG1  1 
ATOM 638  C CG2  . VAL A 1 43  ? 2.775   9.499   -1.523  1.00 0.56 ? 43  VAL A CG2  1 
ATOM 639  H H    . VAL A 1 43  ? 3.475   10.928  0.292   1.00 0.32 ? 43  VAL A H    1 
ATOM 640  H HA   . VAL A 1 43  ? 0.739   11.820  -0.363  1.00 0.44 ? 43  VAL A HA   1 
ATOM 641  H HB   . VAL A 1 43  ? 0.692   9.384   -1.298  1.00 1.13 ? 43  VAL A HB   1 
ATOM 642  H HG11 . VAL A 1 43  ? 0.291   11.524  -2.512  1.00 1.71 ? 43  VAL A HG11 1 
ATOM 643  H HG12 . VAL A 1 43  ? 2.028   11.558  -2.856  1.00 1.75 ? 43  VAL A HG12 1 
ATOM 644  H HG13 . VAL A 1 43  ? 1.040   10.228  -3.443  1.00 1.31 ? 43  VAL A HG13 1 
ATOM 645  H HG21 . VAL A 1 43  ? 3.069   9.145   -0.539  1.00 1.17 ? 43  VAL A HG21 1 
ATOM 646  H HG22 . VAL A 1 43  ? 2.715   8.678   -2.210  1.00 1.01 ? 43  VAL A HG22 1 
ATOM 647  H HG23 . VAL A 1 43  ? 3.483   10.238  -1.848  1.00 1.26 ? 43  VAL A HG23 1 
ATOM 648  N N    . ALA A 1 44  ? -0.317  10.063  0.953   1.00 0.40 ? 44  ALA A N    1 
ATOM 649  C CA   . ALA A 1 44  ? -0.993  9.179   1.946   1.00 0.43 ? 44  ALA A CA   1 
ATOM 650  C C    . ALA A 1 44  ? -1.862  8.074   1.288   1.00 0.45 ? 44  ALA A C    1 
ATOM 651  O O    . ALA A 1 44  ? -2.543  8.283   0.281   1.00 0.48 ? 44  ALA A O    1 
ATOM 652  C CB   . ALA A 1 44  ? -1.835  10.088  2.912   1.00 0.54 ? 44  ALA A CB   1 
ATOM 653  H H    . ALA A 1 44  ? -0.794  10.612  0.317   1.00 0.44 ? 44  ALA A H    1 
ATOM 654  H HA   . ALA A 1 44  ? -0.238  8.666   2.525   1.00 0.43 ? 44  ALA A HA   1 
ATOM 655  H HB1  . ALA A 1 44  ? -1.416  11.102  2.952   1.00 1.00 ? 44  ALA A HB1  1 
ATOM 656  H HB2  . ALA A 1 44  ? -2.862  10.140  2.573   1.00 1.13 ? 44  ALA A HB2  1 
ATOM 657  H HB3  . ALA A 1 44  ? -1.818  9.690   3.928   1.00 0.94 ? 44  ALA A HB3  1 
ATOM 658  N N    . LEU A 1 45  ? -1.883  6.937   1.992   1.00 0.47 ? 45  LEU A N    1 
ATOM 659  C CA   . LEU A 1 45  ? -2.724  5.734   1.689   1.00 0.54 ? 45  LEU A CA   1 
ATOM 660  C C    . LEU A 1 45  ? -3.828  5.833   2.719   1.00 0.58 ? 45  LEU A C    1 
ATOM 661  O O    . LEU A 1 45  ? -3.595  6.052   3.889   1.00 0.71 ? 45  LEU A O    1 
ATOM 662  C CB   . LEU A 1 45  ? -2.024  4.347   1.943   1.00 0.75 ? 45  LEU A CB   1 
ATOM 663  C CG   . LEU A 1 45  ? -1.638  3.618   0.687   1.00 0.79 ? 45  LEU A CG   1 
ATOM 664  C CD1  . LEU A 1 45  ? -2.524  4.269   -0.451  1.00 1.46 ? 45  LEU A CD1  1 
ATOM 665  C CD2  . LEU A 1 45  ? -0.183  3.862   0.772   1.00 0.55 ? 45  LEU A CD2  1 
ATOM 666  H H    . LEU A 1 45  ? -1.360  6.921   2.759   1.00 0.48 ? 45  LEU A H    1 
ATOM 667  H HA   . LEU A 1 45  ? -3.092  5.773   0.695   1.00 0.53 ? 45  LEU A HA   1 
ATOM 668  H HB2  . LEU A 1 45  ? -1.147  4.463   2.415   1.00 1.34 ? 45  LEU A HB2  1 
ATOM 669  H HB3  . LEU A 1 45  ? -2.605  3.744   2.601   1.00 1.30 ? 45  LEU A HB3  1 
ATOM 670  H HG   . LEU A 1 45  ? -1.887  2.591   0.681   1.00 1.32 ? 45  LEU A HG   1 
ATOM 671  H HD11 . LEU A 1 45  ? -3.655  4.210   -0.241  1.00 1.75 ? 45  LEU A HD11 1 
ATOM 672  H HD12 . LEU A 1 45  ? -2.274  5.278   -0.479  1.00 2.12 ? 45  LEU A HD12 1 
ATOM 673  H HD13 . LEU A 1 45  ? -2.367  3.801   -1.408  1.00 1.85 ? 45  LEU A HD13 1 
ATOM 674  H HD21 . LEU A 1 45  ? 0.030   4.126   1.800   1.00 1.09 ? 45  LEU A HD21 1 
ATOM 675  H HD22 . LEU A 1 45  ? 0.283   2.945   0.586   1.00 1.11 ? 45  LEU A HD22 1 
ATOM 676  H HD23 . LEU A 1 45  ? 0.074   4.623   0.144   1.00 1.07 ? 45  LEU A HD23 1 
ATOM 677  N N    . LYS A 1 46  ? -5.017  5.835   2.256   1.00 0.56 ? 46  LYS A N    1 
ATOM 678  C CA   . LYS A 1 46  ? -6.200  6.063   3.092   1.00 0.71 ? 46  LYS A CA   1 
ATOM 679  C C    . LYS A 1 46  ? -7.408  5.205   2.730   1.00 0.66 ? 46  LYS A C    1 
ATOM 680  O O    . LYS A 1 46  ? -7.984  5.421   1.672   1.00 0.99 ? 46  LYS A O    1 
ATOM 681  C CB   . LYS A 1 46  ? -6.615  7.425   2.662   1.00 1.29 ? 46  LYS A CB   1 
ATOM 682  C CG   . LYS A 1 46  ? -7.170  8.207   3.745   1.00 1.88 ? 46  LYS A CG   1 
ATOM 683  C CD   . LYS A 1 46  ? -7.948  9.319   3.060   1.00 2.65 ? 46  LYS A CD   1 
ATOM 684  C CE   . LYS A 1 46  ? -9.379  9.397   3.577   1.00 3.21 ? 46  LYS A CE   1 
ATOM 685  N NZ   . LYS A 1 46  ? -10.208 9.907   2.454   1.00 3.76 ? 46  LYS A NZ   1 
ATOM 686  H H    . LYS A 1 46  ? -5.135  5.815   1.349   1.00 0.50 ? 46  LYS A H    1 
ATOM 687  H HA   . LYS A 1 46  ? -5.969  6.058   4.144   1.00 1.07 ? 46  LYS A HA   1 
ATOM 688  H HB2  . LYS A 1 46  ? -5.751  7.950   2.302   1.00 1.54 ? 46  LYS A HB2  1 
ATOM 689  H HB3  . LYS A 1 46  ? -7.357  7.362   1.876   1.00 1.63 ? 46  LYS A HB3  1 
ATOM 690  H HG2  . LYS A 1 46  ? -7.810  7.637   4.385   1.00 2.31 ? 46  LYS A HG2  1 
ATOM 691  H HG3  . LYS A 1 46  ? -6.344  8.560   4.254   1.00 2.04 ? 46  LYS A HG3  1 
ATOM 692  H HD2  . LYS A 1 46  ? -7.458  10.270  3.179   1.00 3.10 ? 46  LYS A HD2  1 
ATOM 693  H HD3  . LYS A 1 46  ? -7.997  9.080   2.005   1.00 2.97 ? 46  LYS A HD3  1 
ATOM 694  H HE2  . LYS A 1 46  ? -9.719  8.414   3.867   1.00 3.63 ? 46  LYS A HE2  1 
ATOM 695  H HE3  . LYS A 1 46  ? -9.442  10.076  4.417   1.00 3.39 ? 46  LYS A HE3  1 
ATOM 696  H HZ1  . LYS A 1 46  ? -9.873  9.482   1.563   1.00 4.05 ? 46  LYS A HZ1  1 
ATOM 697  H HZ2  . LYS A 1 46  ? -11.201 9.654   2.604   1.00 3.74 ? 46  LYS A HZ2  1 
ATOM 698  H HZ3  . LYS A 1 46  ? -10.114 10.942  2.397   1.00 4.35 ? 46  LYS A HZ3  1 
ATOM 699  N N    . THR A 1 47  ? -7.905  4.333   3.585   1.00 0.86 ? 47  THR A N    1 
ATOM 700  C CA   . THR A 1 47  ? -9.183  3.701   3.173   1.00 1.35 ? 47  THR A CA   1 
ATOM 701  C C    . THR A 1 47  ? -10.279 4.673   3.595   1.00 1.81 ? 47  THR A C    1 
ATOM 702  O O    . THR A 1 47  ? -10.136 5.461   4.507   1.00 2.32 ? 47  THR A O    1 
ATOM 703  C CB   . THR A 1 47  ? -9.500  2.305   3.739   1.00 1.78 ? 47  THR A CB   1 
ATOM 704  O OG1  . THR A 1 47  ? -10.058 2.387   5.045   1.00 2.17 ? 47  THR A OG1  1 
ATOM 705  C CG2  . THR A 1 47  ? -8.266  1.428   3.748   1.00 1.81 ? 47  THR A CG2  1 
ATOM 706  H H    . THR A 1 47  ? -7.524  4.189   4.475   1.00 0.96 ? 47  THR A H    1 
ATOM 707  H HA   . THR A 1 47  ? -9.196  3.648   2.088   1.00 1.54 ? 47  THR A HA   1 
ATOM 708  H HB   . THR A 1 47  ? -10.232 1.847   3.083   1.00 2.30 ? 47  THR A HB   1 
ATOM 709  H HG1  . THR A 1 47  ? -9.691  3.151   5.486   1.00 2.48 ? 47  THR A HG1  1 
ATOM 710  H HG21 . THR A 1 47  ? -7.421  1.989   4.109   1.00 1.84 ? 47  THR A HG21 1 
ATOM 711  H HG22 . THR A 1 47  ? -8.442  0.575   4.383   1.00 2.37 ? 47  THR A HG22 1 
ATOM 712  H HG23 . THR A 1 47  ? -8.075  1.092   2.746   1.00 2.00 ? 47  THR A HG23 1 
ATOM 713  N N    . HIS A 1 48  ? -11.315 4.612   2.857   1.00 2.25 ? 48  HIS A N    1 
ATOM 714  C CA   . HIS A 1 48  ? -12.544 5.479   2.978   1.00 2.89 ? 48  HIS A CA   1 
ATOM 715  C C    . HIS A 1 48  ? -12.999 5.983   4.435   1.00 3.08 ? 48  HIS A C    1 
ATOM 716  O O    . HIS A 1 48  ? -14.165 6.117   4.646   1.00 3.58 ? 48  HIS A O    1 
ATOM 717  C CB   . HIS A 1 48  ? -13.681 4.659   2.268   1.00 3.47 ? 48  HIS A CB   1 
ATOM 718  C CG   . HIS A 1 48  ? -15.029 5.094   2.715   1.00 3.70 ? 48  HIS A CG   1 
ATOM 719  N ND1  . HIS A 1 48  ? -15.461 6.397   2.557   1.00 3.82 ? 48  HIS A ND1  1 
ATOM 720  C CD2  . HIS A 1 48  ? -15.996 4.452   3.441   1.00 4.30 ? 48  HIS A CD2  1 
ATOM 721  C CE1  . HIS A 1 48  ? -16.639 6.506   3.190   1.00 4.30 ? 48  HIS A CE1  1 
ATOM 722  N NE2  . HIS A 1 48  ? -17.014 5.347   3.744   1.00 4.60 ? 48  HIS A NE2  1 
ATOM 723  H H    . HIS A 1 48  ? -11.274 3.973   2.119   1.00 2.50 ? 48  HIS A H    1 
ATOM 724  H HA   . HIS A 1 48  ? -12.371 6.360   2.379   1.00 3.02 ? 48  HIS A HA   1 
ATOM 725  H HB2  . HIS A 1 48  ? -13.619 4.794   1.197   1.00 3.90 ? 48  HIS A HB2  1 
ATOM 726  H HB3  . HIS A 1 48  ? -13.566 3.605   2.502   1.00 3.69 ? 48  HIS A HB3  1 
ATOM 727  H HD1  . HIS A 1 48  ? -14.984 7.112   2.083   1.00 3.88 ? 48  HIS A HD1  1 
ATOM 728  H HD2  . HIS A 1 48  ? -15.959 3.415   3.746   1.00 4.77 ? 48  HIS A HD2  1 
ATOM 729  H HE1  . HIS A 1 48  ? -17.196 7.424   3.272   1.00 4.72 ? 48  HIS A HE1  1 
ATOM 730  N N    . CYS A 1 49  ? -12.169 6.385   5.414   1.00 3.08 ? 49  CYS A N    1 
ATOM 731  C CA   . CYS A 1 49  ? -12.806 6.962   6.706   1.00 3.44 ? 49  CYS A CA   1 
ATOM 732  C C    . CYS A 1 49  ? -11.974 6.908   7.984   1.00 2.99 ? 49  CYS A C    1 
ATOM 733  O O    . CYS A 1 49  ? -12.509 7.206   9.043   1.00 3.30 ? 49  CYS A O    1 
ATOM 734  C CB   . CYS A 1 49  ? -14.143 6.279   7.044   1.00 4.44 ? 49  CYS A CB   1 
ATOM 735  S SG   . CYS A 1 49  ? -15.503 7.364   6.529   1.00 5.45 ? 49  CYS A SG   1 
ATOM 736  H H    . CYS A 1 49  ? -11.196 6.399   5.282   1.00 3.14 ? 49  CYS A H    1 
ATOM 737  H HA   . CYS A 1 49  ? -13.020 8.001   6.519   1.00 3.70 ? 49  CYS A HA   1 
ATOM 738  H HB2  . CYS A 1 49  ? -14.212 5.331   6.536   1.00 4.89 ? 49  CYS A HB2  1 
ATOM 739  H HB3  . CYS A 1 49  ? -14.205 6.118   8.111   1.00 4.60 ? 49  CYS A HB3  1 
ATOM 740  H HG   . CYS A 1 49  ? -15.149 8.252   6.422   1.00 5.71 ? 49  CYS A HG   1 
ATOM 741  N N    . GLY A 1 50  ? -10.736 6.566   7.983   1.00 2.64 ? 50  GLY A N    1 
ATOM 742  C CA   . GLY A 1 50  ? -10.065 6.568   9.323   1.00 2.67 ? 50  GLY A CA   1 
ATOM 743  C C    . GLY A 1 50  ? -8.816  5.768   9.324   1.00 1.81 ? 50  GLY A C    1 
ATOM 744  O O    . GLY A 1 50  ? -8.366  5.369   10.387  1.00 2.32 ? 50  GLY A O    1 
ATOM 745  H H    . GLY A 1 50  ? -10.273 6.312   7.156   1.00 2.70 ? 50  GLY A H    1 
ATOM 746  H HA2  . GLY A 1 50  ? -9.893  7.572   9.679   1.00 3.32 ? 50  GLY A HA2  1 
ATOM 747  H HA3  . GLY A 1 50  ? -10.744 6.070   10.013  1.00 3.19 ? 50  GLY A HA3  1 
ATOM 748  N N    . LYS A 1 51  ? -8.307  5.391   8.196   1.00 0.95 ? 51  LYS A N    1 
ATOM 749  C CA   . LYS A 1 51  ? -7.240  4.464   8.297   1.00 0.81 ? 51  LYS A CA   1 
ATOM 750  C C    . LYS A 1 51  ? -6.152  4.732   7.230   1.00 0.59 ? 51  LYS A C    1 
ATOM 751  O O    . LYS A 1 51  ? -6.426  4.984   6.073   1.00 0.90 ? 51  LYS A O    1 
ATOM 752  C CB   . LYS A 1 51  ? -8.036  3.167   8.212   1.00 1.62 ? 51  LYS A CB   1 
ATOM 753  C CG   . LYS A 1 51  ? -8.268  2.612   9.647   1.00 2.10 ? 51  LYS A CG   1 
ATOM 754  C CD   . LYS A 1 51  ? -9.657  1.991   9.659   1.00 2.80 ? 51  LYS A CD   1 
ATOM 755  C CE   . LYS A 1 51  ? -10.238 1.718   11.058  1.00 3.26 ? 51  LYS A CE   1 
ATOM 756  N NZ   . LYS A 1 51  ? -10.568 2.992   11.732  1.00 3.59 ? 51  LYS A NZ   1 
ATOM 757  H H    . LYS A 1 51  ? -8.695  5.603   7.316   1.00 1.26 ? 51  LYS A H    1 
ATOM 758  H HA   . LYS A 1 51  ? -6.811  4.527   9.280   1.00 1.52 ? 51  LYS A HA   1 
ATOM 759  H HB2  . LYS A 1 51  ? -9.013  3.377   7.769   1.00 2.24 ? 51  LYS A HB2  1 
ATOM 760  H HB3  . LYS A 1 51  ? -7.539  2.453   7.615   1.00 2.01 ? 51  LYS A HB3  1 
ATOM 761  H HG2  . LYS A 1 51  ? -7.538  1.864   9.839   1.00 2.54 ? 51  LYS A HG2  1 
ATOM 762  H HG3  . LYS A 1 51  ? -8.206  3.393   10.406  1.00 2.31 ? 51  LYS A HG3  1 
ATOM 763  H HD2  . LYS A 1 51  ? -10.321 2.659   9.156   1.00 3.19 ? 51  LYS A HD2  1 
ATOM 764  H HD3  . LYS A 1 51  ? -9.599  1.067   9.116   1.00 3.19 ? 51  LYS A HD3  1 
ATOM 765  H HE2  . LYS A 1 51  ? -11.150 1.155   10.930  1.00 3.54 ? 51  LYS A HE2  1 
ATOM 766  H HE3  . LYS A 1 51  ? -9.552  1.144   11.664  1.00 3.68 ? 51  LYS A HE3  1 
ATOM 767  H HZ1  . LYS A 1 51  ? -9.818  3.688   11.556  1.00 3.93 ? 51  LYS A HZ1  1 
ATOM 768  H HZ2  . LYS A 1 51  ? -11.473 3.350   11.356  1.00 3.67 ? 51  LYS A HZ2  1 
ATOM 769  H HZ3  . LYS A 1 51  ? -10.654 2.824   12.752  1.00 3.97 ? 51  LYS A HZ3  1 
ATOM 770  N N    . TYR A 1 52  ? -4.909  4.757   7.693   1.00 0.49 ? 52  TYR A N    1 
ATOM 771  C CA   . TYR A 1 52  ? -3.699  5.089   6.843   1.00 0.36 ? 52  TYR A CA   1 
ATOM 772  C C    . TYR A 1 52  ? -2.665  3.949   6.933   1.00 0.27 ? 52  TYR A C    1 
ATOM 773  O O    . TYR A 1 52  ? -2.372  3.488   8.024   1.00 0.29 ? 52  TYR A O    1 
ATOM 774  C CB   . TYR A 1 52  ? -3.082  6.375   7.451   1.00 0.42 ? 52  TYR A CB   1 
ATOM 775  C CG   . TYR A 1 52  ? -3.893  7.584   7.028   1.00 0.54 ? 52  TYR A CG   1 
ATOM 776  C CD1  . TYR A 1 52  ? -5.269  7.671   7.305   1.00 1.27 ? 52  TYR A CD1  1 
ATOM 777  C CD2  . TYR A 1 52  ? -3.259  8.615   6.342   1.00 1.44 ? 52  TYR A CD2  1 
ATOM 778  C CE1  . TYR A 1 52  ? -5.998  8.790   6.887   1.00 1.39 ? 52  TYR A CE1  1 
ATOM 779  C CE2  . TYR A 1 52  ? -3.985  9.731   5.925   1.00 1.54 ? 52  TYR A CE2  1 
ATOM 780  C CZ   . TYR A 1 52  ? -5.355  9.822   6.196   1.00 0.97 ? 52  TYR A CZ   1 
ATOM 781  O OH   . TYR A 1 52  ? -6.069  10.931  5.783   1.00 1.22 ? 52  TYR A OH   1 
ATOM 782  H H    . TYR A 1 52  ? -4.776  4.606   8.649   1.00 0.76 ? 52  TYR A H    1 
ATOM 783  H HA   . TYR A 1 52  ? -3.972  5.265   5.812   1.00 0.41 ? 52  TYR A HA   1 
ATOM 784  H HB2  . TYR A 1 52  ? -3.096  6.296   8.521   1.00 0.48 ? 52  TYR A HB2  1 
ATOM 785  H HB3  . TYR A 1 52  ? -2.058  6.504   7.129   1.00 0.49 ? 52  TYR A HB3  1 
ATOM 786  H HD1  . TYR A 1 52  ? -5.767  6.878   7.843   1.00 2.10 ? 52  TYR A HD1  1 
ATOM 787  H HD2  . TYR A 1 52  ? -2.204  8.549   6.133   1.00 2.29 ? 52  TYR A HD2  1 
ATOM 788  H HE1  . TYR A 1 52  ? -7.057  8.849   7.085   1.00 2.24 ? 52  TYR A HE1  1 
ATOM 789  H HE2  . TYR A 1 52  ? -3.487  10.518  5.385   1.00 2.40 ? 52  TYR A HE2  1 
ATOM 790  H HH   . TYR A 1 52  ? -5.993  10.996  4.828   1.00 1.60 ? 52  TYR A HH   1 
ATOM 791  N N    . LEU A 1 53  ? -2.123  3.475   5.809   1.00 0.25 ? 53  LEU A N    1 
ATOM 792  C CA   . LEU A 1 53  ? -1.106  2.370   5.882   1.00 0.22 ? 53  LEU A CA   1 
ATOM 793  C C    . LEU A 1 53  ? -0.195  2.574   7.046   1.00 0.24 ? 53  LEU A C    1 
ATOM 794  O O    . LEU A 1 53  ? 0.244   3.679   7.312   1.00 0.25 ? 53  LEU A O    1 
ATOM 795  C CB   . LEU A 1 53  ? -0.209  2.265   4.584   1.00 0.26 ? 53  LEU A CB   1 
ATOM 796  C CG   . LEU A 1 53  ? -0.279  0.764   4.218   1.00 0.35 ? 53  LEU A CG   1 
ATOM 797  C CD1  . LEU A 1 53  ? -1.609  -0.019  4.101   1.00 0.40 ? 53  LEU A CD1  1 
ATOM 798  C CD2  . LEU A 1 53  ? 0.287   0.752   2.699   1.00 0.46 ? 53  LEU A CD2  1 
ATOM 799  H H    . LEU A 1 53  ? -2.377  3.849   4.946   1.00 0.30 ? 53  LEU A H    1 
ATOM 800  H HA   . LEU A 1 53  ? -1.630  1.427   5.989   1.00 0.22 ? 53  LEU A HA   1 
ATOM 801  H HB2  . LEU A 1 53  ? -0.718  2.863   3.775   1.00 0.70 ? 53  LEU A HB2  1 
ATOM 802  H HB3  . LEU A 1 53  ? 0.734   2.646   4.726   1.00 0.77 ? 53  LEU A HB3  1 
ATOM 803  H HG   . LEU A 1 53  ? -0.991  1.207   4.188   1.00 0.52 ? 53  LEU A HG   1 
ATOM 804  H HD11 . LEU A 1 53  ? -2.369  0.724   4.475   1.00 0.93 ? 53  LEU A HD11 1 
ATOM 805  H HD12 . LEU A 1 53  ? -1.904  -0.250  3.082   1.00 1.07 ? 53  LEU A HD12 1 
ATOM 806  H HD13 . LEU A 1 53  ? -1.650  -0.863  4.723   1.00 1.00 ? 53  LEU A HD13 1 
ATOM 807  H HD21 . LEU A 1 53  ? -0.013  1.667   2.205   1.00 1.09 ? 53  LEU A HD21 1 
ATOM 808  H HD22 . LEU A 1 53  ? 1.364   0.693   2.711   1.00 1.06 ? 53  LEU A HD22 1 
ATOM 809  H HD23 . LEU A 1 53  ? -0.104  -0.101  2.162   1.00 1.09 ? 53  LEU A HD23 1 
ATOM 810  N N    . SER A 1 54  ? 0.093   1.537   7.774   1.00 0.27 ? 54  SER A N    1 
ATOM 811  C CA   . SER A 1 54  ? 0.980   1.704   8.932   1.00 0.33 ? 54  SER A CA   1 
ATOM 812  C C    . SER A 1 54  ? 1.848   0.475   9.062   1.00 0.39 ? 54  SER A C    1 
ATOM 813  O O    . SER A 1 54  ? 1.460   -0.628  8.696   1.00 0.41 ? 54  SER A O    1 
ATOM 814  C CB   . SER A 1 54  ? 0.172   1.885   10.200  1.00 0.38 ? 54  SER A CB   1 
ATOM 815  O OG   . SER A 1 54  ? -0.727  2.959   10.013  1.00 0.35 ? 54  SER A OG   1 
ATOM 816  H H    . SER A 1 54  ? -0.289  0.653   7.574   1.00 0.29 ? 54  SER A H    1 
ATOM 817  H HA   . SER A 1 54  ? 1.599   2.574   8.773   1.00 0.33 ? 54  SER A HA   1 
ATOM 818  H HB2  . SER A 1 54  ? -0.377  0.986   10.410  1.00 0.40 ? 54  SER A HB2  1 
ATOM 819  H HB3  . SER A 1 54  ? 0.845   2.098   11.019  1.00 0.45 ? 54  SER A HB3  1 
ATOM 820  H HG   . SER A 1 54  ? -0.312  3.749   10.345  1.00 0.89 ? 54  SER A HG   1 
ATOM 821  N N    . ILE A 1 55  ? 3.014   0.646   9.596   1.00 0.45 ? 55  ILE A N    1 
ATOM 822  C CA   . ILE A 1 55  ? 3.906   -0.505  9.767   1.00 0.55 ? 55  ILE A CA   1 
ATOM 823  C C    . ILE A 1 55  ? 4.368   -0.555  11.214  1.00 0.74 ? 55  ILE A C    1 
ATOM 824  O O    . ILE A 1 55  ? 4.716   0.459   11.795  1.00 0.90 ? 55  ILE A O    1 
ATOM 825  C CB   . ILE A 1 55  ? 5.156   -0.388  8.873   1.00 0.64 ? 55  ILE A CB   1 
ATOM 826  C CG1  . ILE A 1 55  ? 4.921   0.566   7.684   1.00 0.85 ? 55  ILE A CG1  1 
ATOM 827  C CG2  . ILE A 1 55  ? 5.491   -1.778  8.350   1.00 0.70 ? 55  ILE A CG2  1 
ATOM 828  C CD1  . ILE A 1 55  ? 6.210   0.692   6.840   1.00 0.58 ? 55  ILE A CD1  1 
ATOM 829  H H    . ILE A 1 55  ? 3.294   1.531   9.903   1.00 0.47 ? 55  ILE A H    1 
ATOM 830  H HA   . ILE A 1 55  ? 3.367   -1.406  9.512   1.00 0.53 ? 55  ILE A HA   1 
ATOM 831  H HB   . ILE A 1 55  ? 5.982   -0.027  9.471   1.00 1.35 ? 55  ILE A HB   1 
ATOM 832  H HG12 . ILE A 1 55  ? 4.123   0.181   7.066   1.00 1.50 ? 55  ILE A HG12 1 
ATOM 833  H HG13 . ILE A 1 55  ? 4.645   1.542   8.057   1.00 1.53 ? 55  ILE A HG13 1 
ATOM 834  H HG21 . ILE A 1 55  ? 5.565   -2.470  9.181   1.00 1.13 ? 55  ILE A HG21 1 
ATOM 835  H HG22 . ILE A 1 55  ? 4.710   -2.099  7.687   1.00 1.22 ? 55  ILE A HG22 1 
ATOM 836  H HG23 . ILE A 1 55  ? 6.424   -1.750  7.816   1.00 1.36 ? 55  ILE A HG23 1 
ATOM 837  H HD11 . ILE A 1 55  ? 7.030   1.012   7.469   1.00 1.01 ? 55  ILE A HD11 1 
ATOM 838  H HD12 . ILE A 1 55  ? 6.452   -0.263  6.398   1.00 1.17 ? 55  ILE A HD12 1 
ATOM 839  H HD13 . ILE A 1 55  ? 6.063   1.421   6.051   1.00 1.21 ? 55  ILE A HD13 1 
ATOM 840  N N    . GLY A 1 56  ? 4.445   -1.723  11.779  1.00 0.80 ? 56  GLY A N    1 
ATOM 841  C CA   . GLY A 1 56  ? 4.973   -1.837  13.152  1.00 0.99 ? 56  GLY A CA   1 
ATOM 842  C C    . GLY A 1 56  ? 6.466   -2.207  12.930  1.00 1.05 ? 56  GLY A C    1 
ATOM 843  O O    . GLY A 1 56  ? 7.079   -1.643  12.037  1.00 1.50 ? 56  GLY A O    1 
ATOM 844  H H    . GLY A 1 56  ? 4.217   -2.539  11.281  1.00 0.78 ? 56  GLY A H    1 
ATOM 845  H HA2  . GLY A 1 56  ? 4.878   -0.883  13.663  1.00 1.23 ? 56  GLY A HA2  1 
ATOM 846  H HA3  . GLY A 1 56  ? 4.425   -2.601  13.674  1.00 1.49 ? 56  GLY A HA3  1 
ATOM 847  N N    . ASP A 1 57  ? 7.068   -3.149  13.627  1.00 1.59 ? 57  ASP A N    1 
ATOM 848  C CA   . ASP A 1 57  ? 8.473   -3.517  13.303  1.00 1.63 ? 57  ASP A CA   1 
ATOM 849  C C    . ASP A 1 57  ? 8.410   -5.011  13.048  1.00 1.63 ? 57  ASP A C    1 
ATOM 850  O O    . ASP A 1 57  ? 7.330   -5.558  12.852  1.00 1.57 ? 57  ASP A O    1 
ATOM 851  C CB   . ASP A 1 57  ? 9.399   -3.259  14.510  1.00 1.95 ? 57  ASP A CB   1 
ATOM 852  C CG   . ASP A 1 57  ? 8.738   -2.307  15.513  1.00 2.28 ? 57  ASP A CG   1 
ATOM 853  O OD1  . ASP A 1 57  ? 8.834   -1.107  15.315  1.00 2.87 ? 57  ASP A OD1  1 
ATOM 854  O OD2  . ASP A 1 57  ? 8.149   -2.796  16.465  1.00 2.65 ? 57  ASP A OD2  1 
ATOM 855  H H    . ASP A 1 57  ? 6.612   -3.663  14.326  1.00 2.28 ? 57  ASP A H    1 
ATOM 856  H HA   . ASP A 1 57  ? 8.822   -2.989  12.425  1.00 1.68 ? 57  ASP A HA   1 
ATOM 857  H HB2  . ASP A 1 57  ? 9.603   -4.202  15.002  1.00 2.26 ? 57  ASP A HB2  1 
ATOM 858  H HB3  . ASP A 1 57  ? 10.328  -2.832  14.166  1.00 2.42 ? 57  ASP A HB3  1 
ATOM 859  N N    . HIS A 1 58  ? 9.509   -5.698  13.149  1.00 1.88 ? 58  HIS A N    1 
ATOM 860  C CA   . HIS A 1 58  ? 9.437   -7.178  13.051  1.00 2.12 ? 58  HIS A CA   1 
ATOM 861  C C    . HIS A 1 58  ? 8.515   -7.663  11.904  1.00 1.92 ? 58  HIS A C    1 
ATOM 862  O O    . HIS A 1 58  ? 7.735   -8.581  12.093  1.00 2.50 ? 58  HIS A O    1 
ATOM 863  C CB   . HIS A 1 58  ? 8.789   -7.583  14.372  1.00 2.44 ? 58  HIS A CB   1 
ATOM 864  C CG   . HIS A 1 58  ? 9.790   -8.060  15.378  1.00 2.94 ? 58  HIS A CG   1 
ATOM 865  N ND1  . HIS A 1 58  ? 9.374   -8.636  16.563  1.00 3.04 ? 58  HIS A ND1  1 
ATOM 866  C CD2  . HIS A 1 58  ? 11.163  -8.060  15.418  1.00 3.85 ? 58  HIS A CD2  1 
ATOM 867  C CE1  . HIS A 1 58  ? 10.468  -8.962  17.265  1.00 3.78 ? 58  HIS A CE1  1 
ATOM 868  N NE2  . HIS A 1 58  ? 11.591  -8.633  16.614  1.00 4.28 ? 58  HIS A NE2  1 
ATOM 869  H H    . HIS A 1 58  ? 10.354  -5.256  13.383  1.00 2.00 ? 58  HIS A H    1 
ATOM 870  H HA   . HIS A 1 58  ? 10.420  -7.611  12.972  1.00 2.42 ? 58  HIS A HA   1 
ATOM 871  H HB2  . HIS A 1 58  ? 8.285   -6.717  14.778  1.00 2.78 ? 58  HIS A HB2  1 
ATOM 872  H HB3  . HIS A 1 58  ? 8.061   -8.355  14.191  1.00 2.54 ? 58  HIS A HB3  1 
ATOM 873  H HD1  . HIS A 1 58  ? 8.443   -8.770  16.842  1.00 2.91 ? 58  HIS A HD1  1 
ATOM 874  H HD2  . HIS A 1 58  ? 11.812  -7.663  14.650  1.00 4.38 ? 58  HIS A HD2  1 
ATOM 875  H HE1  . HIS A 1 58  ? 10.444  -9.434  18.236  1.00 4.21 ? 58  HIS A HE1  1 
ATOM 876  N N    . LYS A 1 59  ? 8.586   -7.074  10.734  1.00 1.63 ? 59  LYS A N    1 
ATOM 877  C CA   . LYS A 1 59  ? 7.703   -7.518  9.596   1.00 1.46 ? 59  LYS A CA   1 
ATOM 878  C C    . LYS A 1 59  ? 6.233   -7.608  10.035  1.00 1.23 ? 59  LYS A C    1 
ATOM 879  O O    . LYS A 1 59  ? 5.515   -8.527  9.669   1.00 1.22 ? 59  LYS A O    1 
ATOM 880  C CB   . LYS A 1 59  ? 8.144   -8.885  9.046   1.00 1.60 ? 59  LYS A CB   1 
ATOM 881  C CG   . LYS A 1 59  ? 9.283   -9.467  9.878   1.00 2.14 ? 59  LYS A CG   1 
ATOM 882  C CD   . LYS A 1 59  ? 10.128  -10.370 9.001   1.00 2.49 ? 59  LYS A CD   1 
ATOM 883  C CE   . LYS A 1 59  ? 11.360  -10.827 9.783   1.00 3.22 ? 59  LYS A CE   1 
ATOM 884  N NZ   . LYS A 1 59  ? 11.038  -12.041 10.594  1.00 3.83 ? 59  LYS A NZ   1 
ATOM 885  H H    . LYS A 1 59  ? 9.218   -6.341  10.594  1.00 1.98 ? 59  LYS A H    1 
ATOM 886  H HA   . LYS A 1 59  ? 7.775   -6.789  8.804   1.00 1.52 ? 59  LYS A HA   1 
ATOM 887  H HB2  . LYS A 1 59  ? 7.305   -9.566  9.071   1.00 1.78 ? 59  LYS A HB2  1 
ATOM 888  H HB3  . LYS A 1 59  ? 8.472   -8.765  8.025   1.00 1.76 ? 59  LYS A HB3  1 
ATOM 889  H HG2  . LYS A 1 59  ? 9.897   -8.671  10.265  1.00 2.38 ? 59  LYS A HG2  1 
ATOM 890  H HG3  . LYS A 1 59  ? 8.874   -10.040 10.697  1.00 2.65 ? 59  LYS A HG3  1 
ATOM 891  H HD2  . LYS A 1 59  ? 9.544   -11.224 8.700   1.00 2.56 ? 59  LYS A HD2  1 
ATOM 892  H HD3  . LYS A 1 59  ? 10.443  -9.819  8.128   1.00 2.80 ? 59  LYS A HD3  1 
ATOM 893  H HE2  . LYS A 1 59  ? 12.154  -11.059 9.092   1.00 3.67 ? 59  LYS A HE2  1 
ATOM 894  H HE3  . LYS A 1 59  ? 11.679  -10.032 10.441  1.00 3.47 ? 59  LYS A HE3  1 
ATOM 895  H HZ1  . LYS A 1 59  ? 10.092  -12.393 10.344  1.00 3.98 ? 59  LYS A HZ1  1 
ATOM 896  H HZ2  . LYS A 1 59  ? 11.742  -12.780 10.400  1.00 4.24 ? 59  LYS A HZ2  1 
ATOM 897  H HZ3  . LYS A 1 59  ? 11.063  -11.797 11.606  1.00 4.15 ? 59  LYS A HZ3  1 
ATOM 898  N N    . GLN A 1 60  ? 5.767   -6.639  10.770  1.00 1.13 ? 60  GLN A N    1 
ATOM 899  C CA   . GLN A 1 60  ? 4.339   -6.634  11.180  1.00 1.01 ? 60  GLN A CA   1 
ATOM 900  C C    . GLN A 1 60  ? 3.746   -5.449  10.520  1.00 0.83 ? 60  GLN A C    1 
ATOM 901  O O    . GLN A 1 60  ? 4.338   -4.382  10.448  1.00 0.82 ? 60  GLN A O    1 
ATOM 902  C CB   . GLN A 1 60  ? 4.198   -6.536  12.671  1.00 1.19 ? 60  GLN A CB   1 
ATOM 903  C CG   . GLN A 1 60  ? 4.850   -7.765  13.280  1.00 1.51 ? 60  GLN A CG   1 
ATOM 904  C CD   . GLN A 1 60  ? 3.804   -8.873  13.402  1.00 1.65 ? 60  GLN A CD   1 
ATOM 905  O OE1  . GLN A 1 60  ? 3.478   -9.527  12.430  1.00 1.97 ? 60  GLN A OE1  1 
ATOM 906  N NE2  . GLN A 1 60  ? 3.251   -9.102  14.558  1.00 2.18 ? 60  GLN A NE2  1 
ATOM 907  H H    . GLN A 1 60  ? 6.351   -5.888  11.030  1.00 1.20 ? 60  GLN A H    1 
ATOM 908  H HA   . GLN A 1 60  ? 3.838   -7.519  10.811  1.00 1.04 ? 60  GLN A HA   1 
ATOM 909  H HB2  . GLN A 1 60  ? 4.681   -5.644  13.010  1.00 1.41 ? 60  GLN A HB2  1 
ATOM 910  H HB3  . GLN A 1 60  ? 3.153   -6.510  12.936  1.00 1.20 ? 60  GLN A HB3  1 
ATOM 911  H HG2  . GLN A 1 60  ? 5.652   -8.094  12.646  1.00 1.69 ? 60  GLN A HG2  1 
ATOM 912  H HG3  . GLN A 1 60  ? 5.239   -7.523  14.238  1.00 1.81 ? 60  GLN A HG3  1 
ATOM 913  H HE21 . GLN A 1 60  ? 3.507   -8.566  15.336  1.00 2.88 ? 60  GLN A HE21 1 
ATOM 914  H HE22 . GLN A 1 60  ? 2.581   -9.810  14.647  1.00 2.38 ? 60  GLN A HE22 1 
ATOM 915  N N    . VAL A 1 61  ? 2.639   -5.658  9.931   1.00 0.76 ? 61  VAL A N    1 
ATOM 916  C CA   . VAL A 1 61  ? 2.077   -4.580  9.140   1.00 0.63 ? 61  VAL A CA   1 
ATOM 917  C C    . VAL A 1 61  ? 0.580   -4.405  9.362   1.00 0.59 ? 61  VAL A C    1 
ATOM 918  O O    . VAL A 1 61  ? -0.185  -5.355  9.457   1.00 0.68 ? 61  VAL A O    1 
ATOM 919  C CB   . VAL A 1 61  ? 2.578   -4.869  7.718   1.00 0.73 ? 61  VAL A CB   1 
ATOM 920  C CG1  . VAL A 1 61  ? 1.635   -5.688  6.831   1.00 1.53 ? 61  VAL A CG1  1 
ATOM 921  C CG2  . VAL A 1 61  ? 2.926   -3.556  7.075   1.00 1.48 ? 61  VAL A CG2  1 
ATOM 922  H H    . VAL A 1 61  ? 2.241   -6.549  9.942   1.00 0.86 ? 61  VAL A H    1 
ATOM 923  H HA   . VAL A 1 61  ? 2.543   -3.671  9.462   1.00 0.59 ? 61  VAL A HA   1 
ATOM 924  H HB   . VAL A 1 61  ? 3.495   -5.434  7.820   1.00 1.12 ? 61  VAL A HB   1 
ATOM 925  H HG11 . VAL A 1 61  ? 1.093   -6.409  7.424   1.00 1.87 ? 61  VAL A HG11 1 
ATOM 926  H HG12 . VAL A 1 61  ? 0.948   -5.032  6.323   1.00 2.11 ? 61  VAL A HG12 1 
ATOM 927  H HG13 . VAL A 1 61  ? 2.236   -6.214  6.096   1.00 2.18 ? 61  VAL A HG13 1 
ATOM 928  H HG21 . VAL A 1 61  ? 3.582   -3.026  7.738   1.00 2.04 ? 61  VAL A HG21 1 
ATOM 929  H HG22 . VAL A 1 61  ? 3.424   -3.735  6.137   1.00 1.90 ? 61  VAL A HG22 1 
ATOM 930  H HG23 . VAL A 1 61  ? 2.030   -2.982  6.916   1.00 1.81 ? 61  VAL A HG23 1 
ATOM 931  N N    . TYR A 1 62  ? 0.196   -3.150  9.538   1.00 0.50 ? 62  TYR A N    1 
ATOM 932  C CA   . TYR A 1 62  ? -1.238  -2.831  9.860   1.00 0.54 ? 62  TYR A CA   1 
ATOM 933  C C    . TYR A 1 62  ? -1.671  -1.467  9.284   1.00 0.46 ? 62  TYR A C    1 
ATOM 934  O O    . TYR A 1 62  ? -1.199  -1.037  8.244   1.00 0.44 ? 62  TYR A O    1 
ATOM 935  C CB   . TYR A 1 62  ? -1.424  -2.832  11.406  1.00 0.62 ? 62  TYR A CB   1 
ATOM 936  C CG   . TYR A 1 62  ? -0.671  -1.667  12.075  1.00 0.63 ? 62  TYR A CG   1 
ATOM 937  C CD1  . TYR A 1 62  ? 0.726   -1.709  12.231  1.00 1.41 ? 62  TYR A CD1  1 
ATOM 938  C CD2  . TYR A 1 62  ? -1.380  -0.553  12.562  1.00 1.18 ? 62  TYR A CD2  1 
ATOM 939  C CE1  . TYR A 1 62  ? 1.398   -0.653  12.879  1.00 1.56 ? 62  TYR A CE1  1 
ATOM 940  C CE2  . TYR A 1 62  ? -0.705  0.495   13.212  1.00 1.14 ? 62  TYR A CE2  1 
ATOM 941  C CZ   . TYR A 1 62  ? 0.685   0.449   13.364  1.00 0.87 ? 62  TYR A CZ   1 
ATOM 942  O OH   . TYR A 1 62  ? 1.356   1.481   14.008  1.00 1.03 ? 62  TYR A OH   1 
ATOM 943  H H    . TYR A 1 62  ? 0.879   -2.420  9.490   1.00 0.45 ? 62  TYR A H    1 
ATOM 944  H HA   . TYR A 1 62  ? -1.870  -3.598  9.440   1.00 0.60 ? 62  TYR A HA   1 
ATOM 945  H HB2  . TYR A 1 62  ? -2.479  -2.738  11.624  1.00 0.92 ? 62  TYR A HB2  1 
ATOM 946  H HB3  . TYR A 1 62  ? -1.075  -3.774  11.819  1.00 0.80 ? 62  TYR A HB3  1 
ATOM 947  H HD1  . TYR A 1 62  ? 1.288   -2.550  11.856  1.00 2.16 ? 62  TYR A HD1  1 
ATOM 948  H HD2  . TYR A 1 62  ? -2.452  -0.506  12.444  1.00 2.00 ? 62  TYR A HD2  1 
ATOM 949  H HE1  . TYR A 1 62  ? 2.471   -0.689  12.999  1.00 2.41 ? 62  TYR A HE1  1 
ATOM 950  H HE2  . TYR A 1 62  ? -1.259  1.345   13.583  1.00 1.84 ? 62  TYR A HE2  1 
ATOM 951  H HH   . TYR A 1 62  ? 0.736   1.941   14.583  1.00 1.26 ? 62  TYR A HH   1 
ATOM 952  N N    . LEU A 1 63  ? -2.616  -0.819  9.941   1.00 0.46 ? 63  LEU A N    1 
ATOM 953  C CA   . LEU A 1 63  ? -3.158  0.493   9.455   1.00 0.44 ? 63  LEU A CA   1 
ATOM 954  C C    . LEU A 1 63  ? -3.542  1.382   10.661  1.00 0.51 ? 63  LEU A C    1 
ATOM 955  O O    . LEU A 1 63  ? -4.224  0.947   11.573  1.00 0.68 ? 63  LEU A O    1 
ATOM 956  C CB   . LEU A 1 63  ? -4.400  0.206   8.582   1.00 0.60 ? 63  LEU A CB   1 
ATOM 957  C CG   . LEU A 1 63  ? -5.138  -1.023  9.136   1.00 0.78 ? 63  LEU A CG   1 
ATOM 958  C CD1  . LEU A 1 63  ? -6.401  -0.619  9.914   1.00 1.53 ? 63  LEU A CD1  1 
ATOM 959  C CD2  . LEU A 1 63  ? -5.516  -1.932  7.972   1.00 1.63 ? 63  LEU A CD2  1 
ATOM 960  H H    . LEU A 1 63  ? -2.990  -1.215  10.753  1.00 0.51 ? 63  LEU A H    1 
ATOM 961  H HA   . LEU A 1 63  ? -2.406  0.994   8.862   1.00 0.39 ? 63  LEU A HA   1 
ATOM 962  H HB2  . LEU A 1 63  ? -5.058  1.060   8.577   1.00 1.31 ? 63  LEU A HB2  1 
ATOM 963  H HB3  . LEU A 1 63  ? -4.080  -0.006  7.568   1.00 1.22 ? 63  LEU A HB3  1 
ATOM 964  H HG   . LEU A 1 63  ? -4.480  -1.559  9.795   1.00 1.59 ? 63  LEU A HG   1 
ATOM 965  H HD11 . LEU A 1 63  ? -6.917  0.174   9.396   1.00 2.06 ? 63  LEU A HD11 1 
ATOM 966  H HD12 . LEU A 1 63  ? -7.055  -1.476  10.002  1.00 2.14 ? 63  LEU A HD12 1 
ATOM 967  H HD13 . LEU A 1 63  ? -6.125  -0.281  10.905  1.00 1.98 ? 63  LEU A HD13 1 
ATOM 968  H HD21 . LEU A 1 63  ? -4.918  -1.675  7.108   1.00 2.23 ? 63  LEU A HD21 1 
ATOM 969  H HD22 . LEU A 1 63  ? -5.327  -2.960  8.247   1.00 2.13 ? 63  LEU A HD22 1 
ATOM 970  H HD23 . LEU A 1 63  ? -6.559  -1.806  7.740   1.00 2.10 ? 63  LEU A HD23 1 
ATOM 971  N N    . SER A 1 64  ? -3.076  2.617   10.681  1.00 0.48 ? 64  SER A N    1 
ATOM 972  C CA   . SER A 1 64  ? -3.362  3.538   11.831  1.00 0.60 ? 64  SER A CA   1 
ATOM 973  C C    . SER A 1 64  ? -4.364  4.644   11.457  1.00 0.63 ? 64  SER A C    1 
ATOM 974  O O    . SER A 1 64  ? -5.038  4.592   10.447  1.00 0.67 ? 64  SER A O    1 
ATOM 975  C CB   . SER A 1 64  ? -2.049  4.184   12.282  1.00 0.68 ? 64  SER A CB   1 
ATOM 976  O OG   . SER A 1 64  ? -2.234  4.817   13.547  1.00 0.88 ? 64  SER A OG   1 
ATOM 977  H H    . SER A 1 64  ? -2.504  2.930   9.949   1.00 0.45 ? 64  SER A H    1 
ATOM 978  H HA   . SER A 1 64  ? -3.767  2.964   12.649  1.00 0.70 ? 64  SER A HA   1 
ATOM 979  H HB2  . SER A 1 64  ? -1.290  3.427   12.372  1.00 0.87 ? 64  SER A HB2  1 
ATOM 980  H HB3  . SER A 1 64  ? -1.737  4.915   11.547  1.00 0.84 ? 64  SER A HB3  1 
ATOM 981  H HG   . SER A 1 64  ? -1.937  4.215   14.231  1.00 1.19 ? 64  SER A HG   1 
ATOM 982  N N    . HIS A 1 65  ? -4.463  5.633   12.317  1.00 0.79 ? 65  HIS A N    1 
ATOM 983  C CA   . HIS A 1 65  ? -5.413  6.768   12.128  1.00 0.88 ? 65  HIS A CA   1 
ATOM 984  C C    . HIS A 1 65  ? -4.777  7.917   11.330  1.00 0.94 ? 65  HIS A C    1 
ATOM 985  O O    . HIS A 1 65  ? -3.724  7.790   10.728  1.00 0.98 ? 65  HIS A O    1 
ATOM 986  C CB   . HIS A 1 65  ? -5.761  7.308   13.521  1.00 1.04 ? 65  HIS A CB   1 
ATOM 987  C CG   . HIS A 1 65  ? -6.857  6.498   14.141  1.00 1.40 ? 65  HIS A CG   1 
ATOM 988  N ND1  . HIS A 1 65  ? -7.974  7.097   14.695  1.00 2.06 ? 65  HIS A ND1  1 
ATOM 989  C CD2  . HIS A 1 65  ? -7.015  5.147   14.334  1.00 2.05 ? 65  HIS A CD2  1 
ATOM 990  C CE1  . HIS A 1 65  ? -8.751  6.121   15.195  1.00 2.67 ? 65  HIS A CE1  1 
ATOM 991  N NE2  . HIS A 1 65  ? -8.214  4.911   15.001  1.00 2.67 ? 65  HIS A NE2  1 
ATOM 992  H H    . HIS A 1 65  ? -3.911  5.612   13.127  1.00 0.93 ? 65  HIS A H    1 
ATOM 993  H HA   . HIS A 1 65  ? -6.310  6.429   11.638  1.00 0.89 ? 65  HIS A HA   1 
ATOM 994  H HB2  . HIS A 1 65  ? -4.883  7.257   14.150  1.00 1.64 ? 65  HIS A HB2  1 
ATOM 995  H HB3  . HIS A 1 65  ? -6.079  8.335   13.443  1.00 1.35 ? 65  HIS A HB3  1 
ATOM 996  H HD1  . HIS A 1 65  ? -8.165  8.058   14.714  1.00 2.44 ? 65  HIS A HD1  1 
ATOM 997  H HD2  . HIS A 1 65  ? -6.317  4.385   14.017  1.00 2.49 ? 65  HIS A HD2  1 
ATOM 998  H HE1  . HIS A 1 65  ? -9.690  6.296   15.699  1.00 3.42 ? 65  HIS A HE1  1 
ATOM 999  N N    . HIS A 1 66  ? -5.432  9.052   11.382  1.00 1.23 ? 66  HIS A N    1 
ATOM 1000 C CA   . HIS A 1 66  ? -4.941  10.290  10.714  1.00 1.38 ? 66  HIS A CA   1 
ATOM 1001 C C    . HIS A 1 66  ? -3.678  10.743  11.448  1.00 1.15 ? 66  HIS A C    1 
ATOM 1002 O O    . HIS A 1 66  ? -3.500  10.459  12.622  1.00 1.28 ? 66  HIS A O    1 
ATOM 1003 C CB   . HIS A 1 66  ? -6.007  11.404  10.791  1.00 1.87 ? 66  HIS A CB   1 
ATOM 1004 C CG   . HIS A 1 66  ? -6.495  11.594  12.220  1.00 1.88 ? 66  HIS A CG   1 
ATOM 1005 N ND1  . HIS A 1 66  ? -7.340  10.691  12.867  1.00 2.35 ? 66  HIS A ND1  1 
ATOM 1006 C CD2  . HIS A 1 66  ? -6.248  12.584  13.140  1.00 2.00 ? 66  HIS A CD2  1 
ATOM 1007 C CE1  . HIS A 1 66  ? -7.553  11.151  14.112  1.00 2.34 ? 66  HIS A CE1  1 
ATOM 1008 N NE2  . HIS A 1 66  ? -6.914  12.302  14.330  1.00 2.18 ? 66  HIS A NE2  1 
ATOM 1009 H H    . HIS A 1 66  ? -6.246  9.089   11.897  1.00 1.47 ? 66  HIS A H    1 
ATOM 1010 H HA   . HIS A 1 66  ? -4.704  10.077  9.680   1.00 1.54 ? 66  HIS A HA   1 
ATOM 1011 H HB2  . HIS A 1 66  ? -5.570  12.330  10.446  1.00 2.26 ? 66  HIS A HB2  1 
ATOM 1012 H HB3  . HIS A 1 66  ? -6.841  11.152  10.153  1.00 2.06 ? 66  HIS A HB3  1 
ATOM 1013 H HD1  . HIS A 1 66  ? -7.726  9.876   12.483  1.00 2.91 ? 66  HIS A HD1  1 
ATOM 1014 H HD2  . HIS A 1 66  ? -5.642  13.460  12.962  1.00 2.38 ? 66  HIS A HD2  1 
ATOM 1015 H HE1  . HIS A 1 66  ? -8.160  10.644  14.850  1.00 2.78 ? 66  HIS A HE1  1 
ATOM 1016 N N    . LEU A 1 67  ? -2.787  11.405  10.755  1.00 1.15 ? 67  LEU A N    1 
ATOM 1017 C CA   . LEU A 1 67  ? -1.511  11.838  11.363  1.00 1.14 ? 67  LEU A CA   1 
ATOM 1018 C C    . LEU A 1 67  ? -0.595  12.470  10.307  1.00 1.42 ? 67  LEU A C    1 
ATOM 1019 O O    . LEU A 1 67  ? -0.847  12.389  9.115   1.00 2.07 ? 67  LEU A O    1 
ATOM 1020 C CB   . LEU A 1 67  ? -0.891  10.628  11.976  1.00 1.54 ? 67  LEU A CB   1 
ATOM 1021 C CG   . LEU A 1 67  ? 0.359   10.270  11.243  1.00 1.42 ? 67  LEU A CG   1 
ATOM 1022 C CD1  . LEU A 1 67  ? 1.517   10.262  12.197  1.00 1.19 ? 67  LEU A CD1  1 
ATOM 1023 C CD2  . LEU A 1 67  ? 0.108   8.935   10.677  1.00 1.94 ? 67  LEU A CD2  1 
ATOM 1024 H H    . LEU A 1 67  ? -2.945  11.580  9.825   1.00 1.38 ? 67  LEU A H    1 
ATOM 1025 H HA   . LEU A 1 67  ? -1.659  12.520  12.137  1.00 1.34 ? 67  LEU A HA   1 
ATOM 1026 H HB2  . LEU A 1 67  ? -0.682  10.838  12.996  1.00 2.07 ? 67  LEU A HB2  1 
ATOM 1027 H HB3  . LEU A 1 67  ? -1.588  9.799   11.923  1.00 2.01 ? 67  LEU A HB3  1 
ATOM 1028 H HG   . LEU A 1 67  ? 0.565   10.960  10.449  1.00 2.03 ? 67  LEU A HG   1 
ATOM 1029 H HD11 . LEU A 1 67  ? 1.184   9.898   13.153  1.00 1.79 ? 67  LEU A HD11 1 
ATOM 1030 H HD12 . LEU A 1 67  ? 2.288   9.632   11.800  1.00 1.44 ? 67  LEU A HD12 1 
ATOM 1031 H HD13 . LEU A 1 67  ? 1.883   11.274  12.301  1.00 1.41 ? 67  LEU A HD13 1 
ATOM 1032 H HD21 . LEU A 1 67  ? -0.904  8.641   10.928  1.00 2.10 ? 67  LEU A HD21 1 
ATOM 1033 H HD22 . LEU A 1 67  ? 0.213   8.997   9.612   1.00 2.52 ? 67  LEU A HD22 1 
ATOM 1034 H HD23 . LEU A 1 67  ? 0.807   8.252   11.098  1.00 2.38 ? 67  LEU A HD23 1 
ATOM 1035 N N    . HIS A 1 68  ? 0.484   13.073  10.750  1.00 1.49 ? 68  HIS A N    1 
ATOM 1036 C CA   . HIS A 1 68  ? 1.457   13.690  9.818   1.00 1.82 ? 68  HIS A CA   1 
ATOM 1037 C C    . HIS A 1 68  ? 2.822   13.051  10.032  1.00 1.56 ? 68  HIS A C    1 
ATOM 1038 O O    . HIS A 1 68  ? 3.198   12.700  11.140  1.00 2.01 ? 68  HIS A O    1 
ATOM 1039 C CB   . HIS A 1 68  ? 1.578   15.164  10.127  1.00 2.56 ? 68  HIS A CB   1 
ATOM 1040 C CG   . HIS A 1 68  ? 0.261   15.697  10.613  1.00 3.11 ? 68  HIS A CG   1 
ATOM 1041 N ND1  . HIS A 1 68  ? 0.189   16.550  11.692  1.00 3.79 ? 68  HIS A ND1  1 
ATOM 1042 C CD2  . HIS A 1 68  ? -1.039  15.470  10.220  1.00 3.56 ? 68  HIS A CD2  1 
ATOM 1043 C CE1  . HIS A 1 68  ? -1.111  16.805  11.924  1.00 4.41 ? 68  HIS A CE1  1 
ATOM 1044 N NE2  . HIS A 1 68  ? -1.904  16.172  11.054  1.00 4.31 ? 68  HIS A NE2  1 
ATOM 1045 H H    . HIS A 1 68  ? 0.665   13.110  11.712  1.00 1.74 ? 68  HIS A H    1 
ATOM 1046 H HA   . HIS A 1 68  ? 1.149   13.550  8.794   1.00 1.97 ? 68  HIS A HA   1 
ATOM 1047 H HB2  . HIS A 1 68  ? 2.319   15.271  10.905  1.00 2.78 ? 68  HIS A HB2  1 
ATOM 1048 H HB3  . HIS A 1 68  ? 1.891   15.700  9.239   1.00 2.85 ? 68  HIS A HB3  1 
ATOM 1049 H HD1  . HIS A 1 68  ? 0.948   16.910  12.194  1.00 4.08 ? 68  HIS A HD1  1 
ATOM 1050 H HD2  . HIS A 1 68  ? -1.344  14.833  9.401   1.00 3.68 ? 68  HIS A HD2  1 
ATOM 1051 H HE1  . HIS A 1 68  ? -1.468  17.437  12.722  1.00 5.16 ? 68  HIS A HE1  1 
ATOM 1052 N N    . GLY A 1 69  ? 3.555   12.897  8.974   1.00 1.25 ? 69  GLY A N    1 
ATOM 1053 C CA   . GLY A 1 69  ? 4.870   12.293  9.056   1.00 1.03 ? 69  GLY A CA   1 
ATOM 1054 C C    . GLY A 1 69  ? 5.026   11.299  7.934   1.00 0.98 ? 69  GLY A C    1 
ATOM 1055 O O    . GLY A 1 69  ? 4.433   11.421  6.871   1.00 1.70 ? 69  GLY A O    1 
ATOM 1056 H H    . GLY A 1 69  ? 3.232   13.169  8.113   1.00 1.53 ? 69  GLY A H    1 
ATOM 1057 H HA2  . GLY A 1 69  ? 5.632   13.048  8.989   1.00 1.55 ? 69  GLY A HA2  1 
ATOM 1058 H HA3  . GLY A 1 69  ? 4.959   11.773  10.007  1.00 1.08 ? 69  GLY A HA3  1 
ATOM 1059 N N    . ASP A 1 70  ? 5.807   10.319  8.233   1.00 0.68 ? 70  ASP A N    1 
ATOM 1060 C CA   . ASP A 1 70  ? 6.095   9.196   7.302   1.00 0.53 ? 70  ASP A CA   1 
ATOM 1061 C C    . ASP A 1 70  ? 5.776   7.869   8.067   1.00 0.49 ? 70  ASP A C    1 
ATOM 1062 O O    . ASP A 1 70  ? 5.359   7.947   9.247   1.00 0.62 ? 70  ASP A O    1 
ATOM 1063 C CB   . ASP A 1 70  ? 7.599   9.283   6.953   1.00 0.60 ? 70  ASP A CB   1 
ATOM 1064 C CG   . ASP A 1 70  ? 7.875   8.701   5.585   1.00 1.10 ? 70  ASP A CG   1 
ATOM 1065 O OD1  . ASP A 1 70  ? 8.102   7.511   5.528   1.00 1.91 ? 70  ASP A OD1  1 
ATOM 1066 O OD2  . ASP A 1 70  ? 7.859   9.445   4.616   1.00 1.52 ? 70  ASP A OD2  1 
ATOM 1067 H H    . ASP A 1 70  ? 6.205   10.336  9.108   1.00 1.14 ? 70  ASP A H    1 
ATOM 1068 H HA   . ASP A 1 70  ? 5.504   9.316   6.433   1.00 0.53 ? 70  ASP A HA   1 
ATOM 1069 H HB2  . ASP A 1 70  ? 7.919   10.310  6.967   1.00 1.13 ? 70  ASP A HB2  1 
ATOM 1070 H HB3  . ASP A 1 70  ? 8.143   8.728   7.660   1.00 1.18 ? 70  ASP A HB3  1 
ATOM 1071 N N    . HIS A 1 71  ? 5.944   6.621   7.497   1.00 0.42 ? 71  HIS A N    1 
ATOM 1072 C CA   . HIS A 1 71  ? 5.658   5.315   8.294   1.00 0.50 ? 71  HIS A CA   1 
ATOM 1073 C C    . HIS A 1 71  ? 4.144   5.066   8.156   1.00 0.48 ? 71  HIS A C    1 
ATOM 1074 O O    . HIS A 1 71  ? 3.700   3.963   7.805   1.00 0.54 ? 71  HIS A O    1 
ATOM 1075 C CB   . HIS A 1 71  ? 5.904   5.576   9.764   1.00 0.57 ? 71  HIS A CB   1 
ATOM 1076 C CG   . HIS A 1 71  ? 6.614   4.481   10.498  1.00 1.19 ? 71  HIS A CG   1 
ATOM 1077 N ND1  . HIS A 1 71  ? 7.098   3.344   9.825   1.00 1.96 ? 71  HIS A ND1  1 
ATOM 1078 C CD2  . HIS A 1 71  ? 6.881   4.257   11.814  1.00 1.98 ? 71  HIS A CD2  1 
ATOM 1079 C CE1  . HIS A 1 71  ? 7.581   2.512   10.733  1.00 2.51 ? 71  HIS A CE1  1 
ATOM 1080 N NE2  . HIS A 1 71  ? 7.489   3.005   11.956  1.00 2.55 ? 71  HIS A NE2  1 
ATOM 1081 H H    . HIS A 1 71  ? 6.247   6.541   6.561   1.00 0.40 ? 71  HIS A H    1 
ATOM 1082 H HA   . HIS A 1 71  ? 6.203   4.447   7.878   1.00 0.56 ? 71  HIS A HA   1 
ATOM 1083 H HB2  . HIS A 1 71  ? 6.445   6.510   9.848   1.00 0.79 ? 71  HIS A HB2  1 
ATOM 1084 H HB3  . HIS A 1 71  ? 4.967   5.703   10.226  1.00 0.84 ? 71  HIS A HB3  1 
ATOM 1085 H HD1  . HIS A 1 71  ? 7.153   3.207   8.848   1.00 2.47 ? 71  HIS A HD1  1 
ATOM 1086 H HD2  . HIS A 1 71  ? 6.673   4.940   12.597  1.00 2.55 ? 71  HIS A HD2  1 
ATOM 1087 H HE1  . HIS A 1 71  ? 7.970   1.518   10.525  1.00 3.25 ? 71  HIS A HE1  1 
ATOM 1088 N N    . SER A 1 72  ? 3.402   6.084   8.465   1.00 0.47 ? 72  SER A N    1 
ATOM 1089 C CA   . SER A 1 72  ? 1.940   5.987   8.480   1.00 0.51 ? 72  SER A CA   1 
ATOM 1090 C C    . SER A 1 72  ? 1.506   6.591   7.189   1.00 0.52 ? 72  SER A C    1 
ATOM 1091 O O    . SER A 1 72  ? 0.996   5.936   6.308   1.00 0.61 ? 72  SER A O    1 
ATOM 1092 C CB   . SER A 1 72  ? 1.401   6.779   9.654   1.00 0.62 ? 72  SER A CB   1 
ATOM 1093 O OG   . SER A 1 72  ? 1.091   5.912   10.729  1.00 1.39 ? 72  SER A OG   1 
ATOM 1094 H H    . SER A 1 72  ? 3.847   6.926   8.711   1.00 0.50 ? 72  SER A H    1 
ATOM 1095 H HA   . SER A 1 72  ? 1.634   4.952   8.558   1.00 0.56 ? 72  SER A HA   1 
ATOM 1096 H HB2  . SER A 1 72  ? 2.122   7.511   9.972   1.00 0.77 ? 72  SER A HB2  1 
ATOM 1097 H HB3  . SER A 1 72  ? 0.531   7.281   9.313   1.00 1.06 ? 72  SER A HB3  1 
ATOM 1098 H HG   . SER A 1 72  ? 0.296   5.437   10.502  1.00 1.78 ? 72  SER A HG   1 
ATOM 1099 N N    . LEU A 1 73  ? 1.826   7.839   7.012   1.00 0.53 ? 73  LEU A N    1 
ATOM 1100 C CA   . LEU A 1 73  ? 1.606   8.487   5.735   1.00 0.56 ? 73  LEU A CA   1 
ATOM 1101 C C    . LEU A 1 73  ? 2.871   8.097   5.041   1.00 0.34 ? 73  LEU A C    1 
ATOM 1102 O O    . LEU A 1 73  ? 3.828   7.606   5.631   1.00 0.40 ? 73  LEU A O    1 
ATOM 1103 C CB   . LEU A 1 73  ? 1.303   9.955   6.016   1.00 0.97 ? 73  LEU A CB   1 
ATOM 1104 C CG   . LEU A 1 73  ? 1.174   10.979  4.965   1.00 0.57 ? 73  LEU A CG   1 
ATOM 1105 C CD1  . LEU A 1 73  ? 1.844   12.215  5.417   1.00 0.66 ? 73  LEU A CD1  1 
ATOM 1106 C CD2  . LEU A 1 73  ? 1.667   10.684  3.605   1.00 1.07 ? 73  LEU A CD2  1 
ATOM 1107 H H    . LEU A 1 73  ? 2.306   8.324   7.686   1.00 0.56 ? 73  LEU A H    1 
ATOM 1108 H HA   . LEU A 1 73  ? 0.785   8.018   5.224   1.00 0.66 ? 73  LEU A HA   1 
ATOM 1109 H HB2  . LEU A 1 73  ? 0.308   9.942   6.319   1.00 1.65 ? 73  LEU A HB2  1 
ATOM 1110 H HB3  . LEU A 1 73  ? 1.914   10.318  6.794   1.00 1.47 ? 73  LEU A HB3  1 
ATOM 1111 H HG   . LEU A 1 73  ? 0.141   11.140  4.943   1.00 1.18 ? 73  LEU A HG   1 
ATOM 1112 H HD11 . LEU A 1 73  ? 1.602   12.380  6.447   1.00 1.26 ? 73  LEU A HD11 1 
ATOM 1113 H HD12 . LEU A 1 73  ? 2.904   12.088  5.297   1.00 1.43 ? 73  LEU A HD12 1 
ATOM 1114 H HD13 . LEU A 1 73  ? 1.494   13.033  4.809   1.00 1.04 ? 73  LEU A HD13 1 
ATOM 1115 H HD21 . LEU A 1 73  ? 2.525   10.061  3.653   1.00 1.55 ? 73  LEU A HD21 1 
ATOM 1116 H HD22 . LEU A 1 73  ? 0.877   10.211  3.059   1.00 1.77 ? 73  LEU A HD22 1 
ATOM 1117 H HD23 . LEU A 1 73  ? 1.925   11.624  3.124   1.00 1.38 ? 73  LEU A HD23 1 
ATOM 1118 N N    . PHE A 1 74  ? 2.804   8.126   3.824   1.00 0.36 ? 74  PHE A N    1 
ATOM 1119 C CA   . PHE A 1 74  ? 3.965   7.525   3.024   1.00 0.25 ? 74  PHE A CA   1 
ATOM 1120 C C    . PHE A 1 74  ? 4.499   8.394   1.884   1.00 0.25 ? 74  PHE A C    1 
ATOM 1121 O O    . PHE A 1 74  ? 3.985   9.438   1.551   1.00 0.26 ? 74  PHE A O    1 
ATOM 1122 C CB   . PHE A 1 74  ? 3.510   6.217   2.409   1.00 0.24 ? 74  PHE A CB   1 
ATOM 1123 C CG   . PHE A 1 74  ? 3.422   5.126   3.447   1.00 0.27 ? 74  PHE A CG   1 
ATOM 1124 C CD1  . PHE A 1 74  ? 2.261   4.959   4.181   1.00 1.20 ? 74  PHE A CD1  1 
ATOM 1125 C CD2  . PHE A 1 74  ? 4.518   4.276   3.669   1.00 1.12 ? 74  PHE A CD2  1 
ATOM 1126 C CE1  . PHE A 1 74  ? 2.179   3.940   5.125   1.00 1.21 ? 74  PHE A CE1  1 
ATOM 1127 C CE2  . PHE A 1 74  ? 4.426   3.251   4.616   1.00 1.15 ? 74  PHE A CE2  1 
ATOM 1128 C CZ   . PHE A 1 74  ? 3.256   3.090   5.349   1.00 0.43 ? 74  PHE A CZ   1 
ATOM 1129 H H    . PHE A 1 74  ? 1.931   8.453   3.446   1.00 0.51 ? 74  PHE A H    1 
ATOM 1130 H HA   . PHE A 1 74  ? 4.784   7.240   3.679   1.00 0.28 ? 74  PHE A HA   1 
ATOM 1131 H HB2  . PHE A 1 74  ? 2.574   6.348   1.920   1.00 0.31 ? 74  PHE A HB2  1 
ATOM 1132 H HB3  . PHE A 1 74  ? 4.238   5.929   1.707   1.00 0.25 ? 74  PHE A HB3  1 
ATOM 1133 H HD1  . PHE A 1 74  ? 1.423   5.611   4.016   1.00 2.04 ? 74  PHE A HD1  1 
ATOM 1134 H HD2  . PHE A 1 74  ? 5.429   4.401   3.099   1.00 1.95 ? 74  PHE A HD2  1 
ATOM 1135 H HE1  . PHE A 1 74  ? 1.274   3.815   5.690   1.00 2.05 ? 74  PHE A HE1  1 
ATOM 1136 H HE2  . PHE A 1 74  ? 5.264   2.594   4.788   1.00 1.99 ? 74  PHE A HE2  1 
ATOM 1137 H HZ   . PHE A 1 74  ? 3.178   2.302   6.084   1.00 0.52 ? 74  PHE A HZ   1 
ATOM 1138 N N    . HIS A 1 75  ? 5.529   7.879   1.261   1.00 0.29 ? 75  HIS A N    1 
ATOM 1139 C CA   . HIS A 1 75  ? 6.165   8.500   0.075   1.00 0.36 ? 75  HIS A CA   1 
ATOM 1140 C C    . HIS A 1 75  ? 6.216   7.395   -0.935  1.00 0.36 ? 75  HIS A C    1 
ATOM 1141 O O    . HIS A 1 75  ? 6.857   6.376   -0.754  1.00 0.46 ? 75  HIS A O    1 
ATOM 1142 C CB   . HIS A 1 75  ? 7.553   8.894   0.381   1.00 0.42 ? 75  HIS A CB   1 
ATOM 1143 C CG   . HIS A 1 75  ? 8.105   9.863   -0.639  1.00 0.50 ? 75  HIS A CG   1 
ATOM 1144 N ND1  . HIS A 1 75  ? 7.380   10.943  -1.126  1.00 1.13 ? 75  HIS A ND1  1 
ATOM 1145 C CD2  . HIS A 1 75  ? 9.327   9.921   -1.271  1.00 1.20 ? 75  HIS A CD2  1 
ATOM 1146 C CE1  . HIS A 1 75  ? 8.166   11.594  -2.007  1.00 0.90 ? 75  HIS A CE1  1 
ATOM 1147 N NE2  . HIS A 1 75  ? 9.360   11.013  -2.132  1.00 0.89 ? 75  HIS A NE2  1 
ATOM 1148 H H    . HIS A 1 75  ? 5.877   7.020   1.563   1.00 0.31 ? 75  HIS A H    1 
ATOM 1149 H HA   . HIS A 1 75  ? 5.582   9.339   -0.282  1.00 0.40 ? 75  HIS A HA   1 
ATOM 1150 H HB2  . HIS A 1 75  ? 7.544   9.322   1.334   1.00 0.41 ? 75  HIS A HB2  1 
ATOM 1151 H HB3  . HIS A 1 75  ? 8.141   8.005   0.379   1.00 0.42 ? 75  HIS A HB3  1 
ATOM 1152 H HD1  . HIS A 1 75  ? 6.466   11.188  -0.877  1.00 1.97 ? 75  HIS A HD1  1 
ATOM 1153 H HD2  . HIS A 1 75  ? 10.139  9.223   -1.121  1.00 2.15 ? 75  HIS A HD2  1 
ATOM 1154 H HE1  . HIS A 1 75  ? 7.865   12.480  -2.546  1.00 1.49 ? 75  HIS A HE1  1 
ATOM 1155 N N    . LEU A 1 76  ? 5.452   7.546   -1.906  1.00 0.37 ? 76  LEU A N    1 
ATOM 1156 C CA   . LEU A 1 76  ? 5.270   6.536   -2.891  1.00 0.47 ? 76  LEU A CA   1 
ATOM 1157 C C    . LEU A 1 76  ? 5.465   7.232   -4.249  1.00 0.62 ? 76  LEU A C    1 
ATOM 1158 O O    . LEU A 1 76  ? 5.306   8.437   -4.386  1.00 0.87 ? 76  LEU A O    1 
ATOM 1159 C CB   . LEU A 1 76  ? 3.919   6.043   -2.382  1.00 0.87 ? 76  LEU A CB   1 
ATOM 1160 C CG   . LEU A 1 76  ? 2.861   5.475   -3.411  1.00 0.39 ? 76  LEU A CG   1 
ATOM 1161 C CD1  . LEU A 1 76  ? 1.617   6.465   -3.416  1.00 0.50 ? 76  LEU A CD1  1 
ATOM 1162 C CD2  . LEU A 1 76  ? 3.408   5.197   -4.896  1.00 0.42 ? 76  LEU A CD2  1 
ATOM 1163 H H    . LEU A 1 76  ? 4.903   8.305   -1.944  1.00 0.40 ? 76  LEU A H    1 
ATOM 1164 H HA   . LEU A 1 76  ? 6.011   5.768   -2.767  1.00 0.39 ? 76  LEU A HA   1 
ATOM 1165 H HB2  . LEU A 1 76  ? 4.144   5.256   -1.688  1.00 1.51 ? 76  LEU A HB2  1 
ATOM 1166 H HB3  . LEU A 1 76  ? 3.466   6.871   -1.797  1.00 1.18 ? 76  LEU A HB3  1 
ATOM 1167 H HG   . LEU A 1 76  ? 3.041   5.846   -3.572  1.00 0.90 ? 76  LEU A HG   1 
ATOM 1168 H HD11 . LEU A 1 76  ? 1.533   6.916   -2.430  1.00 1.22 ? 76  LEU A HD11 1 
ATOM 1169 H HD12 . LEU A 1 76  ? 1.758   7.236   -4.146  1.00 1.11 ? 76  LEU A HD12 1 
ATOM 1170 H HD13 . LEU A 1 76  ? 0.704   5.918   -3.629  1.00 0.94 ? 76  LEU A HD13 1 
ATOM 1171 H HD21 . LEU A 1 76  ? 4.431   4.849   -4.844  1.00 0.96 ? 76  LEU A HD21 1 
ATOM 1172 H HD22 . LEU A 1 76  ? 2.803   4.420   -5.360  1.00 1.09 ? 76  LEU A HD22 1 
ATOM 1173 H HD23 . LEU A 1 76  ? 3.355   6.092   -5.476  1.00 1.07 ? 76  LEU A HD23 1 
ATOM 1174 N N    . GLU A 1 77  ? 6.003   6.509   -5.185  1.00 0.57 ? 77  GLU A N    1 
ATOM 1175 C CA   . GLU A 1 77  ? 6.427   7.139   -6.480  1.00 0.82 ? 77  GLU A CA   1 
ATOM 1176 C C    . GLU A 1 77  ? 6.267   6.150   -7.648  1.00 0.66 ? 77  GLU A C    1 
ATOM 1177 O O    . GLU A 1 77  ? 6.277   4.949   -7.464  1.00 0.60 ? 77  GLU A O    1 
ATOM 1178 C CB   . GLU A 1 77  ? 7.899   7.573   -6.241  1.00 1.02 ? 77  GLU A CB   1 
ATOM 1179 C CG   . GLU A 1 77  ? 8.813   7.371   -7.454  1.00 1.38 ? 77  GLU A CG   1 
ATOM 1180 C CD   . GLU A 1 77  ? 10.194  6.923   -6.954  1.00 2.37 ? 77  GLU A CD   1 
ATOM 1181 O OE1  . GLU A 1 77  ? 10.926  7.762   -6.448  1.00 2.95 ? 77  GLU A OE1  1 
ATOM 1182 O OE2  . GLU A 1 77  ? 10.492  5.745   -7.074  1.00 3.05 ? 77  GLU A OE2  1 
ATOM 1183 H H    . GLU A 1 77  ? 6.234   5.578   -4.985  1.00 0.43 ? 77  GLU A H    1 
ATOM 1184 H HA   . GLU A 1 77  ? 5.829   8.018   -6.671  1.00 1.07 ? 77  GLU A HA   1 
ATOM 1185 H HB2  . GLU A 1 77  ? 7.919   8.616   -5.965  1.00 1.52 ? 77  GLU A HB2  1 
ATOM 1186 H HB3  . GLU A 1 77  ? 8.293   6.995   -5.414  1.00 1.52 ? 77  GLU A HB3  1 
ATOM 1187 H HG2  . GLU A 1 77  ? 8.402   6.622   -8.107  1.00 1.62 ? 77  GLU A HG2  1 
ATOM 1188 H HG3  . GLU A 1 77  ? 8.916   8.305   -7.988  1.00 1.85 ? 77  GLU A HG3  1 
ATOM 1189 N N    . HIS A 1 78  ? 6.086   6.666   -8.846  1.00 0.62 ? 78  HIS A N    1 
ATOM 1190 C CA   . HIS A 1 78  ? 5.880   5.787   -10.045 1.00 0.51 ? 78  HIS A CA   1 
ATOM 1191 C C    . HIS A 1 78  ? 7.197   5.170   -10.501 1.00 0.49 ? 78  HIS A C    1 
ATOM 1192 O O    . HIS A 1 78  ? 8.251   5.423   -9.939  1.00 0.56 ? 78  HIS A O    1 
ATOM 1193 C CB   . HIS A 1 78  ? 5.288   6.611   -11.184 1.00 0.55 ? 78  HIS A CB   1 
ATOM 1194 C CG   . HIS A 1 78  ? 4.044   7.319   -10.711 1.00 0.70 ? 78  HIS A CG   1 
ATOM 1195 N ND1  . HIS A 1 78  ? 3.145   6.721   -9.843  1.00 0.66 ? 78  HIS A ND1  1 
ATOM 1196 C CD2  . HIS A 1 78  ? 3.542   8.575   -10.962 1.00 0.96 ? 78  HIS A CD2  1 
ATOM 1197 C CE1  . HIS A 1 78  ? 2.162   7.606   -9.600  1.00 0.84 ? 78  HIS A CE1  1 
ATOM 1198 N NE2  . HIS A 1 78  ? 2.355   8.753   -10.258 1.00 1.05 ? 78  HIS A NE2  1 
ATOM 1199 H H    . HIS A 1 78  ? 6.066   7.640   -8.954  1.00 0.69 ? 78  HIS A H    1 
ATOM 1200 H HA   . HIS A 1 78  ? 5.196   4.996   -9.797  1.00 0.48 ? 78  HIS A HA   1 
ATOM 1201 H HB2  . HIS A 1 78  ? 6.013   7.324   -11.497 1.00 0.57 ? 78  HIS A HB2  1 
ATOM 1202 H HB3  . HIS A 1 78  ? 5.041   5.964   -12.014 1.00 0.51 ? 78  HIS A HB3  1 
ATOM 1203 H HD1  . HIS A 1 78  ? 3.211   5.815   -9.476  1.00 0.54 ? 78  HIS A HD1  1 
ATOM 1204 H HD2  . HIS A 1 78  ? 3.997   9.312   -11.609 1.00 1.09 ? 78  HIS A HD2  1 
ATOM 1205 H HE1  . HIS A 1 78  ? 1.324   7.415   -8.948  1.00 0.86 ? 78  HIS A HE1  1 
ATOM 1206 N N    . HIS A 1 79  ? 7.132   4.317   -11.491 1.00 0.45 ? 79  HIS A N    1 
ATOM 1207 C CA   . HIS A 1 79  ? 8.371   3.633   -11.952 1.00 0.53 ? 79  HIS A CA   1 
ATOM 1208 C C    . HIS A 1 79  ? 8.227   3.119   -13.392 1.00 0.57 ? 79  HIS A C    1 
ATOM 1209 O O    . HIS A 1 79  ? 8.007   1.940   -13.612 1.00 0.58 ? 79  HIS A O    1 
ATOM 1210 C CB   . HIS A 1 79  ? 8.562   2.469   -11.005 1.00 0.54 ? 79  HIS A CB   1 
ATOM 1211 C CG   . HIS A 1 79  ? 9.987   2.067   -10.929 1.00 0.74 ? 79  HIS A CG   1 
ATOM 1212 N ND1  . HIS A 1 79  ? 10.842  2.021   -12.022 1.00 0.90 ? 79  HIS A ND1  1 
ATOM 1213 C CD2  . HIS A 1 79  ? 10.704  1.665   -9.859  1.00 0.94 ? 79  HIS A CD2  1 
ATOM 1214 C CE1  . HIS A 1 79  ? 12.034  1.591   -11.572 1.00 1.07 ? 79  HIS A CE1  1 
ATOM 1215 N NE2  . HIS A 1 79  ? 12.007  1.358   -10.252 1.00 1.12 ? 79  HIS A NE2  1 
ATOM 1216 H H    . HIS A 1 79  ? 6.258   4.095   -11.891 1.00 0.42 ? 79  HIS A H    1 
ATOM 1217 H HA   . HIS A 1 79  ? 9.214   4.303   -11.881 1.00 0.62 ? 79  HIS A HA   1 
ATOM 1218 H HB2  . HIS A 1 79  ? 8.238   2.771   -10.019 1.00 0.82 ? 79  HIS A HB2  1 
ATOM 1219 H HB3  . HIS A 1 79  ? 7.966   1.633   -11.332 1.00 1.13 ? 79  HIS A HB3  1 
ATOM 1220 H HD1  . HIS A 1 79  ? 10.618  2.258   -12.949 1.00 1.00 ? 79  HIS A HD1  1 
ATOM 1221 H HD2  . HIS A 1 79  ? 10.294  1.596   -8.854  1.00 1.06 ? 79  HIS A HD2  1 
ATOM 1222 H HE1  . HIS A 1 79  ? 12.903  1.449   -12.199 1.00 1.23 ? 79  HIS A HE1  1 
ATOM 1223 N N    . GLY A 1 80  ? 8.355   3.989   -14.375 1.00 0.64 ? 80  GLY A N    1 
ATOM 1224 C CA   . GLY A 1 80  ? 8.211   3.550   -15.798 1.00 0.72 ? 80  GLY A CA   1 
ATOM 1225 C C    . GLY A 1 80  ? 6.747   3.205   -16.025 1.00 0.67 ? 80  GLY A C    1 
ATOM 1226 O O    . GLY A 1 80  ? 5.973   3.991   -16.545 1.00 1.08 ? 80  GLY A O    1 
ATOM 1227 H H    . GLY A 1 80  ? 8.534   4.929   -14.173 1.00 0.68 ? 80  GLY A H    1 
ATOM 1228 H HA2  . GLY A 1 80  ? 8.515   4.342   -16.467 1.00 1.10 ? 80  GLY A HA2  1 
ATOM 1229 H HA3  . GLY A 1 80  ? 8.814   2.667   -15.976 1.00 1.02 ? 80  GLY A HA3  1 
ATOM 1230 N N    . GLY A 1 81  ? 6.364   2.054   -15.555 1.00 0.56 ? 81  GLY A N    1 
ATOM 1231 C CA   . GLY A 1 81  ? 4.959   1.612   -15.649 1.00 0.53 ? 81  GLY A CA   1 
ATOM 1232 C C    . GLY A 1 81  ? 4.507   1.165   -14.268 1.00 0.48 ? 81  GLY A C    1 
ATOM 1233 O O    . GLY A 1 81  ? 3.356   0.903   -14.067 1.00 0.53 ? 81  GLY A O    1 
ATOM 1234 H H    . GLY A 1 81  ? 7.022   1.476   -15.118 1.00 0.84 ? 81  GLY A H    1 
ATOM 1235 H HA2  . GLY A 1 81  ? 4.332   2.424   -15.981 1.00 1.08 ? 81  GLY A HA2  1 
ATOM 1236 H HA3  . GLY A 1 81  ? 4.872   0.779   -16.327 1.00 0.99 ? 81  GLY A HA3  1 
ATOM 1237 N N    . LYS A 1 82  ? 5.395   1.029   -13.310 1.00 0.41 ? 82  LYS A N    1 
ATOM 1238 C CA   . LYS A 1 82  ? 4.964   0.512   -12.043 1.00 0.37 ? 82  LYS A CA   1 
ATOM 1239 C C    . LYS A 1 82  ? 4.959   1.574   -10.965 1.00 0.31 ? 82  LYS A C    1 
ATOM 1240 O O    . LYS A 1 82  ? 4.764   2.765   -11.217 1.00 0.34 ? 82  LYS A O    1 
ATOM 1241 C CB   . LYS A 1 82  ? 5.865   -0.639  -11.694 1.00 0.42 ? 82  LYS A CB   1 
ATOM 1242 C CG   . LYS A 1 82  ? 6.311   -1.334  -12.979 1.00 0.76 ? 82  LYS A CG   1 
ATOM 1243 C CD   . LYS A 1 82  ? 6.431   -2.842  -12.756 1.00 1.24 ? 82  LYS A CD   1 
ATOM 1244 C CE   . LYS A 1 82  ? 6.177   -3.564  -14.087 1.00 1.38 ? 82  LYS A CE   1 
ATOM 1245 N NZ   . LYS A 1 82  ? 7.477   -3.938  -14.718 1.00 1.97 ? 82  LYS A NZ   1 
ATOM 1246 H H    . LYS A 1 82  ? 6.342   1.177   -13.442 1.00 0.41 ? 82  LYS A H    1 
ATOM 1247 H HA   . LYS A 1 82  ? 3.990   0.142   -12.134 1.00 0.40 ? 82  LYS A HA   1 
ATOM 1248 H HB2  . LYS A 1 82  ? 6.703   -0.280  -11.146 1.00 0.78 ? 82  LYS A HB2  1 
ATOM 1249 H HB3  . LYS A 1 82  ? 5.328   -1.329  -11.110 1.00 0.74 ? 82  LYS A HB3  1 
ATOM 1250 H HG2  . LYS A 1 82  ? 5.574   -1.155  -13.743 1.00 1.59 ? 82  LYS A HG2  1 
ATOM 1251 H HG3  . LYS A 1 82  ? 7.265   -0.940  -13.297 1.00 0.66 ? 82  LYS A HG3  1 
ATOM 1252 H HD2  . LYS A 1 82  ? 7.425   -3.078  -12.400 1.00 2.00 ? 82  LYS A HD2  1 
ATOM 1253 H HD3  . LYS A 1 82  ? 5.701   -3.163  -12.031 1.00 1.49 ? 82  LYS A HD3  1 
ATOM 1254 H HE2  . LYS A 1 82  ? 5.598   -4.456  -13.909 1.00 1.91 ? 82  LYS A HE2  1 
ATOM 1255 H HE3  . LYS A 1 82  ? 5.632   -2.908  -14.754 1.00 1.60 ? 82  LYS A HE3  1 
ATOM 1256 H HZ1  . LYS A 1 82  ? 8.146   -3.144  -14.639 1.00 2.41 ? 82  LYS A HZ1  1 
ATOM 1257 H HZ2  . LYS A 1 82  ? 7.867   -4.771  -14.236 1.00 2.26 ? 82  LYS A HZ2  1 
ATOM 1258 H HZ3  . LYS A 1 82  ? 7.324   -4.163  -15.722 1.00 2.51 ? 82  LYS A HZ3  1 
ATOM 1259 N N    . VAL A 1 83  ? 5.049   1.106   -9.759  1.00 0.30 ? 83  VAL A N    1 
ATOM 1260 C CA   . VAL A 1 83  ? 4.933   1.981   -8.582  1.00 0.31 ? 83  VAL A CA   1 
ATOM 1261 C C    . VAL A 1 83  ? 5.882   1.471   -7.472  1.00 0.31 ? 83  VAL A C    1 
ATOM 1262 O O    . VAL A 1 83  ? 6.228   0.294   -7.396  1.00 0.33 ? 83  VAL A O    1 
ATOM 1263 C CB   . VAL A 1 83  ? 3.483   1.843   -8.037  1.00 0.44 ? 83  VAL A CB   1 
ATOM 1264 C CG1  . VAL A 1 83  ? 3.474   1.718   -6.557  1.00 1.09 ? 83  VAL A CG1  1 
ATOM 1265 C CG2  . VAL A 1 83  ? 2.554   2.917   -8.458  1.00 0.98 ? 83  VAL A CG2  1 
ATOM 1266 H H    . VAL A 1 83  ? 5.122   0.169   -9.623  1.00 0.31 ? 83  VAL A H    1 
ATOM 1267 H HA   . VAL A 1 83  ? 5.178   2.976   -8.856  1.00 0.31 ? 83  VAL A HA   1 
ATOM 1268 H HB   . VAL A 1 83  ? 3.122   0.928   -8.406  1.00 1.20 ? 83  VAL A HB   1 
ATOM 1269 H HG11 . VAL A 1 83  ? 4.178   0.945   -6.268  1.00 1.82 ? 83  VAL A HG11 1 
ATOM 1270 H HG12 . VAL A 1 83  ? 3.779   2.658   -6.116  1.00 1.38 ? 83  VAL A HG12 1 
ATOM 1271 H HG13 . VAL A 1 83  ? 2.500   1.450   -6.268  1.00 1.62 ? 83  VAL A HG13 1 
ATOM 1272 H HG21 . VAL A 1 83  ? 2.979   3.400   -9.317  1.00 1.49 ? 83  VAL A HG21 1 
ATOM 1273 H HG22 . VAL A 1 83  ? 1.620   2.464   -8.709  1.00 1.49 ? 83  VAL A HG22 1 
ATOM 1274 H HG23 . VAL A 1 83  ? 2.445   3.624   -7.651  1.00 1.57 ? 83  VAL A HG23 1 
ATOM 1275 N N    . SER A 1 84  ? 6.157   2.348   -6.540  1.00 0.30 ? 84  SER A N    1 
ATOM 1276 C CA   . SER A 1 84  ? 6.915   1.947   -5.331  1.00 0.27 ? 84  SER A CA   1 
ATOM 1277 C C    . SER A 1 84  ? 6.463   2.794   -4.138  1.00 0.25 ? 84  SER A C    1 
ATOM 1278 O O    . SER A 1 84  ? 6.356   4.003   -4.207  1.00 0.33 ? 84  SER A O    1 
ATOM 1279 C CB   . SER A 1 84  ? 8.405   2.072   -5.504  1.00 0.32 ? 84  SER A CB   1 
ATOM 1280 O OG   . SER A 1 84  ? 8.774   1.523   -6.759  1.00 0.81 ? 84  SER A OG   1 
ATOM 1281 H H    . SER A 1 84  ? 5.767   3.248   -6.591  1.00 0.34 ? 84  SER A H    1 
ATOM 1282 H HA   . SER A 1 84  ? 6.666   0.925   -5.119  1.00 0.28 ? 84  SER A HA   1 
ATOM 1283 H HB2  . SER A 1 84  ? 8.699   3.103   -5.461  1.00 0.63 ? 84  SER A HB2  1 
ATOM 1284 H HB3  . SER A 1 84  ? 8.885   1.530   -4.706  1.00 0.48 ? 84  SER A HB3  1 
ATOM 1285 H HG   . SER A 1 84  ? 9.705   1.273   -6.704  1.00 1.24 ? 84  SER A HG   1 
ATOM 1286 N N    . ILE A 1 85  ? 6.204   2.132   -3.058  1.00 0.19 ? 85  ILE A N    1 
ATOM 1287 C CA   . ILE A 1 85  ? 5.750   2.821   -1.830  1.00 0.20 ? 85  ILE A CA   1 
ATOM 1288 C C    . ILE A 1 85  ? 6.814   2.697   -0.771  1.00 0.22 ? 85  ILE A C    1 
ATOM 1289 O O    . ILE A 1 85  ? 7.387   1.641   -0.565  1.00 0.37 ? 85  ILE A O    1 
ATOM 1290 C CB   . ILE A 1 85  ? 4.492   2.176   -1.341  1.00 0.23 ? 85  ILE A CB   1 
ATOM 1291 C CG1  . ILE A 1 85  ? 3.467   2.318   -2.440  1.00 0.26 ? 85  ILE A CG1  1 
ATOM 1292 C CG2  . ILE A 1 85  ? 3.979   2.906   -0.097  1.00 0.29 ? 85  ILE A CG2  1 
ATOM 1293 C CD1  . ILE A 1 85  ? 2.404   1.311   -2.208  1.00 0.36 ? 85  ILE A CD1  1 
ATOM 1294 H H    . ILE A 1 85  ? 6.298   1.165   -3.066  1.00 0.18 ? 85  ILE A H    1 
ATOM 1295 H HA   . ILE A 1 85  ? 5.542   3.856   -2.045  1.00 0.22 ? 85  ILE A HA   1 
ATOM 1296 H HB   . ILE A 1 85  ? 4.672   1.136   -1.145  1.00 0.27 ? 85  ILE A HB   1 
ATOM 1297 H HG12 . ILE A 1 85  ? 3.046   3.302   -2.409  1.00 0.32 ? 85  ILE A HG12 1 
ATOM 1298 H HG13 . ILE A 1 85  ? 3.920   2.150   -3.416  1.00 0.31 ? 85  ILE A HG13 1 
ATOM 1299 H HG21 . ILE A 1 85  ? 4.780   3.020   0.600   1.00 0.74 ? 85  ILE A HG21 1 
ATOM 1300 H HG22 . ILE A 1 85  ? 3.615   3.888   -0.381  1.00 0.99 ? 85  ILE A HG22 1 
ATOM 1301 H HG23 . ILE A 1 85  ? 3.176   2.346   0.347   1.00 1.05 ? 85  ILE A HG23 1 
ATOM 1302 H HD11 . ILE A 1 85  ? 2.533   0.914   -1.218  1.00 1.08 ? 85  ILE A HD11 1 
ATOM 1303 H HD12 . ILE A 1 85  ? 1.451   1.793   -2.298  1.00 1.07 ? 85  ILE A HD12 1 
ATOM 1304 H HD13 . ILE A 1 85  ? 2.497   0.522   -2.936  1.00 0.81 ? 85  ILE A HD13 1 
ATOM 1305 N N    . LYS A 1 86  ? 7.118   3.778   -0.130  1.00 0.22 ? 86  LYS A N    1 
ATOM 1306 C CA   . LYS A 1 86  ? 8.194   3.735   0.877   1.00 0.22 ? 86  LYS A CA   1 
ATOM 1307 C C    . LYS A 1 86  ? 7.851   4.530   2.111   1.00 0.28 ? 86  LYS A C    1 
ATOM 1308 O O    . LYS A 1 86  ? 7.293   5.619   2.047   1.00 0.34 ? 86  LYS A O    1 
ATOM 1309 C CB   . LYS A 1 86  ? 9.429   4.352   0.230   1.00 0.35 ? 86  LYS A CB   1 
ATOM 1310 C CG   . LYS A 1 86  ? 10.569  4.645   1.221   1.00 0.37 ? 86  LYS A CG   1 
ATOM 1311 C CD   . LYS A 1 86  ? 10.319  5.987   1.926   1.00 0.64 ? 86  LYS A CD   1 
ATOM 1312 C CE   . LYS A 1 86  ? 11.283  7.045   1.390   1.00 0.73 ? 86  LYS A CE   1 
ATOM 1313 N NZ   . LYS A 1 86  ? 12.632  6.841   1.990   1.00 1.59 ? 86  LYS A NZ   1 
ATOM 1314 H H    . LYS A 1 86  ? 6.673   4.621   -0.344  1.00 0.29 ? 86  LYS A H    1 
ATOM 1315 H HA   . LYS A 1 86  ? 8.393   2.721   1.141   1.00 0.23 ? 86  LYS A HA   1 
ATOM 1316 H HB2  . LYS A 1 86  ? 9.789   3.699   -0.545  1.00 0.77 ? 86  LYS A HB2  1 
ATOM 1317 H HB3  . LYS A 1 86  ? 9.128   5.271   -0.204  1.00 1.05 ? 86  LYS A HB3  1 
ATOM 1318 H HG2  . LYS A 1 86  ? 10.677  3.860   1.929   1.00 0.81 ? 86  LYS A HG2  1 
ATOM 1319 H HG3  . LYS A 1 86  ? 11.472  4.708   0.680   1.00 0.93 ? 86  LYS A HG3  1 
ATOM 1320 H HD2  . LYS A 1 86  ? 9.304   6.311   1.744   1.00 1.43 ? 86  LYS A HD2  1 
ATOM 1321 H HD3  . LYS A 1 86  ? 10.473  5.873   2.984   1.00 0.93 ? 86  LYS A HD3  1 
ATOM 1322 H HE2  . LYS A 1 86  ? 11.347  6.963   0.315   1.00 1.48 ? 86  LYS A HE2  1 
ATOM 1323 H HE3  . LYS A 1 86  ? 10.917  8.026   1.654   1.00 1.24 ? 86  LYS A HE3  1 
ATOM 1324 H HZ1  . LYS A 1 86  ? 12.892  5.836   1.938   1.00 2.24 ? 86  LYS A HZ1  1 
ATOM 1325 H HZ2  . LYS A 1 86  ? 13.330  7.408   1.468   1.00 2.04 ? 86  LYS A HZ2  1 
ATOM 1326 H HZ3  . LYS A 1 86  ? 12.617  7.141   2.985   1.00 1.99 ? 86  LYS A HZ3  1 
ATOM 1327 N N    . GLY A 1 87  ? 8.248   4.006   3.222   1.00 0.33 ? 87  GLY A N    1 
ATOM 1328 C CA   . GLY A 1 87  ? 8.032   4.734   4.491   1.00 0.51 ? 87  GLY A CA   1 
ATOM 1329 C C    . GLY A 1 87  ? 9.343   4.770   5.327   1.00 0.48 ? 87  GLY A C    1 
ATOM 1330 O O    . GLY A 1 87  ? 10.410  4.965   4.777   1.00 0.98 ? 87  GLY A O    1 
ATOM 1331 H H    . GLY A 1 87  ? 8.716   3.150   3.201   1.00 0.28 ? 87  GLY A H    1 
ATOM 1332 H HA2  . GLY A 1 87  ? 7.793   5.733   4.218   1.00 1.41 ? 87  GLY A HA2  1 
ATOM 1333 H HA3  . GLY A 1 87  ? 7.202   4.324   5.044   1.00 0.63 ? 87  GLY A HA3  1 
ATOM 1334 N N    . HIS A 1 88  ? 9.286   4.646   6.643   1.00 1.00 ? 88  HIS A N    1 
ATOM 1335 C CA   . HIS A 1 88  ? 10.524  4.751   7.495   1.00 1.13 ? 88  HIS A CA   1 
ATOM 1336 C C    . HIS A 1 88  ? 11.644  3.752   7.106   1.00 0.68 ? 88  HIS A C    1 
ATOM 1337 O O    . HIS A 1 88  ? 11.449  2.795   6.380   1.00 0.74 ? 88  HIS A O    1 
ATOM 1338 C CB   . HIS A 1 88  ? 10.130  4.421   8.930   1.00 1.89 ? 88  HIS A CB   1 
ATOM 1339 C CG   . HIS A 1 88  ? 11.036  5.055   9.974   1.00 2.24 ? 88  HIS A CG   1 
ATOM 1340 N ND1  . HIS A 1 88  ? 12.283  4.531   10.282  1.00 2.78 ? 88  HIS A ND1  1 
ATOM 1341 C CD2  . HIS A 1 88  ? 10.890  6.151   10.795  1.00 2.55 ? 88  HIS A CD2  1 
ATOM 1342 C CE1  . HIS A 1 88  ? 12.842  5.305   11.221  1.00 3.02 ? 88  HIS A CE1  1 
ATOM 1343 N NE2  . HIS A 1 88  ? 12.036  6.306   11.577  1.00 2.85 ? 88  HIS A NE2  1 
ATOM 1344 H H    . HIS A 1 88  ? 8.427   4.528   7.094   1.00 1.55 ? 88  HIS A H    1 
ATOM 1345 H HA   . HIS A 1 88  ? 10.890  5.756   7.457   1.00 1.37 ? 88  HIS A HA   1 
ATOM 1346 H HB2  . HIS A 1 88  ? 9.117   4.724   9.104   1.00 2.28 ? 88  HIS A HB2  1 
ATOM 1347 H HB3  . HIS A 1 88  ? 10.205  3.373   9.014   1.00 2.01 ? 88  HIS A HB3  1 
ATOM 1348 H HD1  . HIS A 1 88  ? 12.671  3.720   9.903   1.00 3.21 ? 88  HIS A HD1  1 
ATOM 1349 H HD2  . HIS A 1 88  ? 10.002  6.759   10.870  1.00 2.91 ? 88  HIS A HD2  1 
ATOM 1350 H HE1  . HIS A 1 88  ? 13.839  5.155   11.614  1.00 3.60 ? 88  HIS A HE1  1 
ATOM 1351 N N    . HIS A 1 89  ? 12.788  3.969   7.733   1.00 0.78 ? 89  HIS A N    1 
ATOM 1352 C CA   . HIS A 1 89  ? 14.018  3.090   7.626   1.00 0.69 ? 89  HIS A CA   1 
ATOM 1353 C C    . HIS A 1 89  ? 14.451  2.824   6.210   1.00 0.63 ? 89  HIS A C    1 
ATOM 1354 O O    . HIS A 1 89  ? 15.167  1.871   5.937   1.00 0.64 ? 89  HIS A O    1 
ATOM 1355 C CB   . HIS A 1 89  ? 13.647  1.763   8.217   1.00 1.11 ? 89  HIS A CB   1 
ATOM 1356 C CG   . HIS A 1 89  ? 14.240  1.445   9.555   1.00 1.35 ? 89  HIS A CG   1 
ATOM 1357 N ND1  . HIS A 1 89  ? 14.495  2.386   10.535  1.00 1.81 ? 89  HIS A ND1  1 
ATOM 1358 C CD2  . HIS A 1 89  ? 14.520  0.228   10.120  1.00 2.28 ? 89  HIS A CD2  1 
ATOM 1359 C CE1  . HIS A 1 89  ? 14.891  1.718   11.636  1.00 2.60 ? 89  HIS A CE1  1 
ATOM 1360 N NE2  . HIS A 1 89  ? 14.927  0.400   11.433  1.00 2.83 ? 89  HIS A NE2  1 
ATOM 1361 H H    . HIS A 1 89  ? 12.816  4.713   8.337   1.00 1.19 ? 89  HIS A H    1 
ATOM 1362 H HA   . HIS A 1 89  ? 14.821  3.527   8.169   1.00 0.89 ? 89  HIS A HA   1 
ATOM 1363 H HB2  . HIS A 1 89  ? 12.584  1.766   8.317   1.00 1.50 ? 89  HIS A HB2  1 
ATOM 1364 H HB3  . HIS A 1 89  ? 13.934  0.991   7.519   1.00 1.89 ? 89  HIS A HB3  1 
ATOM 1365 H HD1  . HIS A 1 89  ? 14.433  3.355   10.437  1.00 2.08 ? 89  HIS A HD1  1 
ATOM 1366 H HD2  . HIS A 1 89  ? 14.432  -0.723  9.612   1.00 2.89 ? 89  HIS A HD2  1 
ATOM 1367 H HE1  . HIS A 1 89  ? 15.117  2.188   12.580  1.00 3.35 ? 89  HIS A HE1  1 
ATOM 1368 N N    . HIS A 1 90  ? 14.030  3.630   5.320   1.00 0.61 ? 90  HIS A N    1 
ATOM 1369 C CA   . HIS A 1 90  ? 14.405  3.428   3.912   1.00 0.61 ? 90  HIS A CA   1 
ATOM 1370 C C    . HIS A 1 90  ? 13.752  2.128   3.364   1.00 0.53 ? 90  HIS A C    1 
ATOM 1371 O O    . HIS A 1 90  ? 14.214  1.610   2.360   1.00 0.63 ? 90  HIS A O    1 
ATOM 1372 C CB   . HIS A 1 90  ? 15.950  3.353   3.810   1.00 0.71 ? 90  HIS A CB   1 
ATOM 1373 C CG   . HIS A 1 90  ? 16.456  4.405   2.844   1.00 1.30 ? 90  HIS A CG   1 
ATOM 1374 N ND1  . HIS A 1 90  ? 15.639  4.959   1.869   1.00 2.05 ? 90  HIS A ND1  1 
ATOM 1375 C CD2  . HIS A 1 90  ? 17.677  5.036   2.703   1.00 2.16 ? 90  HIS A CD2  1 
ATOM 1376 C CE1  . HIS A 1 90  ? 16.358  5.875   1.200   1.00 2.73 ? 90  HIS A CE1  1 
ATOM 1377 N NE2  . HIS A 1 90  ? 17.607  5.962   1.663   1.00 2.80 ? 90  HIS A NE2  1 
ATOM 1378 H H    . HIS A 1 90  ? 13.471  4.378   5.583   1.00 0.64 ? 90  HIS A H    1 
ATOM 1379 H HA   . HIS A 1 90  ? 14.054  4.268   3.335   1.00 0.65 ? 90  HIS A HA   1 
ATOM 1380 H HB2  . HIS A 1 90  ? 16.378  3.529   4.789   1.00 1.25 ? 90  HIS A HB2  1 
ATOM 1381 H HB3  . HIS A 1 90  ? 16.242  2.372   3.466   1.00 1.18 ? 90  HIS A HB3  1 
ATOM 1382 H HD1  . HIS A 1 90  ? 14.708  4.715   1.692   1.00 2.48 ? 90  HIS A HD1  1 
ATOM 1383 H HD2  . HIS A 1 90  ? 18.558  4.844   3.303   1.00 2.70 ? 90  HIS A HD2  1 
ATOM 1384 H HE1  . HIS A 1 90  ? 15.966  6.477   0.393   1.00 3.52 ? 90  HIS A HE1  1 
ATOM 1385 N N    . HIS A 1 91  ? 12.667  1.587   3.966   1.00 0.45 ? 91  HIS A N    1 
ATOM 1386 C CA   . HIS A 1 91  ? 12.066  0.373   3.362   1.00 0.39 ? 91  HIS A CA   1 
ATOM 1387 C C    . HIS A 1 91  ? 10.909  0.756   2.459   1.00 0.33 ? 91  HIS A C    1 
ATOM 1388 O O    . HIS A 1 91  ? 10.237  1.776   2.635   1.00 0.36 ? 91  HIS A O    1 
ATOM 1389 C CB   . HIS A 1 91  ? 11.514  -0.740  4.329   1.00 0.44 ? 91  HIS A CB   1 
ATOM 1390 C CG   . HIS A 1 91  ? 11.267  -0.469  5.787   1.00 1.52 ? 91  HIS A CG   1 
ATOM 1391 N ND1  . HIS A 1 91  ? 12.112  0.231   6.586   1.00 2.00 ? 91  HIS A ND1  1 
ATOM 1392 C CD2  . HIS A 1 91  ? 10.336  -1.032  6.639   1.00 2.55 ? 91  HIS A CD2  1 
ATOM 1393 C CE1  . HIS A 1 91  ? 11.686  0.040   7.869   1.00 3.06 ? 91  HIS A CE1  1 
ATOM 1394 N NE2  . HIS A 1 91  ? 10.614  -0.710  7.937   1.00 3.47 ? 91  HIS A NE2  1 
ATOM 1395 H H    . HIS A 1 91  ? 12.256  1.980   4.745   1.00 0.50 ? 91  HIS A H    1 
ATOM 1396 H HA   . HIS A 1 91  ? 12.822  -0.080  2.731   1.00 0.40 ? 91  HIS A HA   1 
ATOM 1397 H HB2  . HIS A 1 91  ? 10.570  -1.053  3.957   1.00 0.55 ? 91  HIS A HB2  1 
ATOM 1398 H HB3  . HIS A 1 91  ? 12.181  -1.559  4.272   1.00 0.93 ? 91  HIS A HB3  1 
ATOM 1399 H HD1  . HIS A 1 91  ? 12.854  0.787   6.288   1.00 1.81 ? 91  HIS A HD1  1 
ATOM 1400 H HD2  . HIS A 1 91  ? 9.525   -1.656  6.347   1.00 2.71 ? 91  HIS A HD2  1 
ATOM 1401 H HE1  . HIS A 1 91  ? 12.189  0.414   8.740   1.00 3.67 ? 91  HIS A HE1  1 
ATOM 1402 N N    . TYR A 1 92  ? 10.646  -0.115  1.523   1.00 0.30 ? 92  TYR A N    1 
ATOM 1403 C CA   . TYR A 1 92  ? 9.543   0.054   0.600   1.00 0.23 ? 92  TYR A CA   1 
ATOM 1404 C C    . TYR A 1 92  ? 8.515   -0.998  1.032   1.00 0.25 ? 92  TYR A C    1 
ATOM 1405 O O    . TYR A 1 92  ? 8.791   -1.810  1.918   1.00 0.33 ? 92  TYR A O    1 
ATOM 1406 C CB   . TYR A 1 92  ? 10.092  -0.253  -0.818  1.00 0.21 ? 92  TYR A CB   1 
ATOM 1407 C CG   . TYR A 1 92  ? 10.972  0.873   -1.278  1.00 0.24 ? 92  TYR A CG   1 
ATOM 1408 C CD1  . TYR A 1 92  ? 12.203  1.088   -0.661  1.00 1.14 ? 92  TYR A CD1  1 
ATOM 1409 C CD2  . TYR A 1 92  ? 10.544  1.712   -2.307  1.00 1.16 ? 92  TYR A CD2  1 
ATOM 1410 C CE1  . TYR A 1 92  ? 13.024  2.134   -1.087  1.00 1.17 ? 92  TYR A CE1  1 
ATOM 1411 C CE2  . TYR A 1 92  ? 11.360  2.760   -2.734  1.00 1.18 ? 92  TYR A CE2  1 
ATOM 1412 C CZ   . TYR A 1 92  ? 12.596  2.979   -2.116  1.00 0.41 ? 92  TYR A CZ   1 
ATOM 1413 O OH   . TYR A 1 92  ? 13.399  4.021   -2.534  1.00 0.52 ? 92  TYR A OH   1 
ATOM 1414 H H    . TYR A 1 92  ? 11.193  -0.916  1.424   1.00 0.34 ? 92  TYR A H    1 
ATOM 1415 H HA   . TYR A 1 92  ? 9.140   1.041   0.662   1.00 0.22 ? 92  TYR A HA   1 
ATOM 1416 H HB2  . TYR A 1 92  ? 10.670  -1.165  -0.802  1.00 0.51 ? 92  TYR A HB2  1 
ATOM 1417 H HB3  . TYR A 1 92  ? 9.300   -0.375  -1.507  1.00 0.60 ? 92  TYR A HB3  1 
ATOM 1418 H HD1  . TYR A 1 92  ? 12.527  0.432   0.134   1.00 1.97 ? 92  TYR A HD1  1 
ATOM 1419 H HD2  . TYR A 1 92  ? 9.586   1.542   -2.779  1.00 2.00 ? 92  TYR A HD2  1 
ATOM 1420 H HE1  . TYR A 1 92  ? 13.978  2.299   -0.610  1.00 2.01 ? 92  TYR A HE1  1 
ATOM 1421 H HE2  . TYR A 1 92  ? 11.033  3.409   -3.531  1.00 2.02 ? 92  TYR A HE2  1 
ATOM 1422 H HH   . TYR A 1 92  ? 12.888  4.832   -2.462  1.00 1.05 ? 92  TYR A HH   1 
ATOM 1423 N N    . ILE A 1 93  ? 7.353   -1.019  0.448   1.00 0.25 ? 93  ILE A N    1 
ATOM 1424 C CA   . ILE A 1 93  ? 6.350   -2.018  0.898   1.00 0.36 ? 93  ILE A CA   1 
ATOM 1425 C C    . ILE A 1 93  ? 6.571   -3.245  0.071   1.00 0.36 ? 93  ILE A C    1 
ATOM 1426 O O    . ILE A 1 93  ? 7.108   -3.209  -1.026  1.00 0.47 ? 93  ILE A O    1 
ATOM 1427 C CB   . ILE A 1 93  ? 4.902   -1.611  0.569   1.00 0.57 ? 93  ILE A CB   1 
ATOM 1428 C CG1  . ILE A 1 93  ? 4.546   -0.212  1.093   1.00 0.86 ? 93  ILE A CG1  1 
ATOM 1429 C CG2  . ILE A 1 93  ? 3.952   -2.663  1.186   1.00 1.27 ? 93  ILE A CG2  1 
ATOM 1430 C CD1  . ILE A 1 93  ? 3.715   -0.327  2.336   1.00 1.78 ? 93  ILE A CD1  1 
ATOM 1431 H H    . ILE A 1 93  ? 7.127   -0.350  -0.212  1.00 0.20 ? 93  ILE A H    1 
ATOM 1432 H HA   . ILE A 1 93  ? 6.458   -2.240  1.948   1.00 0.39 ? 93  ILE A HA   1 
ATOM 1433 H HB   . ILE A 1 93  ? 4.782   -1.623  -0.509  1.00 1.16 ? 93  ILE A HB   1 
ATOM 1434 H HG12 . ILE A 1 93  ? 5.404   0.343   1.284   1.00 1.21 ? 93  ILE A HG12 1 
ATOM 1435 H HG13 . ILE A 1 93  ? 3.989   0.312   0.380   1.00 1.52 ? 93  ILE A HG13 1 
ATOM 1436 H HG21 . ILE A 1 93  ? 4.244   -2.854  2.211   1.00 1.30 ? 93  ILE A HG21 1 
ATOM 1437 H HG22 . ILE A 1 93  ? 2.938   -2.294  1.167   1.00 1.98 ? 93  ILE A HG22 1 
ATOM 1438 H HG23 . ILE A 1 93  ? 4.009   -3.582  0.622   1.00 1.89 ? 93  ILE A HG23 1 
ATOM 1439 H HD11 . ILE A 1 93  ? 2.893   -1.000  2.139   1.00 2.17 ? 93  ILE A HD11 1 
ATOM 1440 H HD12 . ILE A 1 93  ? 4.325   -0.713  3.129   1.00 2.13 ? 93  ILE A HD12 1 
ATOM 1441 H HD13 . ILE A 1 93  ? 3.338   0.644   2.591   1.00 2.29 ? 93  ILE A HD13 1 
ATOM 1442 N N    . SER A 1 94  ? 6.187   -4.340  0.625   1.00 0.34 ? 94  SER A N    1 
ATOM 1443 C CA   . SER A 1 94  ? 6.388   -5.606  -0.069  1.00 0.34 ? 94  SER A CA   1 
ATOM 1444 C C    . SER A 1 94  ? 5.137   -6.444  -0.058  1.00 0.40 ? 94  SER A C    1 
ATOM 1445 O O    . SER A 1 94  ? 4.309   -6.392  0.832   1.00 0.44 ? 94  SER A O    1 
ATOM 1446 C CB   . SER A 1 94  ? 7.497   -6.422  0.554   1.00 0.32 ? 94  SER A CB   1 
ATOM 1447 O OG   . SER A 1 94  ? 8.072   -7.267  -0.432  1.00 0.38 ? 94  SER A OG   1 
ATOM 1448 H H    . SER A 1 94  ? 5.767   -4.316  1.514   1.00 0.42 ? 94  SER A H    1 
ATOM 1449 H HA   . SER A 1 94  ? 6.668   -5.390  -1.057  1.00 0.35 ? 94  SER A HA   1 
ATOM 1450 H HB2  . SER A 1 94  ? 8.245   -5.780  0.939   1.00 0.59 ? 94  SER A HB2  1 
ATOM 1451 H HB3  . SER A 1 94  ? 7.081   -7.013  1.337   1.00 1.07 ? 94  SER A HB3  1 
ATOM 1452 H HG   . SER A 1 94  ? 7.623   -8.114  -0.395  1.00 0.94 ? 94  SER A HG   1 
ATOM 1453 N N    . ALA A 1 95  ? 5.075   -7.259  -1.034  1.00 0.44 ? 95  ALA A N    1 
ATOM 1454 C CA   . ALA A 1 95  ? 3.977   -8.230  -1.210  1.00 0.56 ? 95  ALA A CA   1 
ATOM 1455 C C    . ALA A 1 95  ? 4.649   -9.414  -1.854  1.00 0.70 ? 95  ALA A C    1 
ATOM 1456 O O    . ALA A 1 95  ? 5.057   -9.333  -3.004  1.00 0.70 ? 95  ALA A O    1 
ATOM 1457 C CB   . ALA A 1 95  ? 2.904   -7.664  -2.141  1.00 0.48 ? 95  ALA A CB   1 
ATOM 1458 H H    . ALA A 1 95  ? 5.820   -7.265  -1.664  1.00 0.43 ? 95  ALA A H    1 
ATOM 1459 H HA   . ALA A 1 95  ? 3.555   -8.505  -0.255  1.00 0.65 ? 95  ALA A HA   1 
ATOM 1460 H HB1  . ALA A 1 95  ? 2.697   -6.639  -1.873  1.00 0.96 ? 95  ALA A HB1  1 
ATOM 1461 H HB2  . ALA A 1 95  ? 3.261   -7.705  -3.160  1.00 1.15 ? 95  ALA A HB2  1 
ATOM 1462 H HB3  . ALA A 1 95  ? 2.003   -8.251  -2.052  1.00 1.12 ? 95  ALA A HB3  1 
ATOM 1463 N N    . ASP A 1 96  ? 4.827   -10.498 -1.149  1.00 0.86 ? 96  ASP A N    1 
ATOM 1464 C CA   . ASP A 1 96  ? 5.525   -11.610 -1.779  1.00 1.06 ? 96  ASP A CA   1 
ATOM 1465 C C    . ASP A 1 96  ? 4.685   -12.846 -1.659  1.00 1.39 ? 96  ASP A C    1 
ATOM 1466 O O    . ASP A 1 96  ? 4.347   -13.281 -0.576  1.00 2.02 ? 96  ASP A O    1 
ATOM 1467 C CB   . ASP A 1 96  ? 6.902   -11.817 -1.126  1.00 1.28 ? 96  ASP A CB   1 
ATOM 1468 C CG   . ASP A 1 96  ? 7.432   -13.231 -1.427  1.00 1.89 ? 96  ASP A CG   1 
ATOM 1469 O OD1  . ASP A 1 96  ? 7.393   -13.635 -2.581  1.00 2.55 ? 96  ASP A OD1  1 
ATOM 1470 O OD2  . ASP A 1 96  ? 7.871   -13.882 -0.496  1.00 2.38 ? 96  ASP A OD2  1 
ATOM 1471 H H    . ASP A 1 96  ? 4.518   -10.579 -0.209  1.00 0.88 ? 96  ASP A H    1 
ATOM 1472 H HA   . ASP A 1 96  ? 5.668   -11.382 -2.817  1.00 1.26 ? 96  ASP A HA   1 
ATOM 1473 H HB2  . ASP A 1 96  ? 7.597   -11.088 -1.519  1.00 1.57 ? 96  ASP A HB2  1 
ATOM 1474 H HB3  . ASP A 1 96  ? 6.813   -11.688 -0.062  1.00 1.72 ? 96  ASP A HB3  1 
ATOM 1475 N N    . HIS A 1 97  ? 4.400   -13.413 -2.790  1.00 1.50 ? 97  HIS A N    1 
ATOM 1476 C CA   . HIS A 1 97  ? 3.636   -14.682 -2.893  1.00 2.01 ? 97  HIS A CA   1 
ATOM 1477 C C    . HIS A 1 97  ? 3.762   -15.498 -1.611  1.00 2.14 ? 97  HIS A C    1 
ATOM 1478 O O    . HIS A 1 97  ? 2.805   -15.955 -1.010  1.00 2.72 ? 97  HIS A O    1 
ATOM 1479 C CB   . HIS A 1 97  ? 4.392   -15.491 -3.944  1.00 2.17 ? 97  HIS A CB   1 
ATOM 1480 C CG   . HIS A 1 97  ? 3.503   -16.153 -4.938  1.00 2.95 ? 97  HIS A CG   1 
ATOM 1481 N ND1  . HIS A 1 97  ? 2.256   -15.677 -5.291  1.00 3.54 ? 97  HIS A ND1  1 
ATOM 1482 C CD2  . HIS A 1 97  ? 3.706   -17.280 -5.683  1.00 3.81 ? 97  HIS A CD2  1 
ATOM 1483 C CE1  . HIS A 1 97  ? 1.761   -16.517 -6.217  1.00 4.47 ? 97  HIS A CE1  1 
ATOM 1484 N NE2  . HIS A 1 97  ? 2.606   -17.512 -6.492  1.00 4.67 ? 97  HIS A NE2  1 
ATOM 1485 H H    . HIS A 1 97  ? 4.740   -13.005 -3.615  1.00 1.62 ? 97  HIS A H    1 
ATOM 1486 H HA   . HIS A 1 97  ? 2.612   -14.525 -3.185  1.00 2.41 ? 97  HIS A HA   1 
ATOM 1487 H HB2  . HIS A 1 97  ? 5.080   -14.843 -4.460  1.00 2.38 ? 97  HIS A HB2  1 
ATOM 1488 H HB3  . HIS A 1 97  ? 4.962   -16.255 -3.430  1.00 2.25 ? 97  HIS A HB3  1 
ATOM 1489 H HD1  . HIS A 1 97  ? 1.816   -14.876 -4.939  1.00 3.60 ? 97  HIS A HD1  1 
ATOM 1490 H HD2  . HIS A 1 97  ? 4.598   -17.890 -5.649  1.00 4.10 ? 97  HIS A HD2  1 
ATOM 1491 H HE1  . HIS A 1 97  ? 0.801   -16.399 -6.688  1.00 5.26 ? 97  HIS A HE1  1 
ATOM 1492 N N    . HIS A 1 98  ? 5.000   -15.733 -1.291  1.00 1.98 ? 98  HIS A N    1 
ATOM 1493 C CA   . HIS A 1 98  ? 5.408   -16.583 -0.179  1.00 2.50 ? 98  HIS A CA   1 
ATOM 1494 C C    . HIS A 1 98  ? 5.221   -15.991 1.205   1.00 2.75 ? 98  HIS A C    1 
ATOM 1495 O O    . HIS A 1 98  ? 4.923   -16.719 2.137   1.00 3.12 ? 98  HIS A O    1 
ATOM 1496 C CB   . HIS A 1 98  ? 6.885   -16.859 -0.372  1.00 2.84 ? 98  HIS A CB   1 
ATOM 1497 C CG   . HIS A 1 98  ? 7.179   -18.153 0.268   1.00 3.49 ? 98  HIS A CG   1 
ATOM 1498 N ND1  . HIS A 1 98  ? 8.131   -18.279 1.254   1.00 3.63 ? 98  HIS A ND1  1 
ATOM 1499 C CD2  . HIS A 1 98  ? 6.583   -19.372 0.141   1.00 4.36 ? 98  HIS A CD2  1 
ATOM 1500 C CE1  . HIS A 1 98  ? 8.076   -19.544 1.697   1.00 4.28 ? 98  HIS A CE1  1 
ATOM 1501 N NE2  . HIS A 1 98  ? 7.147   -20.257 1.047   1.00 4.75 ? 98  HIS A NE2  1 
ATOM 1502 H H    . HIS A 1 98  ? 5.696   -15.380 -1.861  1.00 1.81 ? 98  HIS A H    1 
ATOM 1503 H HA   . HIS A 1 98  ? 4.886   -17.510 -0.246  1.00 2.82 ? 98  HIS A HA   1 
ATOM 1504 H HB2  . HIS A 1 98  ? 7.114   -16.890 -1.409  1.00 2.85 ? 98  HIS A HB2  1 
ATOM 1505 H HB3  . HIS A 1 98  ? 7.466   -16.096 0.081   1.00 2.94 ? 98  HIS A HB3  1 
ATOM 1506 H HD1  . HIS A 1 98  ? 8.744   -17.576 1.563   1.00 3.54 ? 98  HIS A HD1  1 
ATOM 1507 H HD2  . HIS A 1 98  ? 5.790   -19.605 -0.558  1.00 4.87 ? 98  HIS A HD2  1 
ATOM 1508 H HE1  . HIS A 1 98  ? 8.688   -19.931 2.493   1.00 4.65 ? 98  HIS A HE1  1 
ATOM 1509 N N    . GLY A 1 99  ? 5.439   -14.720 1.387   1.00 2.71 ? 99  GLY A N    1 
ATOM 1510 C CA   . GLY A 1 99  ? 5.323   -14.178 2.762   1.00 3.25 ? 99  GLY A CA   1 
ATOM 1511 C C    . GLY A 1 99  ? 4.292   -13.072 2.839   1.00 2.47 ? 99  GLY A C    1 
ATOM 1512 O O    . GLY A 1 99  ? 4.402   -12.213 3.680   1.00 2.92 ? 99  GLY A O    1 
ATOM 1513 H H    . GLY A 1 99  ? 5.710   -14.142 0.638   1.00 2.45 ? 99  GLY A H    1 
ATOM 1514 H HA2  . GLY A 1 99  ? 5.018   -14.982 3.425   1.00 3.93 ? 99  GLY A HA2  1 
ATOM 1515 H HA3  . GLY A 1 99  ? 6.280   -13.804 3.085   1.00 3.84 ? 99  GLY A HA3  1 
ATOM 1516 N N    . HIS A 1 100 ? 3.308   -13.095 1.968   1.00 1.61 ? 100 HIS A N    1 
ATOM 1517 C CA   . HIS A 1 100 ? 2.221   -12.079 1.978   1.00 1.38 ? 100 HIS A CA   1 
ATOM 1518 C C    . HIS A 1 100 ? 2.826   -10.671 1.993   1.00 1.05 ? 100 HIS A C    1 
ATOM 1519 O O    . HIS A 1 100 ? 3.759   -10.400 1.263   1.00 1.05 ? 100 HIS A O    1 
ATOM 1520 C CB   . HIS A 1 100 ? 1.242   -12.398 3.156   1.00 1.94 ? 100 HIS A CB   1 
ATOM 1521 C CG   . HIS A 1 100 ? 1.956   -12.440 4.490   1.00 2.11 ? 100 HIS A CG   1 
ATOM 1522 N ND1  . HIS A 1 100 ? 2.121   -13.625 5.197   1.00 2.62 ? 100 HIS A ND1  1 
ATOM 1523 C CD2  . HIS A 1 100 ? 2.577   -11.471 5.244   1.00 2.82 ? 100 HIS A CD2  1 
ATOM 1524 C CE1  . HIS A 1 100 ? 2.819   -13.342 6.313   1.00 3.39 ? 100 HIS A CE1  1 
ATOM 1525 N NE2  . HIS A 1 100 ? 3.120   -12.043 6.392   1.00 3.49 ? 100 HIS A NE2  1 
ATOM 1526 H H    . HIS A 1 100 ? 3.293   -13.782 1.294   1.00 1.57 ? 100 HIS A H    1 
ATOM 1527 H HA   . HIS A 1 100 ? 1.655   -12.159 1.053   1.00 1.63 ? 100 HIS A HA   1 
ATOM 1528 H HB2  . HIS A 1 100 ? 0.455   -11.665 3.191   1.00 2.54 ? 100 HIS A HB2  1 
ATOM 1529 H HB3  . HIS A 1 100 ? 0.792   -13.376 2.972   1.00 2.44 ? 100 HIS A HB3  1 
ATOM 1530 H HD1  . HIS A 1 100 ? 1.778   -14.507 4.938   1.00 2.85 ? 100 HIS A HD1  1 
ATOM 1531 H HD2  . HIS A 1 100 ? 2.668   -10.435 4.966   1.00 3.26 ? 100 HIS A HD2  1 
ATOM 1532 H HE1  . HIS A 1 100 ? 3.115   -14.078 7.048   1.00 4.20 ? 100 HIS A HE1  1 
ATOM 1533 N N    . VAL A 1 101 ? 2.270   -9.767  2.728   1.00 0.96 ? 101 VAL A N    1 
ATOM 1534 C CA   . VAL A 1 101 ? 2.739   -8.376  2.706   1.00 0.75 ? 101 VAL A CA   1 
ATOM 1535 C C    . VAL A 1 101 ? 3.648   -8.054  3.890   1.00 0.56 ? 101 VAL A C    1 
ATOM 1536 O O    . VAL A 1 101 ? 3.382   -8.394  5.028   1.00 0.59 ? 101 VAL A O    1 
ATOM 1537 C CB   . VAL A 1 101 ? 1.482   -7.519  2.745   1.00 1.01 ? 101 VAL A CB   1 
ATOM 1538 C CG1  . VAL A 1 101 ? 1.805   -6.075  2.415   1.00 0.99 ? 101 VAL A CG1  1 
ATOM 1539 C CG2  . VAL A 1 101 ? 0.477   -8.086  1.732   1.00 1.24 ? 101 VAL A CG2  1 
ATOM 1540 H H    . VAL A 1 101 ? 1.499   -9.977  3.252   1.00 1.17 ? 101 VAL A H    1 
ATOM 1541 H HA   . VAL A 1 101 ? 3.269   -8.188  1.786   1.00 0.65 ? 101 VAL A HA   1 
ATOM 1542 H HB   . VAL A 1 101 ? 1.057   -7.566  3.730   1.00 1.13 ? 101 VAL A HB   1 
ATOM 1543 H HG11 . VAL A 1 101 ? 2.590   -5.720  3.068   1.00 1.41 ? 101 VAL A HG11 1 
ATOM 1544 H HG12 . VAL A 1 101 ? 2.124   -6.011  1.390   1.00 1.38 ? 101 VAL A HG12 1 
ATOM 1545 H HG13 . VAL A 1 101 ? 0.918   -5.481  2.560   1.00 1.39 ? 101 VAL A HG13 1 
ATOM 1546 H HG21 . VAL A 1 101 ? 0.945   -8.157  0.758   1.00 1.51 ? 101 VAL A HG21 1 
ATOM 1547 H HG22 . VAL A 1 101 ? 0.173   -9.071  2.057   1.00 1.56 ? 101 VAL A HG22 1 
ATOM 1548 H HG23 . VAL A 1 101 ? -0.384  -7.441  1.674   1.00 1.80 ? 101 VAL A HG23 1 
ATOM 1549 N N    . SER A 1 102 ? 4.711   -7.369  3.590   1.00 0.45 ? 102 SER A N    1 
ATOM 1550 C CA   . SER A 1 102 ? 5.706   -6.931  4.593   1.00 0.47 ? 102 SER A CA   1 
ATOM 1551 C C    . SER A 1 102 ? 6.465   -5.782  3.919   1.00 0.44 ? 102 SER A C    1 
ATOM 1552 O O    . SER A 1 102 ? 5.926   -5.134  3.043   1.00 0.47 ? 102 SER A O    1 
ATOM 1553 C CB   . SER A 1 102 ? 6.631   -8.093  4.919   1.00 0.52 ? 102 SER A CB   1 
ATOM 1554 O OG   . SER A 1 102 ? 5.882   -9.179  5.459   1.00 1.24 ? 102 SER A OG   1 
ATOM 1555 H H    . SER A 1 102 ? 4.859   -7.117  2.660   1.00 0.43 ? 102 SER A H    1 
ATOM 1556 H HA   . SER A 1 102 ? 5.223   -6.587  5.476   1.00 0.64 ? 102 SER A HA   1 
ATOM 1557 H HB2  . SER A 1 102 ? 7.107   -8.402  4.029   1.00 1.07 ? 102 SER A HB2  1 
ATOM 1558 H HB3  . SER A 1 102 ? 7.370   -7.776  5.624   1.00 0.87 ? 102 SER A HB3  1 
ATOM 1559 H HG   . SER A 1 102 ? 6.241   -9.997  5.103   1.00 1.69 ? 102 SER A HG   1 
ATOM 1560 N N    . THR A 1 103 ? 7.682   -5.519  4.281   1.00 0.46 ? 103 THR A N    1 
ATOM 1561 C CA   . THR A 1 103 ? 8.441   -4.431  3.618   1.00 0.41 ? 103 THR A CA   1 
ATOM 1562 C C    . THR A 1 103 ? 9.853   -4.852  3.441   1.00 0.42 ? 103 THR A C    1 
ATOM 1563 O O    . THR A 1 103 ? 10.381  -5.685  4.160   1.00 0.51 ? 103 THR A O    1 
ATOM 1564 C CB   . THR A 1 103 ? 8.447   -3.178  4.454   1.00 0.49 ? 103 THR A CB   1 
ATOM 1565 O OG1  . THR A 1 103 ? 9.001   -3.441  5.745   1.00 1.07 ? 103 THR A OG1  1 
ATOM 1566 C CG2  . THR A 1 103 ? 7.034   -2.677  4.599   1.00 0.85 ? 103 THR A CG2  1 
ATOM 1567 H H    . THR A 1 103 ? 8.109   -6.031  4.976   1.00 0.53 ? 103 THR A H    1 
ATOM 1568 H HA   . THR A 1 103 ? 8.032   -4.214  2.635   1.00 0.36 ? 103 THR A HA   1 
ATOM 1569 H HB   . THR A 1 103 ? 9.040   -2.442  3.942   1.00 0.40 ? 103 THR A HB   1 
ATOM 1570 H HG1  . THR A 1 103 ? 9.222   -4.372  5.802   1.00 1.57 ? 103 THR A HG1  1 
ATOM 1571 H HG21 . THR A 1 103 ? 6.356   -3.456  4.288   1.00 1.42 ? 103 THR A HG21 1 
ATOM 1572 H HG22 . THR A 1 103 ? 6.854   -2.426  5.628   1.00 1.52 ? 103 THR A HG22 1 
ATOM 1573 H HG23 . THR A 1 103 ? 6.900   -1.809  3.978   1.00 1.24 ? 103 THR A HG23 1 
ATOM 1574 N N    . LYS A 1 104 ? 10.459  -4.276  2.477   1.00 0.38 ? 104 LYS A N    1 
ATOM 1575 C CA   . LYS A 1 104 ? 11.861  -4.636  2.214   1.00 0.45 ? 104 LYS A CA   1 
ATOM 1576 C C    . LYS A 1 104 ? 12.748  -3.423  1.978   1.00 0.43 ? 104 LYS A C    1 
ATOM 1577 O O    . LYS A 1 104 ? 12.336  -2.396  1.464   1.00 0.51 ? 104 LYS A O    1 
ATOM 1578 C CB   . LYS A 1 104 ? 11.903  -5.555  1.023   1.00 0.64 ? 104 LYS A CB   1 
ATOM 1579 C CG   . LYS A 1 104 ? 11.163  -6.847  1.377   1.00 0.51 ? 104 LYS A CG   1 
ATOM 1580 C CD   . LYS A 1 104 ? 11.376  -7.892  0.282   1.00 0.73 ? 104 LYS A CD   1 
ATOM 1581 C CE   . LYS A 1 104 ? 12.809  -8.428  0.351   1.00 1.17 ? 104 LYS A CE   1 
ATOM 1582 N NZ   . LYS A 1 104 ? 12.797  -9.913  0.209   1.00 1.82 ? 104 LYS A NZ   1 
ATOM 1583 H H    . LYS A 1 104 ? 9.970   -3.622  1.920   1.00 0.35 ? 104 LYS A H    1 
ATOM 1584 H HA   . LYS A 1 104 ? 12.232  -5.170  3.056   1.00 0.59 ? 104 LYS A HA   1 
ATOM 1585 H HB2  . LYS A 1 104 ? 11.433  -5.071  0.211   1.00 1.11 ? 104 LYS A HB2  1 
ATOM 1586 H HB3  . LYS A 1 104 ? 12.916  -5.779  0.771   1.00 0.76 ? 104 LYS A HB3  1 
ATOM 1587 H HG2  . LYS A 1 104 ? 11.540  -7.223  2.314   1.00 1.19 ? 104 LYS A HG2  1 
ATOM 1588 H HG3  . LYS A 1 104 ? 10.108  -6.642  1.475   1.00 1.03 ? 104 LYS A HG3  1 
ATOM 1589 H HD2  . LYS A 1 104 ? 10.680  -8.706  0.425   1.00 1.59 ? 104 LYS A HD2  1 
ATOM 1590 H HD3  . LYS A 1 104 ? 11.209  -7.441  -0.684  1.00 1.22 ? 104 LYS A HD3  1 
ATOM 1591 H HE2  . LYS A 1 104 ? 13.391  -7.996  -0.449  1.00 1.85 ? 104 LYS A HE2  1 
ATOM 1592 H HE3  . LYS A 1 104 ? 13.249  -8.162  1.301   1.00 1.66 ? 104 LYS A HE3  1 
ATOM 1593 H HZ1  . LYS A 1 104 ? 12.018  -10.197 -0.420  1.00 2.14 ? 104 LYS A HZ1  1 
ATOM 1594 H HZ2  . LYS A 1 104 ? 13.702  -10.228 -0.198  1.00 2.32 ? 104 LYS A HZ2  1 
ATOM 1595 H HZ3  . LYS A 1 104 ? 12.664  -10.351 1.142   1.00 2.24 ? 104 LYS A HZ3  1 
ATOM 1596 N N    . GLU A 1 105 ? 13.987  -3.584  2.350   1.00 0.52 ? 105 GLU A N    1 
ATOM 1597 C CA   . GLU A 1 105 ? 15.014  -2.545  2.186   1.00 0.63 ? 105 GLU A CA   1 
ATOM 1598 C C    . GLU A 1 105 ? 15.390  -2.486  0.691   1.00 0.66 ? 105 GLU A C    1 
ATOM 1599 O O    . GLU A 1 105 ? 15.652  -1.430  0.148   1.00 0.78 ? 105 GLU A O    1 
ATOM 1600 C CB   . GLU A 1 105 ? 16.182  -2.997  3.068   1.00 0.73 ? 105 GLU A CB   1 
ATOM 1601 C CG   . GLU A 1 105 ? 17.503  -2.464  2.572   1.00 1.35 ? 105 GLU A CG   1 
ATOM 1602 C CD   . GLU A 1 105 ? 17.531  -0.926  2.599   1.00 1.34 ? 105 GLU A CD   1 
ATOM 1603 O OE1  . GLU A 1 105 ? 17.000  -0.346  3.538   1.00 1.50 ? 105 GLU A OE1  1 
ATOM 1604 O OE2  . GLU A 1 105 ? 18.094  -0.354  1.682   1.00 2.02 ? 105 GLU A OE2  1 
ATOM 1605 H H    . GLU A 1 105 ? 14.260  -4.433  2.740   1.00 0.59 ? 105 GLU A H    1 
ATOM 1606 H HA   . GLU A 1 105 ? 14.640  -1.589  2.519   1.00 0.70 ? 105 GLU A HA   1 
ATOM 1607 H HB2  . GLU A 1 105 ? 16.021  -2.661  4.081   1.00 1.18 ? 105 GLU A HB2  1 
ATOM 1608 H HB3  . GLU A 1 105 ? 16.225  -4.078  3.057   1.00 0.70 ? 105 GLU A HB3  1 
ATOM 1609 H HG2  . GLU A 1 105 ? 18.276  -2.853  3.212   1.00 1.98 ? 105 GLU A HG2  1 
ATOM 1610 H HG3  . GLU A 1 105 ? 17.654  -2.818  1.566   1.00 2.00 ? 105 GLU A HG3  1 
ATOM 1611 N N    . HIS A 1 106 ? 15.384  -3.626  0.027   1.00 0.63 ? 106 HIS A N    1 
ATOM 1612 C CA   . HIS A 1 106 ? 15.704  -3.688  -1.440  1.00 0.75 ? 106 HIS A CA   1 
ATOM 1613 C C    . HIS A 1 106 ? 14.604  -3.008  -2.249  1.00 0.68 ? 106 HIS A C    1 
ATOM 1614 O O    . HIS A 1 106 ? 13.544  -2.676  -1.747  1.00 0.66 ? 106 HIS A O    1 
ATOM 1615 C CB   . HIS A 1 106 ? 15.754  -5.153  -1.869  1.00 0.92 ? 106 HIS A CB   1 
ATOM 1616 C CG   . HIS A 1 106 ? 17.134  -5.691  -1.678  1.00 1.86 ? 106 HIS A CG   1 
ATOM 1617 N ND1  . HIS A 1 106 ? 17.859  -5.470  -0.521  1.00 2.52 ? 106 HIS A ND1  1 
ATOM 1618 C CD2  . HIS A 1 106 ? 17.939  -6.440  -2.494  1.00 2.89 ? 106 HIS A CD2  1 
ATOM 1619 C CE1  . HIS A 1 106 ? 19.046  -6.079  -0.670  1.00 3.47 ? 106 HIS A CE1  1 
ATOM 1620 N NE2  . HIS A 1 106 ? 19.148  -6.687  -1.855  1.00 3.70 ? 106 HIS A NE2  1 
ATOM 1621 H H    . HIS A 1 106 ? 15.157  -4.454  0.500   1.00 0.58 ? 106 HIS A H    1 
ATOM 1622 H HA   . HIS A 1 106 ? 16.656  -3.216  -1.632  1.00 0.88 ? 106 HIS A HA   1 
ATOM 1623 H HB2  . HIS A 1 106 ? 15.075  -5.676  -1.279  1.00 0.95 ? 106 HIS A HB2  1 
ATOM 1624 H HB3  . HIS A 1 106 ? 15.461  -5.287  -2.890  1.00 1.25 ? 106 HIS A HB3  1 
ATOM 1625 H HD1  . HIS A 1 106 ? 17.565  -4.952  0.256   1.00 2.69 ? 106 HIS A HD1  1 
ATOM 1626 H HD2  . HIS A 1 106 ? 17.678  -6.771  -3.489  1.00 3.35 ? 106 HIS A HD2  1 
ATOM 1627 H HE1  . HIS A 1 106 ? 19.824  -6.074  0.078   1.00 4.28 ? 106 HIS A HE1  1 
ATOM 1628 N N    . HIS A 1 107 ? 14.859  -2.816  -3.510  1.00 0.73 ? 107 HIS A N    1 
ATOM 1629 C CA   . HIS A 1 107 ? 13.852  -2.172  -4.392  1.00 0.72 ? 107 HIS A CA   1 
ATOM 1630 C C    . HIS A 1 107 ? 14.111  -2.573  -5.877  1.00 0.90 ? 107 HIS A C    1 
ATOM 1631 O O    . HIS A 1 107 ? 15.066  -2.156  -6.503  1.00 1.19 ? 107 HIS A O    1 
ATOM 1632 C CB   . HIS A 1 107 ? 13.894  -0.649  -4.076  1.00 1.01 ? 107 HIS A CB   1 
ATOM 1633 C CG   . HIS A 1 107 ? 14.147  0.241   -5.267  1.00 1.48 ? 107 HIS A CG   1 
ATOM 1634 N ND1  . HIS A 1 107 ? 15.338  0.226   -5.979  1.00 2.20 ? 107 HIS A ND1  1 
ATOM 1635 C CD2  . HIS A 1 107 ? 13.388  1.236   -5.831  1.00 2.23 ? 107 HIS A CD2  1 
ATOM 1636 C CE1  . HIS A 1 107 ? 15.258  1.184   -6.922  1.00 2.92 ? 107 HIS A CE1  1 
ATOM 1637 N NE2  . HIS A 1 107 ? 14.090  1.829   -6.875  1.00 3.04 ? 107 HIS A NE2  1 
ATOM 1638 H H    . HIS A 1 107 ? 15.717  -3.101  -3.866  1.00 0.85 ? 107 HIS A H    1 
ATOM 1639 H HA   . HIS A 1 107 ? 12.879  -2.548  -4.114  1.00 0.59 ? 107 HIS A HA   1 
ATOM 1640 H HB2  . HIS A 1 107 ? 12.949  -0.368  -3.640  1.00 1.49 ? 107 HIS A HB2  1 
ATOM 1641 H HB3  . HIS A 1 107 ? 14.669  -0.477  -3.340  1.00 1.62 ? 107 HIS A HB3  1 
ATOM 1642 H HD1  . HIS A 1 107 ? 16.096  -0.375  -5.826  1.00 2.54 ? 107 HIS A HD1  1 
ATOM 1643 H HD2  . HIS A 1 107 ? 12.405  1.535   -5.494  1.00 2.53 ? 107 HIS A HD2  1 
ATOM 1644 H HE1  . HIS A 1 107 ? 16.043  1.403   -7.630  1.00 3.65 ? 107 HIS A HE1  1 
ATOM 1645 N N    . ASP A 1 108 ? 13.237  -3.418  -6.422  1.00 0.91 ? 108 ASP A N    1 
ATOM 1646 C CA   . ASP A 1 108 ? 13.355  -3.896  -7.851  1.00 1.21 ? 108 ASP A CA   1 
ATOM 1647 C C    . ASP A 1 108 ? 11.913  -4.229  -8.372  1.00 1.28 ? 108 ASP A C    1 
ATOM 1648 O O    . ASP A 1 108 ? 11.278  -3.365  -8.948  1.00 2.07 ? 108 ASP A O    1 
ATOM 1649 C CB   . ASP A 1 108 ? 14.350  -5.092  -7.980  1.00 1.48 ? 108 ASP A CB   1 
ATOM 1650 C CG   . ASP A 1 108 ? 13.892  -6.347  -7.223  1.00 1.69 ? 108 ASP A CG   1 
ATOM 1651 O OD1  . ASP A 1 108 ? 13.982  -6.354  -6.010  1.00 2.37 ? 108 ASP A OD1  1 
ATOM 1652 O OD2  . ASP A 1 108 ? 13.463  -7.289  -7.881  1.00 1.96 ? 108 ASP A OD2  1 
ATOM 1653 H H    . ASP A 1 108 ? 12.490  -3.741  -5.877  1.00 0.84 ? 108 ASP A H    1 
ATOM 1654 H HA   . ASP A 1 108 ? 13.737  -3.069  -8.442  1.00 1.38 ? 108 ASP A HA   1 
ATOM 1655 H HB2  . ASP A 1 108 ? 14.458  -5.340  -9.022  1.00 1.92 ? 108 ASP A HB2  1 
ATOM 1656 H HB3  . ASP A 1 108 ? 15.316  -4.786  -7.594  1.00 1.98 ? 108 ASP A HB3  1 
ATOM 1657 N N    . HIS A 1 109 ? 11.353  -5.414  -8.103  1.00 1.05 ? 109 HIS A N    1 
ATOM 1658 C CA   . HIS A 1 109 ? 9.921   -5.715  -8.504  1.00 1.01 ? 109 HIS A CA   1 
ATOM 1659 C C    . HIS A 1 109 ? 9.194   -6.167  -7.247  1.00 0.93 ? 109 HIS A C    1 
ATOM 1660 O O    . HIS A 1 109 ? 8.119   -5.702  -6.933  1.00 1.01 ? 109 HIS A O    1 
ATOM 1661 C CB   . HIS A 1 109 ? 9.697   -6.919  -9.440  1.00 1.32 ? 109 HIS A CB   1 
ATOM 1662 C CG   . HIS A 1 109 ? 10.598  -7.012  -10.627 1.00 1.40 ? 109 HIS A CG   1 
ATOM 1663 N ND1  . HIS A 1 109 ? 11.488  -8.062  -10.740 1.00 1.97 ? 109 HIS A ND1  1 
ATOM 1664 C CD2  . HIS A 1 109 ? 10.619  -6.362  -11.832 1.00 2.22 ? 109 HIS A CD2  1 
ATOM 1665 C CE1  . HIS A 1 109 ? 11.995  -8.035  -11.982 1.00 2.76 ? 109 HIS A CE1  1 
ATOM 1666 N NE2  . HIS A 1 109 ? 11.503  -7.012  -12.693 1.00 2.86 ? 109 HIS A NE2  1 
ATOM 1667 H H    . HIS A 1 109 ? 11.837  -6.070  -7.582  1.00 1.48 ? 109 HIS A H    1 
ATOM 1668 H HA   . HIS A 1 109 ? 9.452   -4.829  -8.908  1.00 0.96 ? 109 HIS A HA   1 
ATOM 1669 H HB2  . HIS A 1 109 ? 9.815   -7.822  -8.864  1.00 2.02 ? 109 HIS A HB2  1 
ATOM 1670 H HB3  . HIS A 1 109 ? 8.672   -6.878  -9.787  1.00 1.76 ? 109 HIS A HB3  1 
ATOM 1671 H HD1  . HIS A 1 109 ? 11.712  -8.707  -10.035 1.00 2.29 ? 109 HIS A HD1  1 
ATOM 1672 H HD2  . HIS A 1 109 ? 10.030  -5.491  -12.082 1.00 2.78 ? 109 HIS A HD2  1 
ATOM 1673 H HE1  . HIS A 1 109 ? 12.677  -8.777  -12.373 1.00 3.61 ? 109 HIS A HE1  1 
ATOM 1674 N N    . ASP A 1 110 ? 9.785   -7.131  -6.562  1.00 0.89 ? 110 ASP A N    1 
ATOM 1675 C CA   . ASP A 1 110 ? 9.195   -7.716  -5.347  1.00 0.91 ? 110 ASP A CA   1 
ATOM 1676 C C    . ASP A 1 110 ? 8.632   -6.614  -4.435  1.00 0.70 ? 110 ASP A C    1 
ATOM 1677 O O    . ASP A 1 110 ? 7.701   -6.840  -3.686  1.00 0.81 ? 110 ASP A O    1 
ATOM 1678 C CB   . ASP A 1 110 ? 10.312  -8.495  -4.646  1.00 0.99 ? 110 ASP A CB   1 
ATOM 1679 C CG   . ASP A 1 110 ? 10.531  -9.845  -5.348  1.00 1.51 ? 110 ASP A CG   1 
ATOM 1680 O OD1  . ASP A 1 110 ? 11.047  -9.843  -6.458  1.00 2.11 ? 110 ASP A OD1  1 
ATOM 1681 O OD2  . ASP A 1 110 ? 10.188  -10.859 -4.762  1.00 1.95 ? 110 ASP A OD2  1 
ATOM 1682 H H    . ASP A 1 110 ? 10.629  -7.499  -6.870  1.00 0.93 ? 110 ASP A H    1 
ATOM 1683 H HA   . ASP A 1 110 ? 8.406   -8.397  -5.620  1.00 1.10 ? 110 ASP A HA   1 
ATOM 1684 H HB2  . ASP A 1 110 ? 11.229  -7.923  -4.678  1.00 1.02 ? 110 ASP A HB2  1 
ATOM 1685 H HB3  . ASP A 1 110 ? 10.038  -8.661  -3.641  1.00 1.06 ? 110 ASP A HB3  1 
ATOM 1686 N N    . THR A 1 111 ? 9.185   -5.426  -4.508  1.00 0.50 ? 111 THR A N    1 
ATOM 1687 C CA   . THR A 1 111 ? 8.692   -4.291  -3.670  1.00 0.40 ? 111 THR A CA   1 
ATOM 1688 C C    . THR A 1 111 ? 8.212   -3.152  -4.610  1.00 0.32 ? 111 THR A C    1 
ATOM 1689 O O    . THR A 1 111 ? 8.335   -1.979  -4.278  1.00 0.39 ? 111 THR A O    1 
ATOM 1690 C CB   . THR A 1 111 ? 9.863   -3.803  -2.792  1.00 0.51 ? 111 THR A CB   1 
ATOM 1691 O OG1  . THR A 1 111 ? 10.732  -2.971  -3.564  1.00 1.37 ? 111 THR A OG1  1 
ATOM 1692 C CG2  . THR A 1 111 ? 10.659  -5.006  -2.269  1.00 0.58 ? 111 THR A CG2  1 
ATOM 1693 H H    . THR A 1 111 ? 9.932   -5.274  -5.130  1.00 0.52 ? 111 THR A H    1 
ATOM 1694 H HA   . THR A 1 111 ? 7.882   -4.629  -3.038  1.00 0.54 ? 111 THR A HA   1 
ATOM 1695 H HB   . THR A 1 111 ? 9.478   -3.244  -1.961  1.00 1.07 ? 111 THR A HB   1 
ATOM 1696 H HG1  . THR A 1 111 ? 11.081  -3.490  -4.294  1.00 1.68 ? 111 THR A HG1  1 
ATOM 1697 H HG21 . THR A 1 111 ? 9.981   -5.796  -1.988  1.00 1.35 ? 111 THR A HG21 1 
ATOM 1698 H HG22 . THR A 1 111 ? 11.326  -5.365  -3.044  1.00 1.21 ? 111 THR A HG22 1 
ATOM 1699 H HG23 . THR A 1 111 ? 11.239  -4.705  -1.413  1.00 1.26 ? 111 THR A HG23 1 
ATOM 1700 N N    . THR A 1 112 ? 7.699   -3.493  -5.756  1.00 0.26 ? 112 THR A N    1 
ATOM 1701 C CA   . THR A 1 112 ? 7.250   -2.487  -6.730  1.00 0.26 ? 112 THR A CA   1 
ATOM 1702 C C    . THR A 1 112 ? 5.941   -3.035  -7.403  1.00 0.26 ? 112 THR A C    1 
ATOM 1703 O O    . THR A 1 112 ? 5.878   -4.169  -7.840  1.00 0.31 ? 112 THR A O    1 
ATOM 1704 C CB   . THR A 1 112 ? 8.396   -2.246  -7.714  1.00 0.34 ? 112 THR A CB   1 
ATOM 1705 O OG1  . THR A 1 112 ? 9.064   -1.020  -7.366  1.00 0.49 ? 112 THR A OG1  1 
ATOM 1706 C CG2  . THR A 1 112 ? 7.818   -2.137  -9.133  1.00 0.38 ? 112 THR A CG2  1 
ATOM 1707 H H    . THR A 1 112 ? 7.613   -4.430  -5.991  1.00 0.27 ? 112 THR A H    1 
ATOM 1708 H HA   . THR A 1 112 ? 7.038   -1.572  -6.228  1.00 0.32 ? 112 THR A HA   1 
ATOM 1709 H HB   . THR A 1 112 ? 9.124   -3.090  -7.677  1.00 0.42 ? 112 THR A HB   1 
ATOM 1710 H HG1  . THR A 1 112 ? 9.597   -1.153  -6.546  1.00 0.97 ? 112 THR A HG1  1 
ATOM 1711 H HG21 . THR A 1 112 ? 7.035   -1.384  -9.133  1.00 0.89 ? 112 THR A HG21 1 
ATOM 1712 H HG22 . THR A 1 112 ? 8.578   -1.852  -9.857  1.00 0.97 ? 112 THR A HG22 1 
ATOM 1713 H HG23 . THR A 1 112 ? 7.397   -3.097  -9.469  1.00 1.11 ? 112 THR A HG23 1 
ATOM 1714 N N    . PHE A 1 113 ? 4.869   -2.253  -7.328  1.00 0.24 ? 113 PHE A N    1 
ATOM 1715 C CA   . PHE A 1 113 ? 3.495   -2.681  -7.755  1.00 0.25 ? 113 PHE A CA   1 
ATOM 1716 C C    . PHE A 1 113 ? 2.902   -1.801  -8.913  1.00 0.29 ? 113 PHE A C    1 
ATOM 1717 O O    . PHE A 1 113 ? 3.464   -0.799  -9.278  1.00 0.29 ? 113 PHE A O    1 
ATOM 1718 C CB   . PHE A 1 113 ? 2.611   -2.373  -6.522  1.00 0.24 ? 113 PHE A CB   1 
ATOM 1719 C CG   . PHE A 1 113 ? 2.970   -3.119  -5.226  1.00 0.26 ? 113 PHE A CG   1 
ATOM 1720 C CD1  . PHE A 1 113 ? 4.263   -3.616  -4.946  1.00 1.14 ? 113 PHE A CD1  1 
ATOM 1721 C CD2  . PHE A 1 113 ? 1.962   -3.285  -4.265  1.00 1.24 ? 113 PHE A CD2  1 
ATOM 1722 C CE1  . PHE A 1 113 ? 4.520   -4.266  -3.724  1.00 1.15 ? 113 PHE A CE1  1 
ATOM 1723 C CE2  . PHE A 1 113 ? 2.224   -3.939  -3.055  1.00 1.24 ? 113 PHE A CE2  1 
ATOM 1724 C CZ   . PHE A 1 113 ? 3.503   -4.430  -2.781  1.00 0.33 ? 113 PHE A CZ   1 
ATOM 1725 H H    . PHE A 1 113 ? 4.948   -1.394  -6.874  1.00 0.24 ? 113 PHE A H    1 
ATOM 1726 H HA   . PHE A 1 113 ? 3.454   -3.730  -7.993  1.00 0.27 ? 113 PHE A HA   1 
ATOM 1727 H HB2  . PHE A 1 113 ? 2.673   -1.312  -6.325  1.00 0.24 ? 113 PHE A HB2  1 
ATOM 1728 H HB3  . PHE A 1 113 ? 1.615   -2.582  -6.783  1.00 0.26 ? 113 PHE A HB3  1 
ATOM 1729 H HD1  . PHE A 1 113 ? 5.051   -3.507  -5.652  1.00 2.03 ? 113 PHE A HD1  1 
ATOM 1730 H HD2  . PHE A 1 113 ? 0.968   -2.914  -4.461  1.00 2.12 ? 113 PHE A HD2  1 
ATOM 1731 H HE1  . PHE A 1 113 ? 5.502   -4.655  -3.522  1.00 2.02 ? 113 PHE A HE1  1 
ATOM 1732 H HE2  . PHE A 1 113 ? 1.428   -4.085  -2.351  1.00 2.11 ? 113 PHE A HE2  1 
ATOM 1733 H HZ   . PHE A 1 113 ? 3.704   -4.929  -1.842  1.00 0.37 ? 113 PHE A HZ   1 
ATOM 1734 N N    . GLU A 1 114 ? 1.686   -2.116  -9.412  1.00 0.41 ? 114 GLU A N    1 
ATOM 1735 C CA   . GLU A 1 114 ? 0.998   -1.258  -10.381 1.00 0.46 ? 114 GLU A CA   1 
ATOM 1736 C C    . GLU A 1 114 ? 0.076   -0.409  -9.552  1.00 0.43 ? 114 GLU A C    1 
ATOM 1737 O O    . GLU A 1 114 ? -0.217  -0.682  -8.383  1.00 0.39 ? 114 GLU A O    1 
ATOM 1738 C CB   . GLU A 1 114 ? -0.073  -1.999  -11.173 1.00 0.49 ? 114 GLU A CB   1 
ATOM 1739 C CG   . GLU A 1 114 ? 0.299   -2.389  -12.570 1.00 1.25 ? 114 GLU A CG   1 
ATOM 1740 C CD   . GLU A 1 114 ? 0.597   -1.147  -13.399 1.00 1.92 ? 114 GLU A CD   1 
ATOM 1741 O OE1  . GLU A 1 114 ? -0.345  -0.476  -13.792 1.00 2.31 ? 114 GLU A OE1  1 
ATOM 1742 O OE2  . GLU A 1 114 ? 1.755   -0.887  -13.627 1.00 2.64 ? 114 GLU A OE2  1 
ATOM 1743 H H    . GLU A 1 114 ? 1.181   -2.864  -9.090  1.00 0.50 ? 114 GLU A H    1 
ATOM 1744 H HA   . GLU A 1 114 ? 1.659   -0.687  -11.007 1.00 0.52 ? 114 GLU A HA   1 
ATOM 1745 H HB2  . GLU A 1 114 ? -0.349  -2.864  -10.637 1.00 0.50 ? 114 GLU A HB2  1 
ATOM 1746 H HB3  . GLU A 1 114 ? -0.952  -1.345  -11.243 1.00 0.94 ? 114 GLU A HB3  1 
ATOM 1747 H HG2  . GLU A 1 114 ? 1.122   -3.076  -12.584 1.00 1.39 ? 114 GLU A HG2  1 
ATOM 1748 H HG3  . GLU A 1 114 ? -0.555  -2.867  -12.957 1.00 2.01 ? 114 GLU A HG3  1 
ATOM 1749 N N    . GLU A 1 115 ? -0.492  0.487   -10.224 1.00 0.48 ? 115 GLU A N    1 
ATOM 1750 C CA   . GLU A 1 115 ? -1.537  1.335   -9.651  1.00 0.48 ? 115 GLU A CA   1 
ATOM 1751 C C    . GLU A 1 115 ? -2.913  0.990   -10.338 1.00 0.50 ? 115 GLU A C    1 
ATOM 1752 O O    . GLU A 1 115 ? -3.037  1.090   -11.549 1.00 0.53 ? 115 GLU A O    1 
ATOM 1753 C CB   . GLU A 1 115 ? -1.102  2.768   -9.917  1.00 0.49 ? 115 GLU A CB   1 
ATOM 1754 C CG   . GLU A 1 115 ? -2.236  3.577   -10.523 1.00 1.31 ? 115 GLU A CG   1 
ATOM 1755 C CD   . GLU A 1 115 ? -1.690  4.905   -11.040 1.00 1.65 ? 115 GLU A CD   1 
ATOM 1756 O OE1  . GLU A 1 115 ? -0.985  5.572   -10.297 1.00 2.04 ? 115 GLU A OE1  1 
ATOM 1757 O OE2  . GLU A 1 115 ? -1.982  5.233   -12.177 1.00 2.29 ? 115 GLU A OE2  1 
ATOM 1758 H H    . GLU A 1 115 ? -0.251  0.563   -11.151 1.00 0.54 ? 115 GLU A H    1 
ATOM 1759 H HA   . GLU A 1 115 ? -1.595  1.184   -8.607  1.00 0.47 ? 115 GLU A HA   1 
ATOM 1760 H HB2  . GLU A 1 115 ? -0.796  3.221   -8.988  1.00 0.96 ? 115 GLU A HB2  1 
ATOM 1761 H HB3  . GLU A 1 115 ? -0.261  2.761   -10.599 1.00 0.93 ? 115 GLU A HB3  1 
ATOM 1762 H HG2  . GLU A 1 115 ? -2.670  3.024   -11.342 1.00 1.88 ? 115 GLU A HG2  1 
ATOM 1763 H HG3  . GLU A 1 115 ? -2.985  3.759   -9.771  1.00 1.99 ? 115 GLU A HG3  1 
ATOM 1764 N N    . ILE A 1 116 ? -3.961  0.590   -9.586  1.00 0.51 ? 116 ILE A N    1 
ATOM 1765 C CA   . ILE A 1 116 ? -5.279  0.302   -10.216 1.00 0.55 ? 116 ILE A CA   1 
ATOM 1766 C C    . ILE A 1 116 ? -6.255  1.343   -9.703  1.00 0.57 ? 116 ILE A C    1 
ATOM 1767 O O    . ILE A 1 116 ? -6.299  1.664   -8.502  1.00 0.57 ? 116 ILE A O    1 
ATOM 1768 C CB   . ILE A 1 116 ? -5.874  -1.004  -9.830  1.00 0.70 ? 116 ILE A CB   1 
ATOM 1769 C CG1  . ILE A 1 116 ? -4.806  -2.061  -9.650  1.00 0.80 ? 116 ILE A CG1  1 
ATOM 1770 C CG2  . ILE A 1 116 ? -6.884  -1.370  -10.909 1.00 1.26 ? 116 ILE A CG2  1 
ATOM 1771 C CD1  . ILE A 1 116 ? -4.992  -3.230  -10.615 1.00 1.68 ? 116 ILE A CD1  1 
ATOM 1772 H H    . ILE A 1 116 ? -3.891  0.489   -8.630  1.00 0.51 ? 116 ILE A H    1 
ATOM 1773 H HA   . ILE A 1 116 ? -5.200  0.349   -11.292 1.00 0.50 ? 116 ILE A HA   1 
ATOM 1774 H HB   . ILE A 1 116 ? -6.382  -0.857  -8.907  1.00 1.38 ? 116 ILE A HB   1 
ATOM 1775 H HG12 . ILE A 1 116 ? -3.842  -1.620  -9.798  1.00 1.35 ? 116 ILE A HG12 1 
ATOM 1776 H HG13 . ILE A 1 116 ? -4.883  -2.410  -8.650  1.00 1.00 ? 116 ILE A HG13 1 
ATOM 1777 H HG21 . ILE A 1 116 ? -6.969  -0.542  -11.599 1.00 1.69 ? 116 ILE A HG21 1 
ATOM 1778 H HG22 . ILE A 1 116 ? -6.547  -2.240  -11.440 1.00 1.50 ? 116 ILE A HG22 1 
ATOM 1779 H HG23 . ILE A 1 116 ? -7.838  -1.563  -10.456 1.00 1.86 ? 116 ILE A HG23 1 
ATOM 1780 H HD11 . ILE A 1 116 ? -5.594  -2.915  -11.455 1.00 1.94 ? 116 ILE A HD11 1 
ATOM 1781 H HD12 . ILE A 1 116 ? -4.031  -3.560  -10.968 1.00 2.23 ? 116 ILE A HD12 1 
ATOM 1782 H HD13 . ILE A 1 116 ? -5.484  -4.032  -10.104 1.00 2.28 ? 116 ILE A HD13 1 
ATOM 1783 N N    . ILE A 1 117 ? -7.015  1.843   -10.625 1.00 0.60 ? 117 ILE A N    1 
ATOM 1784 C CA   . ILE A 1 117 ? -7.991  2.909   -10.394 1.00 0.67 ? 117 ILE A CA   1 
ATOM 1785 C C    . ILE A 1 117 ? -9.417  2.419   -10.625 1.00 0.72 ? 117 ILE A C    1 
ATOM 1786 O O    . ILE A 1 117 ? -9.735  1.252   -10.494 1.00 0.81 ? 117 ILE A O    1 
ATOM 1787 C CB   . ILE A 1 117 ? -7.720  3.982   -11.462 1.00 0.83 ? 117 ILE A CB   1 
ATOM 1788 C CG1  . ILE A 1 117 ? -6.459  3.676   -12.290 1.00 0.77 ? 117 ILE A CG1  1 
ATOM 1789 C CG2  . ILE A 1 117 ? -7.592  5.355   -10.810 1.00 1.07 ? 117 ILE A CG2  1 
ATOM 1790 C CD1  . ILE A 1 117 ? -6.057  4.911   -13.091 1.00 1.01 ? 117 ILE A CD1  1 
ATOM 1791 H H    . ILE A 1 117 ? -6.922  1.516   -11.516 1.00 0.60 ? 117 ILE A H    1 
ATOM 1792 H HA   . ILE A 1 117 ? -7.891  3.335   -9.415  1.00 0.69 ? 117 ILE A HA   1 
ATOM 1793 H HB   . ILE A 1 117 ? -8.554  3.976   -12.129 1.00 1.62 ? 117 ILE A HB   1 
ATOM 1794 H HG12 . ILE A 1 117 ? -5.652  3.385   -11.637 1.00 1.17 ? 117 ILE A HG12 1 
ATOM 1795 H HG13 . ILE A 1 117 ? -6.675  2.873   -12.981 1.00 1.39 ? 117 ILE A HG13 1 
ATOM 1796 H HG21 . ILE A 1 117 ? -8.221  5.398   -9.934  1.00 1.45 ? 117 ILE A HG21 1 
ATOM 1797 H HG22 . ILE A 1 117 ? -6.564  5.521   -10.526 1.00 1.63 ? 117 ILE A HG22 1 
ATOM 1798 H HG23 . ILE A 1 117 ? -7.898  6.113   -11.514 1.00 1.52 ? 117 ILE A HG23 1 
ATOM 1799 H HD11 . ILE A 1 117 ? -6.877  5.614   -13.104 1.00 1.50 ? 117 ILE A HD11 1 
ATOM 1800 H HD12 . ILE A 1 117 ? -5.196  5.369   -12.633 1.00 1.68 ? 117 ILE A HD12 1 
ATOM 1801 H HD13 . ILE A 1 117 ? -5.819  4.619   -14.102 1.00 1.21 ? 117 ILE A HD13 1 
ATOM 1802 N N    . ILE A 1 118 ? -10.258 3.350   -10.990 1.00 0.80 ? 118 ILE A N    1 
ATOM 1803 C CA   . ILE A 1 118 ? -11.653 3.093   -11.264 1.00 0.89 ? 118 ILE A CA   1 
ATOM 1804 C C    . ILE A 1 118 ? -11.938 3.366   -12.764 1.00 1.10 ? 118 ILE A C    1 
ATOM 1805 O O    . ILE A 1 118 ? -12.226 4.491   -13.140 1.00 1.83 ? 118 ILE A O    1 
ATOM 1806 C CB   . ILE A 1 118 ? -12.518 3.946   -10.339 1.00 0.91 ? 118 ILE A CB   1 
ATOM 1807 C CG1  . ILE A 1 118 ? -12.289 5.431   -10.511 1.00 1.12 ? 118 ILE A CG1  1 
ATOM 1808 C CG2  . ILE A 1 118 ? -12.348 3.541   -8.867  1.00 0.87 ? 118 ILE A CG2  1 
ATOM 1809 C CD1  . ILE A 1 118 ? -11.033 5.884   -9.808  1.00 1.04 ? 118 ILE A CD1  1 
ATOM 1810 O OXT  . ILE A 1 118 ? -11.835 2.420   -13.527 1.00 1.37 ? 118 ILE A OXT  1 
ATOM 1811 H H    . ILE A 1 118 ? -9.956  4.236   -11.076 1.00 0.87 ? 118 ILE A H    1 
ATOM 1812 H HA   . ILE A 1 118 ? -11.858 2.090   -11.066 1.00 0.91 ? 118 ILE A HA   1 
ATOM 1813 H HB   . ILE A 1 118 ? -13.473 3.761   -10.622 1.00 1.23 ? 118 ILE A HB   1 
ATOM 1814 H HG12 . ILE A 1 118 ? -12.207 5.616   -11.546 1.00 1.71 ? 118 ILE A HG12 1 
ATOM 1815 H HG13 . ILE A 1 118 ? -13.138 5.970   -10.114 1.00 1.25 ? 118 ILE A HG13 1 
ATOM 1816 H HG21 . ILE A 1 118 ? -11.934 2.545   -8.809  1.00 1.19 ? 118 ILE A HG21 1 
ATOM 1817 H HG22 . ILE A 1 118 ? -11.687 4.234   -8.368  1.00 1.45 ? 118 ILE A HG22 1 
ATOM 1818 H HG23 . ILE A 1 118 ? -13.314 3.554   -8.381  1.00 1.38 ? 118 ILE A HG23 1 
ATOM 1819 H HD11 . ILE A 1 118 ? -10.408 5.031   -9.626  1.00 1.37 ? 118 ILE A HD11 1 
ATOM 1820 H HD12 . ILE A 1 118 ? -10.517 6.589   -10.440 1.00 1.23 ? 118 ILE A HD12 1 
ATOM 1821 H HD13 . ILE A 1 118 ? -11.297 6.350   -8.872  1.00 1.74 ? 118 ILE A HD13 1 
# 
